data_5YG3
#
_entry.id   5YG3
#
_cell.length_a   101.623
_cell.length_b   58.727
_cell.length_c   236.139
_cell.angle_alpha   90.000
_cell.angle_beta   90.320
_cell.angle_gamma   90.000
#
_symmetry.space_group_name_H-M   'C 1 2 1'
#
loop_
_entity.id
_entity.type
_entity.pdbx_description
1 polymer 'Serine hydroxymethyltransferase'
2 non-polymer N-GLYCINE-[3-HYDROXY-2-METHYL-5-PHOSPHONOOXYMETHYL-PYRIDIN-4-YL-METHANE]
3 non-polymer "(3~{S})-6'-azanyl-7-fluoranyl-2,2,3'-trimethyl-5-pyridin-4-yl-spiro[1~{H}-indene-3,4'-2~{H}-pyrano[2,3-c]pyrazole]-5'-carbonitrile"
4 non-polymer 'CHLORIDE ION'
5 water water
#
_entity_poly.entity_id   1
_entity_poly.type   'polypeptide(L)'
_entity_poly.pdbx_seq_one_letter_code
;MFNNEPLEQIDKELHDILADEEKRQRETINLIASENLTNGAVRECLGNRVSNKYSEGYPKKRYYGGNDFIDKIEELCQKR
ALEAFNVSDEEWGVNVQPLSGSAANVQALYALVGVKGKIMGMHLCSGGHLTHGFFDEKKKVSITSDMFESKLYKCNSQGY
VDLDAVREMALSFKPKVIICGYTSYPRDIDYQQFRQICDEVNAYLFADISHISSFVACNILNNPFLHADVVTTTTHKILR
GPRSALIFFNKKRNPGIEQKINSAVFPSFQGGPHNNKIAAVACQLKEVHSPAFKEYTQQVLLNSKALAKALISKQIDLVT
NGTDNHLIVVDLRKFSITGSKLQETCNAINVSLNKNTIPSDVDCVSPSGVRIGTPAMTTRGAKEKDMEFIADVLARAIKI
TVDLQEQYGKKLVDFKKGLPGNAQLQQLKQEVVTWAGALPFP
;
_entity_poly.pdbx_strand_id   A,B,C
#
# COMPACT_ATOMS: atom_id res chain seq x y z
N MET A 1 -20.34 -4.31 -9.60
CA MET A 1 -21.48 -4.15 -8.63
C MET A 1 -21.71 -2.67 -8.30
N PHE A 2 -21.85 -1.88 -9.36
CA PHE A 2 -22.12 -0.43 -9.27
C PHE A 2 -23.27 0.00 -10.19
N ASN A 3 -23.77 1.20 -9.94
CA ASN A 3 -24.79 1.86 -10.76
C ASN A 3 -24.15 2.89 -11.69
N ASN A 4 -24.17 2.59 -12.99
CA ASN A 4 -23.56 3.44 -13.99
C ASN A 4 -24.55 4.34 -14.76
N GLU A 5 -25.80 4.46 -14.29
CA GLU A 5 -26.79 5.33 -14.93
C GLU A 5 -26.32 6.80 -14.90
N PRO A 6 -26.56 7.57 -16.01
CA PRO A 6 -26.13 8.98 -16.03
C PRO A 6 -26.83 9.81 -14.98
N LEU A 7 -26.16 10.88 -14.56
CA LEU A 7 -26.62 11.75 -13.46
C LEU A 7 -28.14 12.08 -13.48
N GLU A 8 -28.65 12.43 -14.67
CA GLU A 8 -30.09 12.75 -14.91
C GLU A 8 -31.02 11.57 -14.63
N GLN A 9 -30.53 10.37 -14.89
CA GLN A 9 -31.27 9.15 -14.54
C GLN A 9 -31.18 8.84 -13.04
N ILE A 10 -29.96 8.66 -12.55
CA ILE A 10 -29.71 8.25 -11.14
C ILE A 10 -30.28 9.22 -10.11
N ASP A 11 -30.15 10.53 -10.35
CA ASP A 11 -30.60 11.53 -9.37
C ASP A 11 -31.20 12.75 -10.05
N LYS A 12 -32.41 12.56 -10.57
CA LYS A 12 -33.14 13.61 -11.27
C LYS A 12 -33.37 14.80 -10.36
N GLU A 13 -33.70 14.55 -9.10
CA GLU A 13 -33.89 15.64 -8.14
C GLU A 13 -32.68 16.60 -8.13
N LEU A 14 -31.46 16.07 -7.93
CA LEU A 14 -30.23 16.89 -7.92
C LEU A 14 -29.93 17.48 -9.29
N HIS A 15 -30.14 16.69 -10.36
CA HIS A 15 -29.82 17.14 -11.73
C HIS A 15 -30.60 18.37 -12.16
N ASP A 16 -31.79 18.58 -11.58
CA ASP A 16 -32.60 19.74 -11.90
C ASP A 16 -32.00 20.99 -11.31
N ILE A 17 -31.65 20.91 -10.03
CA ILE A 17 -31.10 22.06 -9.30
C ILE A 17 -29.81 22.53 -9.97
N LEU A 18 -28.98 21.58 -10.40
CA LEU A 18 -27.74 21.90 -11.10
C LEU A 18 -28.00 22.61 -12.42
N ALA A 19 -29.01 22.15 -13.16
CA ALA A 19 -29.37 22.80 -14.45
C ALA A 19 -29.95 24.20 -14.26
N ASP A 20 -30.62 24.40 -13.13
CA ASP A 20 -31.05 25.72 -12.70
C ASP A 20 -29.88 26.64 -12.37
N GLU A 21 -28.94 26.12 -11.56
CA GLU A 21 -27.72 26.85 -11.16
C GLU A 21 -27.02 27.35 -12.41
N GLU A 22 -26.89 26.45 -13.38
CA GLU A 22 -26.29 26.72 -14.68
C GLU A 22 -27.00 27.85 -15.42
N LYS A 23 -28.33 27.79 -15.43
CA LYS A 23 -29.18 28.84 -16.01
C LYS A 23 -28.95 30.21 -15.30
N ARG A 24 -28.98 30.22 -13.98
CA ARG A 24 -28.74 31.46 -13.21
C ARG A 24 -27.32 32.05 -13.51
N GLN A 25 -26.26 31.24 -13.53
CA GLN A 25 -24.91 31.73 -13.90
C GLN A 25 -24.85 32.35 -15.30
N ARG A 26 -25.60 31.75 -16.21
CA ARG A 26 -25.67 32.18 -17.60
C ARG A 26 -26.41 33.52 -17.74
N GLU A 27 -27.25 33.85 -16.77
CA GLU A 27 -28.17 34.97 -16.84
C GLU A 27 -27.90 36.00 -15.76
N THR A 28 -26.64 36.10 -15.36
CA THR A 28 -26.24 36.92 -14.22
C THR A 28 -25.02 37.74 -14.65
N ILE A 29 -25.11 39.04 -14.43
CA ILE A 29 -23.92 39.88 -14.47
C ILE A 29 -23.20 39.63 -13.15
N ASN A 30 -22.10 38.86 -13.24
CA ASN A 30 -21.36 38.44 -12.08
C ASN A 30 -20.18 39.39 -11.81
N LEU A 31 -20.37 40.26 -10.82
CA LEU A 31 -19.32 41.19 -10.38
C LEU A 31 -18.63 40.75 -9.08
N ILE A 32 -18.75 39.48 -8.71
CA ILE A 32 -18.05 38.97 -7.54
C ILE A 32 -16.55 38.97 -7.88
N ALA A 33 -15.77 39.82 -7.24
CA ALA A 33 -14.36 39.99 -7.62
C ALA A 33 -13.55 38.68 -7.56
N SER A 34 -13.91 37.78 -6.65
CA SER A 34 -13.26 36.47 -6.46
C SER A 34 -13.78 35.30 -7.31
N GLU A 35 -14.76 35.52 -8.18
CA GLU A 35 -15.27 34.41 -9.01
C GLU A 35 -14.80 34.48 -10.46
N ASN A 36 -14.94 33.35 -11.15
CA ASN A 36 -14.60 33.21 -12.56
C ASN A 36 -15.37 32.06 -13.13
N LEU A 37 -15.11 31.70 -14.38
CA LEU A 37 -15.76 30.54 -14.96
C LEU A 37 -14.70 29.64 -15.59
N THR A 38 -14.73 28.37 -15.22
CA THR A 38 -13.72 27.42 -15.65
C THR A 38 -14.14 26.84 -16.97
N ASN A 39 -13.16 26.51 -17.80
CA ASN A 39 -13.44 25.90 -19.11
C ASN A 39 -13.69 24.41 -18.94
N GLY A 40 -14.22 23.79 -19.99
CA GLY A 40 -14.59 22.39 -19.96
C GLY A 40 -13.40 21.48 -19.67
N ALA A 41 -12.20 21.87 -20.07
CA ALA A 41 -11.02 21.10 -19.77
C ALA A 41 -10.73 21.00 -18.27
N VAL A 42 -10.67 22.13 -17.58
CA VAL A 42 -10.51 22.15 -16.10
C VAL A 42 -11.61 21.33 -15.43
N ARG A 43 -12.84 21.35 -15.98
CA ARG A 43 -13.93 20.52 -15.45
C ARG A 43 -13.82 18.99 -15.72
N GLU A 44 -13.23 18.60 -16.83
CA GLU A 44 -12.96 17.18 -17.14
C GLU A 44 -11.90 16.59 -16.20
N CYS A 45 -10.89 17.39 -15.84
CA CYS A 45 -9.89 17.00 -14.83
C CYS A 45 -10.50 16.77 -13.48
N LEU A 46 -11.29 17.74 -13.03
CA LEU A 46 -11.98 17.65 -11.74
C LEU A 46 -12.89 16.43 -11.66
N GLY A 47 -13.41 15.98 -12.80
CA GLY A 47 -14.18 14.74 -12.88
C GLY A 47 -13.40 13.48 -13.26
N ASN A 48 -12.07 13.50 -13.15
CA ASN A 48 -11.22 12.38 -13.54
C ASN A 48 -11.03 11.37 -12.40
N ARG A 49 -11.05 10.08 -12.74
CA ARG A 49 -10.79 8.98 -11.78
C ARG A 49 -9.45 9.04 -11.06
N VAL A 50 -8.63 10.03 -11.33
CA VAL A 50 -7.42 10.26 -10.57
C VAL A 50 -7.69 10.52 -9.05
N SER A 51 -8.84 11.11 -8.75
CA SER A 51 -9.31 11.28 -7.33
C SER A 51 -9.52 9.96 -6.55
N ASN A 52 -9.66 8.83 -7.25
CA ASN A 52 -9.64 7.52 -6.60
C ASN A 52 -8.37 7.16 -5.81
N LYS A 53 -7.24 7.75 -6.16
CA LYS A 53 -5.98 7.28 -5.69
C LYS A 53 -5.62 8.01 -4.45
N TYR A 54 -5.18 7.24 -3.44
CA TYR A 54 -4.54 7.72 -2.20
C TYR A 54 -3.03 7.84 -2.42
N SER A 55 -2.49 9.03 -2.27
CA SER A 55 -1.09 9.31 -2.51
C SER A 55 -0.52 10.24 -1.46
N GLU A 56 -0.77 9.91 -0.20
CA GLU A 56 -0.18 10.60 0.96
C GLU A 56 1.33 10.75 0.81
N GLY A 57 1.82 11.95 0.98
CA GLY A 57 3.25 12.26 0.92
C GLY A 57 3.54 13.26 -0.19
N TYR A 58 4.72 13.13 -0.80
CA TYR A 58 5.16 13.98 -1.92
C TYR A 58 5.74 13.09 -3.01
N PRO A 59 5.96 13.62 -4.24
CA PRO A 59 6.52 12.79 -5.32
C PRO A 59 7.86 12.10 -4.97
N LYS A 60 8.03 10.85 -5.42
CA LYS A 60 9.23 10.02 -5.13
C LYS A 60 9.46 9.70 -3.62
N LYS A 61 8.51 10.05 -2.75
CA LYS A 61 8.61 9.83 -1.28
C LYS A 61 7.19 9.60 -0.77
N ARG A 62 6.54 8.59 -1.34
CA ARG A 62 5.14 8.27 -1.07
C ARG A 62 5.02 7.15 -0.03
N TYR A 63 3.93 7.11 0.73
CA TYR A 63 3.70 5.99 1.66
C TYR A 63 3.27 4.73 0.92
N TYR A 64 2.42 4.86 -0.10
CA TYR A 64 1.96 3.71 -0.89
C TYR A 64 2.55 3.78 -2.28
N GLY A 65 2.68 2.63 -2.93
CA GLY A 65 3.05 2.57 -4.33
C GLY A 65 1.87 2.83 -5.24
N GLY A 66 2.04 2.46 -6.50
CA GLY A 66 1.05 2.68 -7.52
C GLY A 66 0.98 4.13 -7.97
N ASN A 67 1.96 4.94 -7.56
CA ASN A 67 1.92 6.39 -7.67
C ASN A 67 2.82 7.01 -8.75
N ASP A 68 3.10 6.25 -9.81
CA ASP A 68 3.96 6.74 -10.89
C ASP A 68 3.25 7.75 -11.80
N PHE A 69 1.99 7.53 -12.15
CA PHE A 69 1.27 8.52 -12.95
C PHE A 69 0.78 9.74 -12.15
N ILE A 70 0.43 9.53 -10.88
CA ILE A 70 0.19 10.63 -9.93
C ILE A 70 1.43 11.49 -9.72
N ASP A 71 2.58 10.87 -9.52
CA ASP A 71 3.83 11.65 -9.38
C ASP A 71 4.15 12.53 -10.58
N LYS A 72 3.88 12.01 -11.78
CA LYS A 72 4.07 12.77 -13.01
C LYS A 72 3.18 13.99 -13.02
N ILE A 73 1.91 13.81 -12.61
CA ILE A 73 0.98 14.93 -12.54
C ILE A 73 1.34 15.95 -11.45
N GLU A 74 1.63 15.50 -10.23
CA GLU A 74 2.11 16.42 -9.18
C GLU A 74 3.42 17.10 -9.57
N GLU A 75 4.30 16.45 -10.35
CA GLU A 75 5.55 17.10 -10.86
C GLU A 75 5.30 18.11 -12.01
N LEU A 76 4.39 17.77 -12.92
CA LEU A 76 3.99 18.70 -13.99
C LEU A 76 3.37 20.01 -13.44
N CYS A 77 2.45 19.85 -12.51
CA CYS A 77 1.79 20.98 -11.89
C CYS A 77 2.75 21.93 -11.17
N GLN A 78 3.77 21.40 -10.49
CA GLN A 78 4.73 22.25 -9.72
C GLN A 78 5.67 23.07 -10.62
N LYS A 79 6.14 22.42 -11.69
CA LYS A 79 6.98 23.04 -12.70
C LYS A 79 6.18 24.12 -13.41
N ARG A 80 5.00 23.74 -13.93
CA ARG A 80 4.14 24.69 -14.63
C ARG A 80 3.74 25.86 -13.74
N ALA A 81 3.66 25.65 -12.43
CA ALA A 81 3.41 26.73 -11.47
C ALA A 81 4.61 27.66 -11.32
N LEU A 82 5.81 27.08 -11.32
CA LEU A 82 7.03 27.86 -11.14
C LEU A 82 7.38 28.67 -12.43
N GLU A 83 7.21 28.07 -13.59
CA GLU A 83 7.30 28.79 -14.86
C GLU A 83 6.33 30.02 -14.93
N ALA A 84 5.05 29.76 -14.63
CA ALA A 84 4.00 30.77 -14.74
C ALA A 84 4.23 31.98 -13.85
N PHE A 85 4.82 31.76 -12.68
CA PHE A 85 5.19 32.84 -11.76
C PHE A 85 6.65 33.31 -11.80
N ASN A 86 7.34 32.99 -12.90
CA ASN A 86 8.62 33.60 -13.27
C ASN A 86 9.76 33.43 -12.26
N VAL A 87 9.85 32.21 -11.75
CA VAL A 87 10.78 31.82 -10.70
C VAL A 87 11.55 30.56 -11.11
N SER A 88 12.83 30.50 -10.71
CA SER A 88 13.72 29.37 -11.03
C SER A 88 13.47 28.28 -10.01
N ASP A 89 13.40 27.02 -10.46
CA ASP A 89 13.20 25.88 -9.53
C ASP A 89 14.40 25.58 -8.62
N GLU A 90 15.54 26.22 -8.92
CA GLU A 90 16.68 26.25 -8.01
C GLU A 90 16.40 27.18 -6.82
N GLU A 91 15.73 28.31 -7.05
CA GLU A 91 15.49 29.35 -6.02
C GLU A 91 14.16 29.24 -5.24
N TRP A 92 13.11 28.77 -5.92
CA TRP A 92 11.75 28.69 -5.36
C TRP A 92 11.22 27.27 -5.43
N GLY A 93 10.62 26.82 -4.33
CA GLY A 93 9.74 25.65 -4.35
C GLY A 93 8.27 26.01 -4.20
N VAL A 94 7.42 25.14 -4.74
CA VAL A 94 5.98 25.24 -4.62
C VAL A 94 5.40 23.93 -4.04
N ASN A 95 4.48 24.06 -3.06
CA ASN A 95 3.55 22.97 -2.62
C ASN A 95 2.17 23.11 -3.33
N VAL A 96 1.72 22.05 -3.97
CA VAL A 96 0.46 22.07 -4.74
C VAL A 96 -0.67 21.30 -4.06
N GLN A 97 -0.45 20.85 -2.84
CA GLN A 97 -1.46 20.03 -2.16
C GLN A 97 -2.60 20.78 -1.43
N PRO A 98 -2.38 22.02 -0.90
CA PRO A 98 -3.44 22.71 -0.19
C PRO A 98 -4.81 22.71 -0.90
N LEU A 99 -5.83 22.42 -0.11
CA LEU A 99 -7.15 22.17 -0.65
C LEU A 99 -7.88 23.45 -0.99
N SER A 100 -7.56 24.53 -0.31
CA SER A 100 -8.10 25.83 -0.69
C SER A 100 -7.26 26.90 -0.01
N GLY A 101 -7.53 28.16 -0.34
CA GLY A 101 -6.72 29.25 0.12
C GLY A 101 -6.53 29.33 1.61
N SER A 102 -7.59 29.07 2.37
CA SER A 102 -7.58 29.30 3.83
C SER A 102 -6.71 28.22 4.49
N ALA A 103 -6.77 27.02 3.92
CA ALA A 103 -5.91 25.92 4.35
C ALA A 103 -4.43 26.24 4.06
N ALA A 104 -4.14 26.72 2.85
CA ALA A 104 -2.77 27.07 2.46
C ALA A 104 -2.16 28.03 3.45
N ASN A 105 -2.88 29.12 3.73
CA ASN A 105 -2.43 30.12 4.71
C ASN A 105 -2.27 29.64 6.15
N VAL A 106 -3.18 28.81 6.66
CA VAL A 106 -3.00 28.26 8.02
C VAL A 106 -1.77 27.34 8.07
N GLN A 107 -1.66 26.49 7.07
CA GLN A 107 -0.53 25.60 6.88
C GLN A 107 0.80 26.38 6.76
N ALA A 108 0.88 27.36 5.86
CA ALA A 108 2.12 28.15 5.66
C ALA A 108 2.53 28.97 6.91
N LEU A 109 1.54 29.51 7.61
CA LEU A 109 1.78 30.30 8.80
C LEU A 109 2.40 29.42 9.89
N TYR A 110 1.84 28.24 10.08
CA TYR A 110 2.35 27.29 11.06
C TYR A 110 3.80 26.92 10.78
N ALA A 111 4.11 26.57 9.54
CA ALA A 111 5.50 26.30 9.15
C ALA A 111 6.48 27.38 9.65
N LEU A 112 6.20 28.64 9.33
CA LEU A 112 7.09 29.75 9.69
C LEU A 112 7.25 29.95 11.20
N VAL A 113 6.12 30.00 11.90
CA VAL A 113 6.04 30.46 13.29
C VAL A 113 5.76 29.38 14.35
N GLY A 114 4.94 28.39 13.99
CA GLY A 114 4.48 27.36 14.91
C GLY A 114 3.34 27.87 15.74
N VAL A 115 2.82 27.01 16.62
CA VAL A 115 1.76 27.37 17.56
C VAL A 115 2.30 28.38 18.56
N LYS A 116 1.40 29.29 18.98
CA LYS A 116 1.74 30.50 19.77
C LYS A 116 2.63 31.50 19.01
N GLY A 117 2.81 31.29 17.70
CA GLY A 117 3.70 32.14 16.92
C GLY A 117 3.05 33.49 16.63
N LYS A 118 3.89 34.53 16.50
CA LYS A 118 3.41 35.92 16.34
C LYS A 118 3.28 36.34 14.87
N ILE A 119 2.10 36.88 14.53
CA ILE A 119 1.82 37.36 13.16
C ILE A 119 1.14 38.74 13.06
N MET A 120 1.33 39.38 11.91
CA MET A 120 0.68 40.65 11.54
C MET A 120 0.02 40.53 10.19
N GLY A 121 -1.19 41.06 10.08
CA GLY A 121 -1.85 41.18 8.79
C GLY A 121 -2.84 42.33 8.80
N MET A 122 -3.37 42.63 7.61
CA MET A 122 -4.37 43.68 7.44
C MET A 122 -5.71 43.27 7.99
N HIS A 123 -6.35 44.19 8.69
CA HIS A 123 -7.63 43.96 9.30
C HIS A 123 -8.64 43.64 8.22
N LEU A 124 -9.66 42.86 8.58
CA LEU A 124 -10.73 42.44 7.67
C LEU A 124 -11.49 43.63 7.09
N CYS A 125 -12.02 44.47 7.97
CA CYS A 125 -12.59 45.79 7.62
C CYS A 125 -11.78 46.62 6.60
N SER A 126 -10.44 46.61 6.72
CA SER A 126 -9.54 47.35 5.83
C SER A 126 -9.11 46.61 4.57
N GLY A 127 -9.52 45.35 4.41
CA GLY A 127 -9.34 44.63 3.14
C GLY A 127 -8.57 43.32 3.18
N GLY A 128 -8.13 42.88 4.35
CA GLY A 128 -7.45 41.61 4.50
C GLY A 128 -8.37 40.40 4.72
N HIS A 129 -7.77 39.20 4.64
CA HIS A 129 -8.52 37.96 4.82
C HIS A 129 -8.64 37.52 6.27
N LEU A 130 -9.64 36.68 6.53
CA LEU A 130 -9.87 36.05 7.85
C LEU A 130 -8.63 35.31 8.32
N THR A 131 -8.01 34.60 7.39
CA THR A 131 -6.76 33.88 7.61
C THR A 131 -5.49 34.73 7.80
N HIS A 132 -5.63 36.04 7.91
CA HIS A 132 -4.53 36.96 8.13
C HIS A 132 -4.58 37.46 9.57
N GLY A 133 -5.18 36.66 10.44
CA GLY A 133 -5.18 36.90 11.86
C GLY A 133 -6.45 37.54 12.37
N PHE A 134 -7.55 37.44 11.65
CA PHE A 134 -8.74 38.20 12.02
C PHE A 134 -9.38 37.72 13.32
N PHE A 135 -9.55 38.66 14.25
CA PHE A 135 -10.40 38.47 15.42
C PHE A 135 -11.28 39.68 15.69
N ASP A 136 -12.23 39.50 16.60
CA ASP A 136 -13.07 40.58 17.11
C ASP A 136 -12.86 40.65 18.63
N GLU A 137 -13.39 41.70 19.25
CA GLU A 137 -13.45 41.79 20.72
C GLU A 137 -14.13 40.55 21.30
N LYS A 138 -15.30 40.22 20.74
CA LYS A 138 -16.16 39.11 21.20
C LYS A 138 -15.50 37.71 21.13
N LYS A 139 -14.72 37.47 20.08
CA LYS A 139 -14.20 36.13 19.77
C LYS A 139 -12.98 36.14 18.84
N LYS A 140 -12.11 35.16 19.04
CA LYS A 140 -11.05 34.82 18.08
C LYS A 140 -11.65 34.07 16.87
N VAL A 141 -12.16 34.85 15.93
CA VAL A 141 -12.98 34.37 14.81
C VAL A 141 -12.21 33.43 13.87
N SER A 142 -10.94 33.70 13.62
CA SER A 142 -10.12 32.80 12.81
C SER A 142 -9.24 31.98 13.74
N ILE A 143 -8.95 30.75 13.34
CA ILE A 143 -7.88 29.96 13.96
C ILE A 143 -6.55 30.72 13.92
N THR A 144 -6.36 31.58 12.92
CA THR A 144 -5.12 32.33 12.80
C THR A 144 -4.94 33.38 13.89
N SER A 145 -6.02 33.74 14.58
CA SER A 145 -5.94 34.58 15.79
C SER A 145 -5.77 33.78 17.06
N ASP A 146 -6.10 32.48 17.03
CA ASP A 146 -6.16 31.63 18.22
C ASP A 146 -4.94 30.72 18.39
N MET A 147 -4.53 30.09 17.31
CA MET A 147 -3.37 29.22 17.33
C MET A 147 -2.09 30.03 17.20
N PHE A 148 -2.22 31.21 16.59
CA PHE A 148 -1.17 32.20 16.52
C PHE A 148 -1.58 33.42 17.34
N GLU A 149 -0.60 34.26 17.67
CA GLU A 149 -0.84 35.58 18.29
C GLU A 149 -0.80 36.65 17.18
N SER A 150 -1.95 37.28 16.91
CA SER A 150 -2.06 38.19 15.77
C SER A 150 -2.35 39.63 16.18
N LYS A 151 -1.79 40.55 15.39
CA LYS A 151 -2.06 41.98 15.51
C LYS A 151 -2.47 42.48 14.12
N LEU A 152 -3.33 43.48 14.08
CA LEU A 152 -3.92 43.91 12.81
C LEU A 152 -3.66 45.39 12.55
N TYR A 153 -3.33 45.70 11.29
CA TYR A 153 -2.96 47.06 10.86
C TYR A 153 -3.99 47.58 9.87
N LYS A 154 -4.41 48.84 10.05
CA LYS A 154 -5.49 49.43 9.25
C LYS A 154 -4.94 50.10 8.01
N CYS A 155 -5.85 50.42 7.10
CA CYS A 155 -5.60 51.36 6.01
C CYS A 155 -6.00 52.73 6.55
N ASN A 156 -5.51 53.79 5.92
CA ASN A 156 -5.87 55.18 6.30
C ASN A 156 -7.32 55.57 5.95
N SER A 157 -7.71 56.83 6.21
CA SER A 157 -9.07 57.30 5.88
C SER A 157 -9.37 57.32 4.38
N GLN A 158 -8.34 57.28 3.53
CA GLN A 158 -8.49 57.20 2.07
C GLN A 158 -8.49 55.79 1.45
N GLY A 159 -8.23 54.76 2.25
CA GLY A 159 -8.24 53.36 1.78
C GLY A 159 -6.89 52.72 1.47
N TYR A 160 -5.80 53.36 1.88
CA TYR A 160 -4.45 52.95 1.45
C TYR A 160 -3.75 52.26 2.60
N VAL A 161 -2.95 51.25 2.26
CA VAL A 161 -1.98 50.68 3.20
C VAL A 161 -1.12 51.85 3.68
N ASP A 162 -1.04 51.97 5.00
CA ASP A 162 -0.33 53.02 5.67
C ASP A 162 0.93 52.40 6.25
N LEU A 163 2.01 52.39 5.47
CA LEU A 163 3.27 51.75 5.87
C LEU A 163 3.80 52.28 7.20
N ASP A 164 3.73 53.58 7.40
CA ASP A 164 4.23 54.17 8.65
C ASP A 164 3.52 53.58 9.89
N ALA A 165 2.27 53.15 9.74
CA ALA A 165 1.59 52.42 10.79
C ALA A 165 2.09 50.97 10.91
N VAL A 166 2.40 50.33 9.77
CA VAL A 166 2.97 48.97 9.77
C VAL A 166 4.29 48.88 10.58
N ARG A 167 5.16 49.89 10.42
CA ARG A 167 6.42 49.99 11.18
C ARG A 167 6.18 50.21 12.67
N GLU A 168 5.42 51.24 13.02
CA GLU A 168 5.05 51.56 14.42
C GLU A 168 4.58 50.31 15.15
N MET A 169 3.73 49.54 14.46
CA MET A 169 3.13 48.33 15.02
C MET A 169 4.07 47.11 14.99
N ALA A 170 4.85 46.96 13.93
CA ALA A 170 5.83 45.88 13.89
C ALA A 170 6.90 46.01 15.00
N LEU A 171 7.49 47.19 15.14
CA LEU A 171 8.60 47.39 16.08
C LEU A 171 8.24 47.20 17.55
N SER A 172 7.01 47.55 17.95
CA SER A 172 6.55 47.31 19.33
C SER A 172 5.98 45.87 19.56
N PHE A 173 5.41 45.27 18.50
CA PHE A 173 4.90 43.88 18.53
C PHE A 173 5.97 42.78 18.29
N LYS A 174 6.94 43.04 17.41
CA LYS A 174 8.04 42.10 17.11
C LYS A 174 7.53 40.75 16.59
N PRO A 175 6.75 40.75 15.49
CA PRO A 175 6.20 39.50 14.98
C PRO A 175 7.24 38.68 14.24
N LYS A 176 6.93 37.41 14.01
CA LYS A 176 7.74 36.57 13.11
C LYS A 176 7.23 36.57 11.67
N VAL A 177 5.99 36.99 11.42
CA VAL A 177 5.50 37.11 10.02
C VAL A 177 4.64 38.35 9.86
N ILE A 178 4.82 39.04 8.75
CA ILE A 178 3.90 40.12 8.41
C ILE A 178 3.29 39.74 7.08
N ILE A 179 1.96 39.83 7.01
CA ILE A 179 1.18 39.38 5.84
C ILE A 179 0.71 40.60 5.03
N CYS A 180 0.98 40.56 3.72
CA CYS A 180 0.37 41.49 2.78
C CYS A 180 -0.16 40.73 1.57
N GLY A 181 -0.82 41.47 0.67
CA GLY A 181 -1.67 40.88 -0.40
C GLY A 181 -3.04 40.60 0.22
N TYR A 182 -4.14 40.88 -0.50
CA TYR A 182 -5.44 41.01 0.18
C TYR A 182 -6.71 40.57 -0.54
N THR A 183 -7.83 40.62 0.20
CA THR A 183 -9.12 40.14 -0.31
C THR A 183 -9.89 41.26 -1.02
N SER A 184 -9.90 42.47 -0.47
CA SER A 184 -10.55 43.57 -1.16
C SER A 184 -9.76 44.84 -1.09
N TYR A 185 -8.56 44.79 -1.62
CA TYR A 185 -7.70 45.95 -1.71
C TYR A 185 -7.58 46.32 -3.19
N PRO A 186 -8.05 47.53 -3.58
CA PRO A 186 -8.17 47.94 -5.00
C PRO A 186 -6.91 48.53 -5.66
N ARG A 187 -5.78 48.52 -4.94
CA ARG A 187 -4.52 49.08 -5.43
C ARG A 187 -3.35 48.10 -5.31
N ASP A 188 -2.29 48.36 -6.07
CA ASP A 188 -1.06 47.56 -6.02
C ASP A 188 -0.36 47.74 -4.68
N ILE A 189 0.65 46.92 -4.44
CA ILE A 189 1.29 46.85 -3.13
C ILE A 189 2.78 47.23 -3.23
N ASP A 190 3.28 47.87 -2.20
CA ASP A 190 4.70 48.18 -2.14
C ASP A 190 5.42 47.05 -1.35
N TYR A 191 5.79 46.00 -2.07
CA TYR A 191 6.41 44.85 -1.44
C TYR A 191 7.78 45.20 -0.91
N GLN A 192 8.48 46.12 -1.58
CA GLN A 192 9.80 46.52 -1.15
C GLN A 192 9.78 47.17 0.22
N GLN A 193 8.85 48.07 0.47
CA GLN A 193 8.83 48.68 1.78
C GLN A 193 8.38 47.68 2.84
N PHE A 194 7.59 46.66 2.47
CA PHE A 194 7.26 45.56 3.41
C PHE A 194 8.51 44.76 3.78
N ARG A 195 9.29 44.38 2.76
CA ARG A 195 10.58 43.69 2.91
C ARG A 195 11.55 44.46 3.83
N GLN A 196 11.68 45.76 3.60
CA GLN A 196 12.48 46.63 4.44
C GLN A 196 12.00 46.58 5.88
N ILE A 197 10.69 46.68 6.08
CA ILE A 197 10.12 46.59 7.43
C ILE A 197 10.37 45.19 8.03
N CYS A 198 10.24 44.16 7.21
CA CYS A 198 10.41 42.80 7.69
C CYS A 198 11.86 42.51 8.11
N ASP A 199 12.83 42.88 7.26
CA ASP A 199 14.27 42.80 7.61
C ASP A 199 14.63 43.53 8.92
N GLU A 200 14.05 44.70 9.10
CA GLU A 200 14.33 45.56 10.25
C GLU A 200 14.01 44.92 11.59
N VAL A 201 12.98 44.08 11.59
CA VAL A 201 12.47 43.42 12.80
C VAL A 201 12.74 41.90 12.80
N ASN A 202 13.43 41.43 11.75
CA ASN A 202 13.77 40.01 11.54
C ASN A 202 12.58 39.08 11.23
N ALA A 203 11.41 39.66 10.91
CA ALA A 203 10.21 38.87 10.59
C ALA A 203 10.32 38.32 9.17
N TYR A 204 9.52 37.30 8.90
CA TYR A 204 9.24 36.80 7.55
C TYR A 204 8.25 37.73 6.82
N LEU A 205 8.35 37.81 5.49
CA LEU A 205 7.36 38.50 4.63
C LEU A 205 6.55 37.47 3.87
N PHE A 206 5.23 37.58 4.02
CA PHE A 206 4.26 36.62 3.50
C PHE A 206 3.32 37.40 2.58
N ALA A 207 3.36 37.10 1.29
CA ALA A 207 2.50 37.75 0.32
C ALA A 207 1.36 36.84 -0.20
N ASP A 208 0.11 37.17 0.11
CA ASP A 208 -1.03 36.37 -0.36
C ASP A 208 -1.69 37.10 -1.51
N ILE A 209 -1.43 36.61 -2.71
CA ILE A 209 -1.78 37.29 -3.95
C ILE A 209 -2.97 36.63 -4.66
N SER A 210 -3.82 35.95 -3.89
CA SER A 210 -4.99 35.20 -4.42
C SER A 210 -5.89 36.01 -5.34
N HIS A 211 -6.05 37.30 -5.07
CA HIS A 211 -6.89 38.15 -5.94
C HIS A 211 -6.17 38.73 -7.15
N ILE A 212 -4.85 38.87 -7.06
CA ILE A 212 -4.09 39.50 -8.11
C ILE A 212 -3.17 38.53 -8.83
N SER A 213 -3.30 37.24 -8.54
CA SER A 213 -2.31 36.25 -8.99
C SER A 213 -1.89 36.45 -10.47
N SER A 214 -2.87 36.52 -11.39
CA SER A 214 -2.60 36.69 -12.83
C SER A 214 -1.81 37.96 -13.18
N PHE A 215 -2.07 39.05 -12.47
CA PHE A 215 -1.34 40.28 -12.73
C PHE A 215 0.14 40.08 -12.40
N VAL A 216 0.42 39.30 -11.37
CA VAL A 216 1.79 39.02 -11.01
C VAL A 216 2.42 38.08 -12.05
N ALA A 217 1.74 37.00 -12.39
CA ALA A 217 2.30 36.09 -13.38
C ALA A 217 2.67 36.84 -14.65
N CYS A 218 1.75 37.66 -15.16
CA CYS A 218 1.91 38.35 -16.44
C CYS A 218 2.75 39.66 -16.40
N ASN A 219 3.35 39.98 -15.26
CA ASN A 219 4.22 41.16 -15.10
C ASN A 219 3.54 42.55 -15.28
N ILE A 220 2.22 42.61 -15.04
CA ILE A 220 1.43 43.83 -15.13
C ILE A 220 1.53 44.61 -13.82
N LEU A 221 1.49 43.90 -12.69
CA LEU A 221 1.66 44.51 -11.37
C LEU A 221 3.02 44.14 -10.76
N ASN A 222 3.35 44.79 -9.63
CA ASN A 222 4.60 44.54 -8.91
C ASN A 222 4.76 43.08 -8.51
N ASN A 223 6.01 42.60 -8.51
CA ASN A 223 6.29 41.18 -8.30
C ASN A 223 6.67 40.96 -6.85
N PRO A 224 5.86 40.17 -6.11
CA PRO A 224 6.26 39.98 -4.72
C PRO A 224 7.35 38.94 -4.56
N PHE A 225 7.64 38.13 -5.60
CA PHE A 225 8.74 37.14 -5.53
C PHE A 225 10.13 37.74 -5.33
N LEU A 226 10.32 39.00 -5.73
CA LEU A 226 11.60 39.66 -5.54
C LEU A 226 11.89 39.97 -4.07
N HIS A 227 10.86 39.97 -3.23
CA HIS A 227 10.96 40.37 -1.82
C HIS A 227 10.48 39.37 -0.76
N ALA A 228 9.51 38.50 -1.08
CA ALA A 228 8.86 37.67 -0.04
C ALA A 228 9.53 36.32 0.20
N ASP A 229 9.47 35.88 1.45
CA ASP A 229 9.87 34.54 1.84
C ASP A 229 8.81 33.51 1.38
N VAL A 230 7.54 33.90 1.52
CA VAL A 230 6.41 33.04 1.16
C VAL A 230 5.40 33.80 0.31
N VAL A 231 4.94 33.19 -0.78
CA VAL A 231 3.76 33.63 -1.50
C VAL A 231 2.69 32.51 -1.57
N THR A 232 1.46 32.86 -1.18
CA THR A 232 0.32 31.95 -1.33
C THR A 232 -0.61 32.53 -2.38
N THR A 233 -1.36 31.66 -3.02
CA THR A 233 -2.46 32.09 -3.88
C THR A 233 -3.48 30.97 -4.06
N THR A 234 -4.75 31.32 -4.15
CA THR A 234 -5.76 30.41 -4.63
C THR A 234 -5.60 30.26 -6.12
N THR A 235 -6.14 29.18 -6.66
CA THR A 235 -6.11 28.91 -8.11
C THR A 235 -7.43 29.20 -8.84
N HIS A 236 -8.48 29.66 -8.12
CA HIS A 236 -9.89 29.72 -8.67
C HIS A 236 -10.45 31.10 -9.00
N LYS A 237 -9.73 32.15 -8.65
CA LYS A 237 -10.23 33.50 -8.86
C LYS A 237 -9.71 33.99 -10.20
N ILE A 238 -8.92 35.06 -10.21
CA ILE A 238 -8.41 35.66 -11.46
C ILE A 238 -7.57 34.66 -12.28
N LEU A 239 -6.92 33.70 -11.61
CA LEU A 239 -6.17 32.66 -12.32
C LEU A 239 -7.05 31.68 -13.15
N ARG A 240 -8.34 31.58 -12.85
CA ARG A 240 -9.31 30.85 -13.69
C ARG A 240 -9.17 29.31 -13.62
N GLY A 241 -8.69 28.80 -12.50
CA GLY A 241 -8.53 27.36 -12.34
C GLY A 241 -9.56 26.79 -11.39
N PRO A 242 -9.26 25.63 -10.80
CA PRO A 242 -10.16 24.98 -9.85
C PRO A 242 -10.01 25.54 -8.45
N ARG A 243 -10.81 25.02 -7.52
CA ARG A 243 -10.72 25.44 -6.14
C ARG A 243 -9.55 24.74 -5.46
N SER A 244 -8.47 25.48 -5.25
CA SER A 244 -7.23 24.93 -4.71
C SER A 244 -6.26 26.05 -4.36
N ALA A 245 -5.14 25.68 -3.77
CA ALA A 245 -4.14 26.65 -3.45
C ALA A 245 -2.72 26.14 -3.61
N LEU A 246 -1.79 27.09 -3.70
CA LEU A 246 -0.36 26.86 -3.91
C LEU A 246 0.34 27.56 -2.79
N ILE A 247 1.38 26.94 -2.25
CA ILE A 247 2.32 27.63 -1.35
C ILE A 247 3.74 27.71 -2.00
N PHE A 248 4.23 28.95 -2.15
CA PHE A 248 5.57 29.25 -2.68
C PHE A 248 6.51 29.62 -1.52
N PHE A 249 7.75 29.11 -1.58
CA PHE A 249 8.72 29.38 -0.53
C PHE A 249 10.07 29.60 -1.19
N ASN A 250 10.81 30.54 -0.62
CA ASN A 250 12.09 31.02 -1.14
C ASN A 250 13.25 30.27 -0.44
N LYS A 251 13.88 29.32 -1.13
CA LYS A 251 14.93 28.51 -0.50
C LYS A 251 16.21 29.30 -0.30
N LYS A 252 16.64 30.06 -1.32
CA LYS A 252 17.83 30.94 -1.26
C LYS A 252 17.90 31.79 -0.01
N ARG A 253 16.76 32.37 0.36
CA ARG A 253 16.69 33.28 1.49
C ARG A 253 16.67 32.50 2.80
N ASN A 254 15.90 31.40 2.81
CA ASN A 254 15.67 30.62 4.02
C ASN A 254 15.99 29.16 3.77
N PRO A 255 17.22 28.75 4.09
CA PRO A 255 17.54 27.34 3.93
C PRO A 255 16.73 26.50 4.93
N GLY A 256 16.31 25.30 4.52
CA GLY A 256 15.50 24.44 5.38
C GLY A 256 14.02 24.80 5.55
N ILE A 257 13.52 25.75 4.74
CA ILE A 257 12.10 26.10 4.72
C ILE A 257 11.27 25.10 3.90
N GLU A 258 11.86 24.52 2.86
CA GLU A 258 11.16 23.54 2.03
C GLU A 258 10.54 22.41 2.83
N GLN A 259 11.29 21.90 3.82
CA GLN A 259 10.83 20.80 4.65
C GLN A 259 9.73 21.26 5.57
N LYS A 260 9.95 22.42 6.21
CA LYS A 260 8.98 23.05 7.12
C LYS A 260 7.58 23.22 6.53
N ILE A 261 7.53 23.66 5.28
CA ILE A 261 6.28 23.96 4.60
C ILE A 261 5.63 22.68 4.09
N ASN A 262 6.45 21.75 3.59
CA ASN A 262 5.96 20.48 3.10
C ASN A 262 5.46 19.58 4.25
N SER A 263 6.10 19.63 5.40
CA SER A 263 5.65 18.83 6.52
C SER A 263 4.40 19.45 7.19
N ALA A 264 4.23 20.77 7.08
CA ALA A 264 3.02 21.51 7.50
C ALA A 264 1.74 21.17 6.74
N VAL A 265 1.84 21.01 5.42
CA VAL A 265 0.72 20.53 4.63
C VAL A 265 0.41 19.06 4.92
N PHE A 266 1.45 18.24 5.00
CA PHE A 266 1.30 16.82 5.36
C PHE A 266 2.57 16.41 6.06
N PRO A 267 2.51 15.86 7.26
CA PRO A 267 1.29 15.36 7.90
C PRO A 267 0.74 16.26 9.01
N SER A 268 1.23 17.48 9.12
CA SER A 268 0.72 18.32 10.17
C SER A 268 -0.81 18.52 10.04
N PHE A 269 -1.31 18.80 8.82
CA PHE A 269 -2.67 19.30 8.63
C PHE A 269 -3.50 18.41 7.73
N GLN A 270 -3.05 18.15 6.52
CA GLN A 270 -3.82 17.33 5.56
C GLN A 270 -3.35 15.86 5.57
N GLY A 271 -4.17 14.99 4.99
CA GLY A 271 -3.81 13.60 4.67
C GLY A 271 -3.67 13.47 3.17
N GLY A 272 -4.45 12.58 2.56
CA GLY A 272 -4.36 12.30 1.13
C GLY A 272 -4.57 13.58 0.31
N PRO A 273 -3.87 13.75 -0.82
CA PRO A 273 -4.16 14.91 -1.67
C PRO A 273 -5.26 14.63 -2.64
N HIS A 274 -5.88 15.70 -3.11
CA HIS A 274 -6.95 15.60 -4.07
C HIS A 274 -6.37 15.72 -5.47
N ASN A 275 -6.17 14.56 -6.10
CA ASN A 275 -5.42 14.48 -7.34
C ASN A 275 -6.13 15.09 -8.54
N ASN A 276 -7.46 15.05 -8.53
CA ASN A 276 -8.27 15.73 -9.56
C ASN A 276 -8.06 17.24 -9.51
N LYS A 277 -7.87 17.79 -8.32
CA LYS A 277 -7.51 19.22 -8.18
C LYS A 277 -6.14 19.47 -8.80
N ILE A 278 -5.15 18.72 -8.32
CA ILE A 278 -3.80 18.81 -8.81
C ILE A 278 -3.76 18.72 -10.37
N ALA A 279 -4.38 17.69 -10.95
CA ALA A 279 -4.52 17.59 -12.42
C ALA A 279 -5.12 18.85 -13.00
N ALA A 280 -6.22 19.31 -12.40
CA ALA A 280 -6.92 20.47 -12.91
C ALA A 280 -6.09 21.75 -12.84
N VAL A 281 -5.35 21.93 -11.74
CA VAL A 281 -4.45 23.06 -11.61
C VAL A 281 -3.38 23.03 -12.71
N ALA A 282 -2.79 21.86 -12.97
CA ALA A 282 -1.83 21.69 -14.11
C ALA A 282 -2.44 22.22 -15.40
N CYS A 283 -3.64 21.75 -15.71
CA CYS A 283 -4.34 22.16 -16.94
C CYS A 283 -4.57 23.66 -17.11
N GLN A 284 -4.76 24.36 -15.99
CA GLN A 284 -4.91 25.79 -16.04
C GLN A 284 -3.56 26.51 -16.13
N LEU A 285 -2.54 25.99 -15.47
CA LEU A 285 -1.22 26.60 -15.50
C LEU A 285 -0.58 26.53 -16.91
N LYS A 286 -0.89 25.51 -17.69
CA LYS A 286 -0.54 25.55 -19.11
C LYS A 286 -1.12 26.81 -19.72
N GLU A 287 -2.42 26.99 -19.59
CA GLU A 287 -3.11 28.18 -20.09
C GLU A 287 -2.57 29.50 -19.53
N VAL A 288 -2.18 29.56 -18.25
CA VAL A 288 -1.69 30.81 -17.66
C VAL A 288 -0.40 31.29 -18.31
N HIS A 289 0.43 30.38 -18.83
CA HIS A 289 1.68 30.78 -19.51
C HIS A 289 1.56 31.04 -21.02
N SER A 290 0.33 31.27 -21.51
CA SER A 290 0.07 31.50 -22.94
C SER A 290 -0.22 32.99 -23.13
N PRO A 291 0.11 33.55 -24.31
CA PRO A 291 -0.14 34.98 -24.44
C PRO A 291 -1.64 35.32 -24.60
N ALA A 292 -2.44 34.34 -25.04
CA ALA A 292 -3.91 34.47 -24.99
C ALA A 292 -4.45 34.83 -23.60
N PHE A 293 -3.75 34.37 -22.55
CA PHE A 293 -4.10 34.64 -21.16
C PHE A 293 -3.55 35.98 -20.66
N LYS A 294 -2.39 36.39 -21.19
CA LYS A 294 -1.91 37.78 -21.01
C LYS A 294 -2.95 38.74 -21.62
N GLU A 295 -3.37 38.41 -22.84
CA GLU A 295 -4.41 39.19 -23.52
C GLU A 295 -5.66 39.32 -22.62
N TYR A 296 -6.09 38.21 -22.00
CA TYR A 296 -7.26 38.19 -21.11
C TYR A 296 -7.04 38.99 -19.84
N THR A 297 -5.87 38.83 -19.23
CA THR A 297 -5.55 39.50 -17.98
C THR A 297 -5.41 40.99 -18.20
N GLN A 298 -4.75 41.38 -19.29
CA GLN A 298 -4.73 42.78 -19.71
C GLN A 298 -6.15 43.27 -19.85
N GLN A 299 -6.99 42.50 -20.57
CA GLN A 299 -8.41 42.85 -20.74
C GLN A 299 -9.18 43.02 -19.40
N VAL A 300 -8.90 42.18 -18.41
CA VAL A 300 -9.52 42.33 -17.08
C VAL A 300 -9.18 43.70 -16.48
N LEU A 301 -7.94 44.16 -16.69
CA LEU A 301 -7.55 45.48 -16.17
C LEU A 301 -8.20 46.61 -16.97
N LEU A 302 -8.14 46.53 -18.29
CA LEU A 302 -8.75 47.54 -19.16
C LEU A 302 -10.23 47.71 -18.80
N ASN A 303 -10.95 46.61 -18.58
CA ASN A 303 -12.37 46.68 -18.13
C ASN A 303 -12.55 47.34 -16.78
N SER A 304 -11.68 47.01 -15.85
CA SER A 304 -11.73 47.55 -14.51
C SER A 304 -11.45 49.07 -14.46
N LYS A 305 -10.51 49.55 -15.28
CA LYS A 305 -10.21 50.99 -15.36
C LYS A 305 -11.41 51.69 -15.99
N ALA A 306 -11.89 51.13 -17.11
CA ALA A 306 -13.08 51.65 -17.79
C ALA A 306 -14.32 51.68 -16.90
N LEU A 307 -14.52 50.64 -16.08
CA LEU A 307 -15.68 50.59 -15.20
C LEU A 307 -15.57 51.66 -14.16
N ALA A 308 -14.39 51.80 -13.55
CA ALA A 308 -14.17 52.84 -12.55
C ALA A 308 -14.46 54.26 -13.10
N LYS A 309 -13.98 54.51 -14.31
CA LYS A 309 -14.15 55.78 -15.03
C LYS A 309 -15.62 56.06 -15.27
N ALA A 310 -16.33 55.05 -15.78
CA ALA A 310 -17.78 55.20 -16.03
C ALA A 310 -18.56 55.39 -14.73
N LEU A 311 -18.14 54.76 -13.63
CA LEU A 311 -18.81 54.95 -12.34
C LEU A 311 -18.59 56.37 -11.84
N ILE A 312 -17.38 56.88 -11.99
CA ILE A 312 -17.06 58.24 -11.60
C ILE A 312 -17.79 59.25 -12.47
N SER A 313 -17.87 59.02 -13.77
CA SER A 313 -18.67 59.86 -14.66
C SER A 313 -20.16 59.99 -14.28
N LYS A 314 -20.70 59.03 -13.50
CA LYS A 314 -22.06 59.11 -12.87
C LYS A 314 -21.97 59.56 -11.42
N GLN A 315 -20.91 60.27 -11.04
CA GLN A 315 -20.75 60.81 -9.69
C GLN A 315 -20.98 59.75 -8.62
N ILE A 316 -20.40 58.57 -8.84
CA ILE A 316 -20.34 57.49 -7.84
C ILE A 316 -18.90 57.45 -7.32
N ASP A 317 -18.79 57.49 -5.99
CA ASP A 317 -17.51 57.52 -5.33
C ASP A 317 -16.90 56.11 -5.25
N LEU A 318 -15.57 56.04 -5.44
CA LEU A 318 -14.80 54.82 -5.33
C LEU A 318 -13.76 54.97 -4.24
N VAL A 319 -13.44 53.88 -3.56
CA VAL A 319 -12.45 53.90 -2.48
C VAL A 319 -11.07 53.95 -3.13
N THR A 320 -10.26 54.91 -2.68
CA THR A 320 -9.00 55.28 -3.31
C THR A 320 -9.19 56.06 -4.61
N ASN A 321 -10.44 56.35 -5.00
CA ASN A 321 -10.80 57.05 -6.25
C ASN A 321 -10.35 56.39 -7.57
N GLY A 322 -10.31 55.06 -7.55
CA GLY A 322 -10.01 54.27 -8.75
C GLY A 322 -9.38 52.94 -8.36
N THR A 323 -8.83 52.30 -9.38
CA THR A 323 -8.27 50.98 -9.26
C THR A 323 -6.94 50.75 -10.06
N ASP A 324 -6.03 49.95 -9.50
CA ASP A 324 -4.84 49.46 -10.21
C ASP A 324 -5.01 48.05 -10.68
N ASN A 325 -6.08 47.38 -10.22
CA ASN A 325 -6.25 45.96 -10.46
C ASN A 325 -7.64 45.67 -11.03
N HIS A 326 -8.17 44.52 -10.67
CA HIS A 326 -9.42 43.98 -11.15
C HIS A 326 -10.65 44.40 -10.35
N LEU A 327 -10.46 45.21 -9.30
CA LEU A 327 -11.51 45.41 -8.34
C LEU A 327 -11.70 46.84 -7.86
N ILE A 328 -12.97 47.17 -7.66
CA ILE A 328 -13.40 48.48 -7.25
C ILE A 328 -14.22 48.27 -6.00
N VAL A 329 -14.16 49.22 -5.07
CA VAL A 329 -15.06 49.27 -3.92
C VAL A 329 -15.80 50.60 -4.11
N VAL A 330 -17.13 50.55 -4.21
CA VAL A 330 -18.00 51.73 -4.25
C VAL A 330 -18.34 52.17 -2.84
N ASP A 331 -18.02 53.42 -2.50
CA ASP A 331 -18.44 54.07 -1.24
C ASP A 331 -19.83 54.67 -1.42
N LEU A 332 -20.83 54.01 -0.84
CA LEU A 332 -22.24 54.39 -1.04
C LEU A 332 -22.79 55.42 0.00
N ARG A 333 -21.92 56.05 0.79
CA ARG A 333 -22.38 57.03 1.81
C ARG A 333 -23.24 58.22 1.31
N LYS A 334 -22.98 58.71 0.09
CA LYS A 334 -23.69 59.91 -0.42
C LYS A 334 -25.17 59.68 -0.75
N PHE A 335 -25.51 58.41 -0.99
CA PHE A 335 -26.87 57.97 -1.26
C PHE A 335 -27.55 57.48 0.03
N SER A 336 -26.80 57.42 1.13
CA SER A 336 -27.30 56.96 2.42
C SER A 336 -28.09 55.65 2.29
N ILE A 337 -27.55 54.73 1.48
CA ILE A 337 -27.98 53.34 1.43
C ILE A 337 -26.78 52.50 1.80
N THR A 338 -27.00 51.40 2.51
CA THR A 338 -25.90 50.49 2.92
C THR A 338 -25.55 49.52 1.79
N GLY A 339 -24.45 48.79 1.96
CA GLY A 339 -24.04 47.72 1.04
C GLY A 339 -25.01 46.55 1.03
N SER A 340 -25.51 46.20 2.22
CA SER A 340 -26.49 45.11 2.35
C SER A 340 -27.68 45.34 1.42
N LYS A 341 -28.26 46.52 1.51
CA LYS A 341 -29.44 46.85 0.73
C LYS A 341 -29.16 46.77 -0.77
N LEU A 342 -27.99 47.27 -1.22
CA LEU A 342 -27.63 47.28 -2.65
C LEU A 342 -27.40 45.86 -3.14
N GLN A 343 -26.82 45.02 -2.29
CA GLN A 343 -26.68 43.61 -2.61
C GLN A 343 -28.04 43.00 -2.82
N GLU A 344 -28.93 43.15 -1.83
CA GLU A 344 -30.31 42.66 -1.94
C GLU A 344 -30.94 43.08 -3.27
N THR A 345 -30.88 44.38 -3.56
CA THR A 345 -31.41 44.92 -4.81
C THR A 345 -30.73 44.33 -6.03
N CYS A 346 -29.42 44.22 -5.99
CA CYS A 346 -28.67 43.70 -7.14
C CYS A 346 -28.99 42.21 -7.35
N ASN A 347 -29.18 41.43 -6.29
CA ASN A 347 -29.65 40.05 -6.51
C ASN A 347 -31.02 40.07 -7.20
N ALA A 348 -31.93 40.96 -6.76
CA ALA A 348 -33.28 40.99 -7.36
C ALA A 348 -33.24 41.17 -8.91
N ILE A 349 -32.14 41.77 -9.41
CA ILE A 349 -31.98 42.04 -10.85
C ILE A 349 -30.89 41.21 -11.54
N ASN A 350 -30.48 40.12 -10.88
CA ASN A 350 -29.41 39.23 -11.35
C ASN A 350 -27.99 39.85 -11.48
N VAL A 351 -27.68 40.75 -10.57
CA VAL A 351 -26.36 41.32 -10.47
C VAL A 351 -25.80 40.77 -9.17
N SER A 352 -24.71 40.04 -9.31
CA SER A 352 -24.06 39.40 -8.20
C SER A 352 -22.90 40.31 -7.91
N LEU A 353 -22.90 40.85 -6.69
CA LEU A 353 -21.80 41.63 -6.15
C LEU A 353 -21.93 41.46 -4.66
N ASN A 354 -21.00 42.00 -3.86
CA ASN A 354 -21.09 41.78 -2.44
C ASN A 354 -20.83 43.04 -1.65
N LYS A 355 -21.38 43.04 -0.44
CA LYS A 355 -21.21 44.14 0.49
C LYS A 355 -19.78 44.14 1.02
N ASN A 356 -19.30 45.33 1.36
CA ASN A 356 -17.92 45.54 1.70
C ASN A 356 -17.76 46.81 2.57
N THR A 357 -17.03 46.67 3.67
CA THR A 357 -16.74 47.81 4.57
C THR A 357 -15.88 48.86 3.87
N ILE A 358 -15.82 50.04 4.48
CA ILE A 358 -15.01 51.14 3.98
C ILE A 358 -14.27 51.81 5.16
N PRO A 359 -13.19 52.57 4.88
CA PRO A 359 -12.34 53.05 5.98
C PRO A 359 -13.10 53.75 7.11
N SER A 360 -14.10 54.55 6.76
CA SER A 360 -14.92 55.26 7.76
C SER A 360 -15.76 54.34 8.68
N ASP A 361 -16.03 53.10 8.26
CA ASP A 361 -16.82 52.15 9.08
C ASP A 361 -15.98 51.60 10.22
N VAL A 362 -16.57 51.63 11.42
CA VAL A 362 -15.94 51.12 12.64
C VAL A 362 -16.10 49.60 12.72
N ASP A 363 -17.31 49.11 12.39
CA ASP A 363 -17.68 47.69 12.56
C ASP A 363 -18.28 47.09 11.27
N CYS A 364 -18.13 45.77 11.12
CA CYS A 364 -18.63 45.02 9.95
C CYS A 364 -20.15 44.77 9.86
N VAL A 365 -20.93 45.17 10.87
CA VAL A 365 -22.40 45.18 10.74
C VAL A 365 -22.78 46.47 10.03
N SER A 366 -23.54 46.32 8.95
CA SER A 366 -23.86 47.43 8.04
C SER A 366 -22.59 48.06 7.43
N PRO A 367 -21.88 47.34 6.54
CA PRO A 367 -20.77 47.93 5.77
C PRO A 367 -21.24 48.91 4.70
N SER A 368 -20.52 50.01 4.52
CA SER A 368 -20.98 51.11 3.69
C SER A 368 -20.55 51.07 2.21
N GLY A 369 -20.11 49.92 1.71
CA GLY A 369 -19.84 49.80 0.28
C GLY A 369 -20.19 48.46 -0.32
N VAL A 370 -19.83 48.33 -1.58
CA VAL A 370 -19.90 47.07 -2.28
C VAL A 370 -18.64 46.88 -3.10
N ARG A 371 -18.20 45.63 -3.22
CA ARG A 371 -17.08 45.28 -4.04
C ARG A 371 -17.50 44.69 -5.38
N ILE A 372 -16.83 45.11 -6.44
CA ILE A 372 -17.07 44.58 -7.77
C ILE A 372 -15.72 44.25 -8.42
N GLY A 373 -15.75 43.29 -9.33
CA GLY A 373 -14.56 42.84 -10.02
C GLY A 373 -14.93 42.42 -11.42
N THR A 374 -13.96 42.51 -12.32
CA THR A 374 -14.18 42.27 -13.74
C THR A 374 -13.84 40.91 -14.35
N PRO A 375 -13.17 40.00 -13.58
CA PRO A 375 -12.70 38.75 -14.17
C PRO A 375 -13.76 37.84 -14.79
N ALA A 376 -14.89 37.67 -14.11
CA ALA A 376 -15.96 36.85 -14.65
C ALA A 376 -16.50 37.38 -16.00
N MET A 377 -16.88 38.66 -16.03
CA MET A 377 -17.52 39.25 -17.22
C MET A 377 -16.54 39.39 -18.37
N THR A 378 -15.28 39.66 -18.03
CA THR A 378 -14.17 39.63 -18.97
C THR A 378 -14.05 38.23 -19.56
N THR A 379 -14.21 37.22 -18.71
CA THR A 379 -14.19 35.85 -19.22
C THR A 379 -15.36 35.58 -20.16
N ARG A 380 -16.54 36.16 -19.90
CA ARG A 380 -17.68 36.03 -20.83
C ARG A 380 -17.62 36.95 -22.08
N GLY A 381 -16.50 37.67 -22.23
CA GLY A 381 -16.18 38.36 -23.47
C GLY A 381 -16.60 39.82 -23.50
N ALA A 382 -16.98 40.38 -22.35
CA ALA A 382 -17.30 41.78 -22.27
C ALA A 382 -16.00 42.58 -22.50
N LYS A 383 -16.16 43.78 -23.07
CA LYS A 383 -15.04 44.67 -23.40
C LYS A 383 -15.26 46.03 -22.74
N GLU A 384 -14.38 46.99 -23.04
CA GLU A 384 -14.40 48.30 -22.37
C GLU A 384 -15.73 49.00 -22.56
N LYS A 385 -16.19 49.05 -23.81
CA LYS A 385 -17.52 49.56 -24.22
C LYS A 385 -18.74 49.04 -23.45
N ASP A 386 -18.67 47.82 -22.94
CA ASP A 386 -19.79 47.24 -22.18
C ASP A 386 -19.86 47.67 -20.73
N MET A 387 -18.79 48.32 -20.24
CA MET A 387 -18.71 48.70 -18.84
C MET A 387 -19.65 49.87 -18.54
N GLU A 388 -19.88 50.74 -19.53
CA GLU A 388 -20.87 51.81 -19.37
C GLU A 388 -22.24 51.19 -19.03
N PHE A 389 -22.64 50.15 -19.75
CA PHE A 389 -23.86 49.40 -19.40
C PHE A 389 -23.85 48.90 -17.96
N ILE A 390 -22.74 48.31 -17.49
CA ILE A 390 -22.70 47.76 -16.10
C ILE A 390 -22.81 48.92 -15.13
N ALA A 391 -21.96 49.90 -15.33
CA ALA A 391 -22.08 51.18 -14.65
C ALA A 391 -23.50 51.74 -14.66
N ASP A 392 -24.11 51.83 -15.83
CA ASP A 392 -25.48 52.36 -15.91
C ASP A 392 -26.47 51.46 -15.14
N VAL A 393 -26.33 50.13 -15.21
CA VAL A 393 -27.18 49.20 -14.44
C VAL A 393 -26.96 49.34 -12.92
N LEU A 394 -25.69 49.50 -12.53
CA LEU A 394 -25.37 49.73 -11.10
C LEU A 394 -25.95 51.05 -10.62
N ALA A 395 -25.91 52.08 -11.48
CA ALA A 395 -26.51 53.39 -11.13
C ALA A 395 -28.02 53.27 -10.95
N ARG A 396 -28.67 52.65 -11.94
CA ARG A 396 -30.13 52.46 -11.90
C ARG A 396 -30.56 51.72 -10.61
N ALA A 397 -29.71 50.81 -10.14
CA ALA A 397 -29.97 50.02 -8.96
C ALA A 397 -29.76 50.81 -7.73
N ILE A 398 -28.74 51.66 -7.74
CA ILE A 398 -28.49 52.52 -6.59
C ILE A 398 -29.72 53.39 -6.42
N LYS A 399 -30.20 53.97 -7.52
CA LYS A 399 -31.42 54.81 -7.49
C LYS A 399 -32.70 54.08 -7.01
N ILE A 400 -32.94 52.88 -7.57
CA ILE A 400 -34.08 52.05 -7.08
C ILE A 400 -33.96 51.77 -5.59
N THR A 401 -32.73 51.57 -5.12
CA THR A 401 -32.49 51.28 -3.73
C THR A 401 -32.87 52.46 -2.85
N VAL A 402 -32.66 53.66 -3.36
CA VAL A 402 -32.95 54.87 -2.59
C VAL A 402 -34.45 55.07 -2.45
N ASP A 403 -35.15 54.84 -3.58
CA ASP A 403 -36.63 54.86 -3.70
C ASP A 403 -37.32 53.89 -2.76
N LEU A 404 -36.83 52.64 -2.73
CA LEU A 404 -37.41 51.58 -1.90
C LEU A 404 -37.12 51.82 -0.42
N GLN A 405 -35.96 52.40 -0.12
CA GLN A 405 -35.67 52.86 1.23
C GLN A 405 -36.52 54.08 1.67
N GLU A 406 -36.85 54.98 0.76
CA GLU A 406 -37.79 56.07 1.06
C GLU A 406 -39.20 55.53 1.41
N GLN A 407 -39.68 54.60 0.60
CA GLN A 407 -41.05 54.10 0.71
C GLN A 407 -41.25 53.16 1.91
N TYR A 408 -40.38 52.17 2.03
CA TYR A 408 -40.53 51.12 3.04
C TYR A 408 -39.70 51.36 4.28
N GLY A 409 -38.64 52.17 4.19
CA GLY A 409 -37.85 52.60 5.35
C GLY A 409 -36.45 52.00 5.44
N LYS A 410 -35.75 52.34 6.52
CA LYS A 410 -34.34 51.95 6.73
C LYS A 410 -34.19 50.81 7.77
N LYS A 411 -35.01 49.77 7.65
CA LYS A 411 -34.81 48.51 8.39
C LYS A 411 -34.88 47.36 7.41
N LEU A 412 -33.84 46.52 7.41
CA LEU A 412 -33.62 45.51 6.36
C LEU A 412 -34.81 44.59 6.15
N VAL A 413 -35.49 44.24 7.24
CA VAL A 413 -36.72 43.42 7.22
C VAL A 413 -37.82 44.13 6.42
N ASP A 414 -38.06 45.39 6.76
CA ASP A 414 -39.03 46.24 6.06
C ASP A 414 -38.60 46.55 4.60
N PHE A 415 -37.30 46.79 4.38
CA PHE A 415 -36.77 47.12 3.04
C PHE A 415 -37.10 46.03 2.00
N LYS A 416 -36.65 44.81 2.27
CA LYS A 416 -36.84 43.70 1.32
C LYS A 416 -38.30 43.52 0.90
N LYS A 417 -39.23 43.78 1.82
CA LYS A 417 -40.68 43.75 1.51
C LYS A 417 -41.00 44.47 0.20
N GLY A 418 -40.30 45.58 -0.07
CA GLY A 418 -40.45 46.33 -1.32
C GLY A 418 -39.98 45.68 -2.61
N LEU A 419 -39.01 44.75 -2.51
CA LEU A 419 -38.32 44.21 -3.70
C LEU A 419 -39.20 43.39 -4.64
N PRO A 420 -39.98 42.43 -4.08
CA PRO A 420 -40.77 41.60 -4.98
C PRO A 420 -41.88 42.37 -5.71
N GLY A 421 -41.95 42.22 -7.03
CA GLY A 421 -43.00 42.84 -7.85
C GLY A 421 -42.73 44.23 -8.39
N ASN A 422 -41.79 44.97 -7.78
CA ASN A 422 -41.42 46.32 -8.23
C ASN A 422 -41.21 46.34 -9.73
N ALA A 423 -42.04 47.13 -10.42
CA ALA A 423 -42.05 47.24 -11.90
C ALA A 423 -40.68 47.58 -12.54
N GLN A 424 -39.83 48.32 -11.81
CA GLN A 424 -38.58 48.81 -12.36
C GLN A 424 -37.51 47.72 -12.25
N LEU A 425 -37.51 47.01 -11.13
CA LEU A 425 -36.63 45.84 -10.94
C LEU A 425 -36.93 44.77 -11.98
N GLN A 426 -38.21 44.46 -12.18
CA GLN A 426 -38.60 43.50 -13.23
C GLN A 426 -38.12 43.99 -14.59
N GLN A 427 -38.28 45.28 -14.82
CA GLN A 427 -37.74 45.96 -16.01
C GLN A 427 -36.21 45.73 -16.09
N LEU A 428 -35.51 46.04 -15.01
CA LEU A 428 -34.06 45.98 -15.00
C LEU A 428 -33.51 44.55 -15.11
N LYS A 429 -34.13 43.63 -14.37
CA LYS A 429 -33.82 42.20 -14.49
C LYS A 429 -33.93 41.65 -15.94
N GLN A 430 -35.05 41.91 -16.61
CA GLN A 430 -35.23 41.54 -18.04
C GLN A 430 -34.01 42.00 -18.86
N GLU A 431 -33.53 43.22 -18.62
CA GLU A 431 -32.41 43.80 -19.39
C GLU A 431 -31.09 43.09 -19.04
N VAL A 432 -30.87 42.83 -17.75
CA VAL A 432 -29.71 42.06 -17.31
C VAL A 432 -29.71 40.66 -17.95
N VAL A 433 -30.87 39.99 -17.88
CA VAL A 433 -31.03 38.60 -18.35
C VAL A 433 -30.80 38.47 -19.86
N THR A 434 -31.21 39.47 -20.65
CA THR A 434 -31.10 39.41 -22.11
C THR A 434 -29.67 39.68 -22.56
N TRP A 435 -28.99 40.61 -21.88
CA TRP A 435 -27.59 40.91 -22.19
C TRP A 435 -26.66 39.78 -21.73
N ALA A 436 -26.83 39.31 -20.48
CA ALA A 436 -25.96 38.24 -19.87
C ALA A 436 -26.18 36.89 -20.53
N GLY A 437 -27.46 36.53 -20.64
CA GLY A 437 -27.90 35.34 -21.37
C GLY A 437 -27.23 35.13 -22.70
N ALA A 438 -26.84 36.21 -23.38
CA ALA A 438 -26.26 36.16 -24.71
C ALA A 438 -24.76 35.94 -24.75
N LEU A 439 -24.07 36.25 -23.66
CA LEU A 439 -22.60 36.35 -23.71
C LEU A 439 -22.00 34.96 -23.76
N PRO A 440 -20.85 34.80 -24.46
CA PRO A 440 -20.19 33.49 -24.47
C PRO A 440 -19.95 32.92 -23.06
N PHE A 441 -20.22 31.63 -22.92
CA PHE A 441 -20.29 30.92 -21.63
C PHE A 441 -19.48 29.62 -21.75
N PRO A 442 -18.33 29.53 -21.03
CA PRO A 442 -17.60 28.26 -21.04
C PRO A 442 -18.36 27.17 -20.33
N MET B 1 -14.13 35.04 -24.31
CA MET B 1 -12.63 35.15 -24.25
C MET B 1 -12.01 34.08 -23.34
N PHE B 2 -12.07 32.84 -23.82
CA PHE B 2 -11.55 31.66 -23.11
C PHE B 2 -11.26 30.55 -24.14
N ASN B 3 -10.75 29.42 -23.66
CA ASN B 3 -10.49 28.25 -24.53
C ASN B 3 -11.43 27.07 -24.23
N ASN B 4 -12.33 26.77 -25.16
CA ASN B 4 -13.30 25.69 -25.01
C ASN B 4 -12.91 24.39 -25.72
N GLU B 5 -11.67 24.29 -26.19
CA GLU B 5 -11.16 23.03 -26.77
C GLU B 5 -11.20 21.90 -25.72
N PRO B 6 -11.43 20.62 -26.15
CA PRO B 6 -11.46 19.50 -25.18
C PRO B 6 -10.10 19.18 -24.61
N LEU B 7 -10.09 18.65 -23.38
CA LEU B 7 -8.86 18.32 -22.62
C LEU B 7 -7.74 17.63 -23.43
N GLU B 8 -8.16 16.70 -24.31
CA GLU B 8 -7.28 15.99 -25.27
C GLU B 8 -6.39 16.92 -26.13
N GLN B 9 -7.01 17.97 -26.68
CA GLN B 9 -6.30 18.90 -27.55
C GLN B 9 -5.63 20.04 -26.79
N ILE B 10 -6.32 20.63 -25.80
CA ILE B 10 -5.76 21.77 -25.00
C ILE B 10 -4.52 21.36 -24.22
N ASP B 11 -4.53 20.16 -23.64
CA ASP B 11 -3.37 19.72 -22.87
C ASP B 11 -3.15 18.25 -23.12
N LYS B 12 -2.50 17.97 -24.24
CA LYS B 12 -2.25 16.61 -24.68
C LYS B 12 -1.26 15.94 -23.76
N GLU B 13 -0.23 16.66 -23.33
CA GLU B 13 0.72 16.10 -22.36
C GLU B 13 0.00 15.43 -21.13
N LEU B 14 -0.93 16.17 -20.52
CA LEU B 14 -1.63 15.71 -19.30
C LEU B 14 -2.60 14.56 -19.59
N HIS B 15 -3.38 14.71 -20.66
CA HIS B 15 -4.38 13.69 -21.08
C HIS B 15 -3.78 12.29 -21.23
N ASP B 16 -2.53 12.23 -21.64
CA ASP B 16 -1.84 10.95 -21.80
C ASP B 16 -1.53 10.28 -20.47
N ILE B 17 -1.11 11.08 -19.50
CA ILE B 17 -0.83 10.54 -18.17
C ILE B 17 -2.13 10.05 -17.57
N LEU B 18 -3.20 10.82 -17.72
CA LEU B 18 -4.50 10.46 -17.14
C LEU B 18 -5.04 9.20 -17.76
N ALA B 19 -4.80 8.99 -19.06
CA ALA B 19 -5.27 7.77 -19.71
C ALA B 19 -4.42 6.59 -19.29
N ASP B 20 -3.16 6.86 -18.94
CA ASP B 20 -2.28 5.85 -18.35
C ASP B 20 -2.78 5.43 -16.97
N GLU B 21 -2.99 6.44 -16.11
CA GLU B 21 -3.52 6.29 -14.75
C GLU B 21 -4.82 5.49 -14.76
N GLU B 22 -5.68 5.80 -15.73
CA GLU B 22 -6.95 5.12 -15.98
C GLU B 22 -6.68 3.64 -16.23
N LYS B 23 -5.68 3.35 -17.06
CA LYS B 23 -5.32 1.98 -17.43
C LYS B 23 -4.71 1.22 -16.24
N ARG B 24 -3.83 1.84 -15.48
CA ARG B 24 -3.26 1.20 -14.30
C ARG B 24 -4.34 0.85 -13.23
N GLN B 25 -5.41 1.65 -13.12
CA GLN B 25 -6.53 1.34 -12.18
C GLN B 25 -7.36 0.15 -12.66
N ARG B 26 -7.64 0.16 -13.96
CA ARG B 26 -8.34 -0.93 -14.63
C ARG B 26 -7.54 -2.24 -14.49
N GLU B 27 -6.21 -2.16 -14.48
CA GLU B 27 -5.36 -3.34 -14.52
C GLU B 27 -4.65 -3.65 -13.18
N THR B 28 -5.31 -3.39 -12.06
CA THR B 28 -4.68 -3.51 -10.72
C THR B 28 -5.62 -4.20 -9.74
N ILE B 29 -5.10 -5.19 -9.01
CA ILE B 29 -5.80 -5.74 -7.84
C ILE B 29 -5.55 -4.75 -6.70
N ASN B 30 -6.60 -3.99 -6.39
CA ASN B 30 -6.55 -2.86 -5.47
C ASN B 30 -7.06 -3.30 -4.11
N LEU B 31 -6.12 -3.65 -3.22
CA LEU B 31 -6.48 -3.95 -1.85
C LEU B 31 -6.18 -2.79 -0.88
N ILE B 32 -6.17 -1.55 -1.35
CA ILE B 32 -6.00 -0.40 -0.42
C ILE B 32 -7.32 -0.24 0.36
N ALA B 33 -7.28 -0.52 1.65
CA ALA B 33 -8.52 -0.56 2.46
C ALA B 33 -9.36 0.73 2.39
N SER B 34 -8.71 1.86 2.22
CA SER B 34 -9.35 3.18 2.13
C SER B 34 -9.71 3.67 0.71
N GLU B 35 -9.52 2.86 -0.34
CA GLU B 35 -9.86 3.28 -1.71
C GLU B 35 -11.13 2.68 -2.22
N ASN B 36 -11.68 3.31 -3.25
CA ASN B 36 -12.87 2.83 -3.94
C ASN B 36 -12.89 3.33 -5.38
N LEU B 37 -13.97 3.08 -6.09
CA LEU B 37 -14.11 3.61 -7.43
C LEU B 37 -15.45 4.28 -7.47
N THR B 38 -15.46 5.57 -7.82
CA THR B 38 -16.68 6.38 -7.88
C THR B 38 -17.37 6.15 -9.21
N ASN B 39 -18.70 6.15 -9.22
CA ASN B 39 -19.47 6.03 -10.49
C ASN B 39 -19.40 7.33 -11.32
N GLY B 40 -19.98 7.33 -12.52
CA GLY B 40 -19.98 8.48 -13.42
C GLY B 40 -20.74 9.67 -12.84
N ALA B 41 -21.90 9.40 -12.24
CA ALA B 41 -22.74 10.43 -11.62
C ALA B 41 -22.02 11.26 -10.56
N VAL B 42 -21.34 10.58 -9.64
CA VAL B 42 -20.50 11.27 -8.65
C VAL B 42 -19.42 12.10 -9.37
N ARG B 43 -18.80 11.55 -10.42
CA ARG B 43 -17.81 12.33 -11.19
C ARG B 43 -18.36 13.50 -12.05
N GLU B 44 -19.58 13.35 -12.59
CA GLU B 44 -20.29 14.46 -13.29
C GLU B 44 -20.58 15.64 -12.35
N CYS B 45 -20.78 15.34 -11.06
CA CYS B 45 -21.02 16.34 -10.03
C CYS B 45 -19.77 17.08 -9.74
N LEU B 46 -18.68 16.31 -9.60
CA LEU B 46 -17.35 16.84 -9.36
C LEU B 46 -16.92 17.83 -10.47
N GLY B 47 -17.29 17.56 -11.72
CA GLY B 47 -16.97 18.44 -12.83
C GLY B 47 -18.06 19.45 -13.20
N ASN B 48 -19.01 19.71 -12.30
CA ASN B 48 -20.15 20.55 -12.60
C ASN B 48 -19.75 22.00 -12.39
N ARG B 49 -20.33 22.91 -13.16
CA ARG B 49 -20.15 24.36 -12.96
C ARG B 49 -20.59 24.95 -11.60
N VAL B 50 -21.04 24.15 -10.67
CA VAL B 50 -21.40 24.65 -9.33
C VAL B 50 -20.18 25.11 -8.51
N SER B 51 -18.99 24.58 -8.79
CA SER B 51 -17.77 25.02 -8.10
C SER B 51 -17.36 26.46 -8.44
N ASN B 52 -17.97 27.06 -9.46
CA ASN B 52 -17.79 28.48 -9.72
C ASN B 52 -18.25 29.42 -8.62
N LYS B 53 -19.06 28.93 -7.69
CA LYS B 53 -19.82 29.79 -6.84
C LYS B 53 -19.22 29.86 -5.46
N TYR B 54 -19.01 31.10 -5.01
CA TYR B 54 -18.62 31.39 -3.62
C TYR B 54 -19.88 31.39 -2.72
N SER B 55 -19.88 30.56 -1.69
CA SER B 55 -21.02 30.38 -0.78
C SER B 55 -20.59 30.34 0.69
N GLU B 56 -19.75 31.28 1.09
CA GLU B 56 -19.30 31.32 2.47
C GLU B 56 -20.47 31.48 3.43
N GLY B 57 -20.41 30.75 4.53
CA GLY B 57 -21.49 30.69 5.50
C GLY B 57 -22.24 29.38 5.38
N TYR B 58 -23.54 29.43 5.67
CA TYR B 58 -24.40 28.26 5.71
C TYR B 58 -25.66 28.57 4.94
N PRO B 59 -26.56 27.57 4.75
CA PRO B 59 -27.79 27.82 3.99
C PRO B 59 -28.70 28.84 4.69
N LYS B 60 -29.34 29.70 3.91
CA LYS B 60 -30.17 30.81 4.44
C LYS B 60 -29.40 31.87 5.28
N LYS B 61 -28.07 31.72 5.39
CA LYS B 61 -27.22 32.65 6.14
C LYS B 61 -25.86 32.76 5.43
N ARG B 62 -25.91 33.12 4.14
CA ARG B 62 -24.75 33.34 3.31
C ARG B 62 -24.37 34.81 3.36
N TYR B 63 -23.08 35.08 3.34
CA TYR B 63 -22.57 36.43 3.16
C TYR B 63 -22.98 37.00 1.79
N TYR B 64 -22.90 36.21 0.72
CA TYR B 64 -23.32 36.69 -0.62
C TYR B 64 -24.67 36.15 -1.02
N GLY B 65 -25.33 36.83 -1.95
CA GLY B 65 -26.58 36.32 -2.53
C GLY B 65 -26.34 35.42 -3.72
N GLY B 66 -27.42 35.14 -4.46
CA GLY B 66 -27.37 34.24 -5.60
C GLY B 66 -27.14 32.78 -5.21
N ASN B 67 -27.44 32.42 -3.96
CA ASN B 67 -27.14 31.11 -3.41
C ASN B 67 -28.35 30.21 -3.18
N ASP B 68 -29.37 30.38 -4.01
CA ASP B 68 -30.64 29.72 -3.77
C ASP B 68 -30.59 28.28 -4.26
N PHE B 69 -29.96 28.06 -5.40
CA PHE B 69 -29.75 26.71 -5.89
C PHE B 69 -28.61 26.00 -5.13
N ILE B 70 -27.62 26.75 -4.68
CA ILE B 70 -26.60 26.24 -3.74
C ILE B 70 -27.19 25.80 -2.41
N ASP B 71 -28.07 26.61 -1.85
CA ASP B 71 -28.75 26.25 -0.59
C ASP B 71 -29.54 24.95 -0.69
N LYS B 72 -30.23 24.76 -1.80
CA LYS B 72 -31.03 23.52 -1.99
C LYS B 72 -30.11 22.29 -1.97
N ILE B 73 -28.95 22.41 -2.61
CA ILE B 73 -27.95 21.35 -2.66
C ILE B 73 -27.34 21.06 -1.29
N GLU B 74 -26.99 22.08 -0.52
CA GLU B 74 -26.39 21.85 0.79
C GLU B 74 -27.40 21.28 1.75
N GLU B 75 -28.67 21.70 1.64
CA GLU B 75 -29.76 21.18 2.50
C GLU B 75 -30.11 19.73 2.16
N LEU B 76 -30.18 19.45 0.87
CA LEU B 76 -30.37 18.09 0.34
C LEU B 76 -29.20 17.12 0.65
N CYS B 77 -27.99 17.63 0.81
CA CYS B 77 -26.87 16.79 1.22
C CYS B 77 -26.92 16.47 2.73
N GLN B 78 -27.31 17.46 3.54
CA GLN B 78 -27.37 17.32 5.02
C GLN B 78 -28.46 16.35 5.50
N LYS B 79 -29.65 16.53 4.93
CA LYS B 79 -30.80 15.65 5.14
C LYS B 79 -30.44 14.23 4.77
N ARG B 80 -29.92 14.03 3.56
CA ARG B 80 -29.55 12.68 3.09
C ARG B 80 -28.49 12.01 3.98
N ALA B 81 -27.63 12.78 4.63
CA ALA B 81 -26.60 12.21 5.52
C ALA B 81 -27.17 11.82 6.89
N LEU B 82 -28.25 12.49 7.29
CA LEU B 82 -28.93 12.17 8.54
C LEU B 82 -29.87 10.97 8.27
N GLU B 83 -30.63 11.03 7.21
CA GLU B 83 -31.35 9.86 6.71
C GLU B 83 -30.47 8.58 6.54
N ALA B 84 -29.33 8.71 5.84
CA ALA B 84 -28.44 7.54 5.56
C ALA B 84 -27.90 6.89 6.84
N PHE B 85 -27.56 7.69 7.85
CA PHE B 85 -27.10 7.17 9.15
C PHE B 85 -28.18 7.07 10.25
N ASN B 86 -29.46 7.07 9.86
CA ASN B 86 -30.57 6.70 10.79
C ASN B 86 -30.66 7.55 12.05
N VAL B 87 -30.77 8.85 11.83
CA VAL B 87 -30.81 9.85 12.89
C VAL B 87 -31.89 10.87 12.54
N SER B 88 -32.60 11.33 13.57
CA SER B 88 -33.64 12.34 13.39
C SER B 88 -32.93 13.67 13.31
N ASP B 89 -33.37 14.55 12.40
CA ASP B 89 -32.80 15.91 12.31
C ASP B 89 -33.12 16.82 13.51
N GLU B 90 -34.00 16.32 14.40
CA GLU B 90 -34.26 16.93 15.70
C GLU B 90 -33.18 16.63 16.75
N GLU B 91 -32.55 15.45 16.70
CA GLU B 91 -31.50 15.04 17.66
C GLU B 91 -30.04 15.24 17.17
N TRP B 92 -29.83 15.14 15.85
CA TRP B 92 -28.48 15.18 15.27
C TRP B 92 -28.41 16.25 14.21
N GLY B 93 -27.31 16.97 14.19
CA GLY B 93 -26.96 17.79 13.06
C GLY B 93 -25.72 17.24 12.33
N VAL B 94 -25.60 17.67 11.07
CA VAL B 94 -24.46 17.37 10.21
C VAL B 94 -23.94 18.62 9.50
N ASN B 95 -22.61 18.83 9.57
CA ASN B 95 -21.85 19.78 8.70
C ASN B 95 -21.24 19.05 7.44
N VAL B 96 -21.51 19.57 6.24
CA VAL B 96 -21.11 18.94 4.97
C VAL B 96 -19.98 19.68 4.22
N GLN B 97 -19.33 20.63 4.91
CA GLN B 97 -18.31 21.47 4.28
C GLN B 97 -16.84 21.06 4.42
N PRO B 98 -16.46 20.20 5.41
CA PRO B 98 -15.06 19.76 5.46
C PRO B 98 -14.56 19.17 4.13
N LEU B 99 -13.39 19.64 3.71
CA LEU B 99 -12.90 19.28 2.38
C LEU B 99 -12.33 17.87 2.37
N SER B 100 -11.98 17.34 3.53
CA SER B 100 -11.47 15.98 3.65
C SER B 100 -11.41 15.53 5.13
N GLY B 101 -11.09 14.26 5.33
CA GLY B 101 -11.09 13.68 6.62
C GLY B 101 -10.27 14.38 7.67
N SER B 102 -9.06 14.79 7.29
CA SER B 102 -8.12 15.34 8.26
C SER B 102 -8.57 16.73 8.72
N ALA B 103 -9.21 17.47 7.82
CA ALA B 103 -9.71 18.79 8.14
C ALA B 103 -10.86 18.66 9.18
N ALA B 104 -11.81 17.76 8.90
CA ALA B 104 -13.01 17.56 9.69
C ALA B 104 -12.66 17.16 11.10
N ASN B 105 -11.66 16.30 11.27
CA ASN B 105 -11.21 15.91 12.61
C ASN B 105 -10.54 17.04 13.39
N VAL B 106 -9.63 17.77 12.76
CA VAL B 106 -8.98 18.93 13.42
C VAL B 106 -10.03 19.96 13.83
N GLN B 107 -10.90 20.29 12.87
CA GLN B 107 -12.09 21.11 13.07
C GLN B 107 -12.98 20.65 14.26
N ALA B 108 -13.54 19.45 14.21
CA ALA B 108 -14.37 18.94 15.31
C ALA B 108 -13.68 18.93 16.66
N LEU B 109 -12.37 18.69 16.67
CA LEU B 109 -11.62 18.63 17.92
C LEU B 109 -11.53 20.02 18.50
N TYR B 110 -11.14 20.98 17.67
CA TYR B 110 -11.12 22.38 18.06
C TYR B 110 -12.49 22.84 18.61
N ALA B 111 -13.57 22.51 17.92
CA ALA B 111 -14.92 22.83 18.41
C ALA B 111 -15.16 22.42 19.88
N LEU B 112 -14.80 21.18 20.23
CA LEU B 112 -15.10 20.60 21.55
C LEU B 112 -14.21 21.17 22.66
N VAL B 113 -12.92 21.31 22.35
CA VAL B 113 -11.90 21.56 23.35
C VAL B 113 -11.03 22.81 23.19
N GLY B 114 -10.87 23.31 21.96
CA GLY B 114 -10.06 24.51 21.75
C GLY B 114 -8.57 24.28 21.91
N VAL B 115 -7.80 25.34 21.67
CA VAL B 115 -6.35 25.31 21.70
C VAL B 115 -5.89 24.99 23.11
N LYS B 116 -4.71 24.36 23.20
CA LYS B 116 -4.18 23.77 24.43
C LYS B 116 -5.07 22.66 25.03
N GLY B 117 -6.12 22.24 24.32
CA GLY B 117 -7.11 21.29 24.86
C GLY B 117 -6.59 19.87 24.95
N LYS B 118 -7.22 19.06 25.81
CA LYS B 118 -6.74 17.70 26.12
C LYS B 118 -7.53 16.61 25.38
N ILE B 119 -6.81 15.75 24.66
CA ILE B 119 -7.45 14.64 23.91
C ILE B 119 -6.72 13.28 23.96
N MET B 120 -7.51 12.24 23.75
CA MET B 120 -7.02 10.86 23.67
C MET B 120 -7.46 10.25 22.37
N GLY B 121 -6.62 9.35 21.88
CA GLY B 121 -6.96 8.50 20.74
C GLY B 121 -5.99 7.34 20.64
N MET B 122 -6.26 6.43 19.71
CA MET B 122 -5.37 5.31 19.50
C MET B 122 -4.09 5.75 18.81
N HIS B 123 -2.97 5.26 19.34
CA HIS B 123 -1.66 5.43 18.74
C HIS B 123 -1.70 4.98 17.28
N LEU B 124 -0.91 5.66 16.45
CA LEU B 124 -0.76 5.35 15.02
C LEU B 124 -0.39 3.89 14.76
N CYS B 125 0.67 3.43 15.43
CA CYS B 125 1.14 2.03 15.47
C CYS B 125 0.08 0.95 15.75
N SER B 126 -0.87 1.23 16.66
CA SER B 126 -1.99 0.31 16.98
C SER B 126 -3.21 0.40 16.03
N GLY B 127 -3.27 1.43 15.18
CA GLY B 127 -4.36 1.59 14.22
C GLY B 127 -5.10 2.92 14.18
N GLY B 128 -4.76 3.88 15.04
CA GLY B 128 -5.39 5.22 14.96
C GLY B 128 -4.87 6.08 13.80
N HIS B 129 -5.47 7.27 13.63
CA HIS B 129 -5.07 8.19 12.58
C HIS B 129 -4.13 9.21 13.12
N LEU B 130 -3.43 9.88 12.19
CA LEU B 130 -2.56 11.03 12.52
C LEU B 130 -3.34 12.13 13.21
N THR B 131 -4.55 12.38 12.70
CA THR B 131 -5.49 13.34 13.29
C THR B 131 -6.10 12.95 14.66
N HIS B 132 -5.70 11.81 15.24
CA HIS B 132 -6.14 11.37 16.58
C HIS B 132 -5.05 11.58 17.62
N GLY B 133 -4.22 12.61 17.43
CA GLY B 133 -3.19 13.00 18.36
C GLY B 133 -1.76 12.53 18.12
N PHE B 134 -1.43 12.09 16.92
CA PHE B 134 -0.17 11.38 16.73
C PHE B 134 1.07 12.25 16.90
N PHE B 135 1.95 11.82 17.81
CA PHE B 135 3.29 12.35 17.94
C PHE B 135 4.35 11.26 18.11
N ASP B 136 5.60 11.71 18.10
CA ASP B 136 6.78 10.91 18.36
C ASP B 136 7.68 11.78 19.28
N GLU B 137 8.72 11.20 19.87
CA GLU B 137 9.56 11.98 20.80
C GLU B 137 10.32 13.09 20.07
N LYS B 138 10.66 12.82 18.79
CA LYS B 138 11.40 13.76 17.92
C LYS B 138 10.58 15.04 17.58
N LYS B 139 9.31 14.86 17.21
CA LYS B 139 8.47 15.99 16.80
C LYS B 139 6.97 15.66 16.91
N LYS B 140 6.16 16.69 17.12
CA LYS B 140 4.70 16.63 17.06
C LYS B 140 4.21 16.55 15.60
N VAL B 141 4.06 15.32 15.12
CA VAL B 141 3.92 15.07 13.68
C VAL B 141 2.61 15.68 13.16
N SER B 142 1.53 15.55 13.93
CA SER B 142 0.24 16.05 13.52
C SER B 142 -0.03 17.33 14.30
N ILE B 143 -0.80 18.23 13.68
CA ILE B 143 -1.31 19.39 14.39
C ILE B 143 -2.15 18.96 15.59
N THR B 144 -2.73 17.76 15.54
CA THR B 144 -3.51 17.29 16.67
C THR B 144 -2.69 17.00 17.93
N SER B 145 -1.39 16.83 17.81
CA SER B 145 -0.51 16.73 19.00
C SER B 145 -0.02 18.08 19.53
N ASP B 146 0.06 19.07 18.64
CA ASP B 146 0.71 20.37 18.90
C ASP B 146 -0.28 21.48 19.26
N MET B 147 -1.43 21.49 18.59
CA MET B 147 -2.45 22.49 18.89
C MET B 147 -3.41 22.00 19.97
N PHE B 148 -3.27 20.74 20.36
CA PHE B 148 -3.92 20.16 21.53
C PHE B 148 -2.81 19.52 22.36
N GLU B 149 -3.19 18.95 23.49
CA GLU B 149 -2.27 18.14 24.30
C GLU B 149 -2.80 16.72 24.18
N SER B 150 -2.04 15.87 23.49
CA SER B 150 -2.51 14.52 23.19
C SER B 150 -1.79 13.44 24.01
N LYS B 151 -2.55 12.41 24.39
CA LYS B 151 -1.98 11.19 24.95
C LYS B 151 -2.59 9.97 24.23
N LEU B 152 -1.84 8.88 24.16
CA LEU B 152 -2.15 7.80 23.22
C LEU B 152 -2.19 6.45 23.91
N TYR B 153 -3.28 5.72 23.67
CA TYR B 153 -3.54 4.38 24.23
C TYR B 153 -3.27 3.30 23.17
N LYS B 154 -2.68 2.18 23.58
CA LYS B 154 -2.29 1.10 22.67
C LYS B 154 -3.29 -0.04 22.68
N CYS B 155 -3.18 -0.91 21.67
CA CYS B 155 -3.86 -2.19 21.64
C CYS B 155 -2.99 -3.18 22.40
N ASN B 156 -3.56 -4.28 22.87
CA ASN B 156 -2.77 -5.35 23.54
C ASN B 156 -1.90 -6.12 22.56
N SER B 157 -1.13 -7.08 23.04
CA SER B 157 -0.21 -7.85 22.17
C SER B 157 -0.91 -8.65 21.06
N GLN B 158 -2.23 -8.84 21.19
CA GLN B 158 -3.08 -9.53 20.20
C GLN B 158 -3.75 -8.61 19.19
N GLY B 159 -3.75 -7.29 19.41
CA GLY B 159 -4.31 -6.32 18.43
C GLY B 159 -5.69 -5.74 18.72
N TYR B 160 -6.20 -5.97 19.92
CA TYR B 160 -7.51 -5.52 20.36
C TYR B 160 -7.37 -4.26 21.18
N VAL B 161 -8.37 -3.38 21.07
CA VAL B 161 -8.53 -2.26 22.00
C VAL B 161 -8.59 -2.81 23.42
N ASP B 162 -7.70 -2.32 24.28
CA ASP B 162 -7.63 -2.75 25.67
C ASP B 162 -8.30 -1.69 26.56
N LEU B 163 -9.59 -1.87 26.84
CA LEU B 163 -10.39 -0.88 27.58
C LEU B 163 -9.85 -0.55 28.98
N ASP B 164 -9.25 -1.52 29.64
CA ASP B 164 -8.66 -1.28 30.96
C ASP B 164 -7.52 -0.27 30.85
N ALA B 165 -6.82 -0.26 29.71
CA ALA B 165 -5.79 0.74 29.42
C ALA B 165 -6.38 2.14 29.16
N VAL B 166 -7.49 2.20 28.44
CA VAL B 166 -8.19 3.48 28.18
C VAL B 166 -8.62 4.15 29.50
N ARG B 167 -9.19 3.36 30.41
CA ARG B 167 -9.62 3.84 31.72
C ARG B 167 -8.45 4.29 32.59
N GLU B 168 -7.39 3.49 32.67
CA GLU B 168 -6.16 3.87 33.43
C GLU B 168 -5.65 5.23 32.98
N MET B 169 -5.65 5.46 31.66
CA MET B 169 -5.13 6.68 31.09
C MET B 169 -6.15 7.82 31.23
N ALA B 170 -7.42 7.57 30.93
CA ALA B 170 -8.42 8.63 31.07
C ALA B 170 -8.47 9.26 32.49
N LEU B 171 -8.47 8.44 33.54
CA LEU B 171 -8.54 8.92 34.92
C LEU B 171 -7.28 9.67 35.42
N SER B 172 -6.12 9.31 34.90
CA SER B 172 -4.88 10.03 35.23
C SER B 172 -4.71 11.29 34.35
N PHE B 173 -4.99 11.15 33.04
CA PHE B 173 -4.86 12.23 32.07
C PHE B 173 -6.07 13.20 32.04
N LYS B 174 -7.26 12.70 32.34
CA LYS B 174 -8.47 13.53 32.49
C LYS B 174 -8.70 14.38 31.24
N PRO B 175 -8.88 13.71 30.10
CA PRO B 175 -9.06 14.45 28.85
C PRO B 175 -10.47 14.97 28.68
N LYS B 176 -10.64 15.88 27.74
CA LYS B 176 -11.97 16.41 27.37
C LYS B 176 -12.59 15.68 26.18
N VAL B 177 -11.80 14.95 25.39
CA VAL B 177 -12.39 14.07 24.35
C VAL B 177 -11.61 12.76 24.28
N ILE B 178 -12.33 11.67 24.04
CA ILE B 178 -11.69 10.40 23.71
C ILE B 178 -12.15 10.01 22.33
N ILE B 179 -11.18 9.69 21.48
CA ILE B 179 -11.44 9.36 20.08
C ILE B 179 -11.36 7.85 19.93
N CYS B 180 -12.36 7.26 19.30
CA CYS B 180 -12.29 5.88 18.85
C CYS B 180 -12.77 5.89 17.43
N GLY B 181 -12.69 4.73 16.79
CA GLY B 181 -12.87 4.59 15.33
C GLY B 181 -11.50 4.79 14.68
N TYR B 182 -11.16 3.94 13.70
CA TYR B 182 -9.73 3.80 13.33
C TYR B 182 -9.36 3.63 11.84
N THR B 183 -8.05 3.65 11.58
CA THR B 183 -7.57 3.61 10.19
C THR B 183 -7.22 2.20 9.76
N SER B 184 -6.60 1.44 10.64
CA SER B 184 -6.37 0.01 10.39
C SER B 184 -6.67 -0.79 11.64
N TYR B 185 -7.95 -1.05 11.85
CA TYR B 185 -8.41 -1.83 12.98
C TYR B 185 -9.39 -2.80 12.37
N PRO B 186 -9.05 -4.11 12.42
CA PRO B 186 -9.85 -5.15 11.77
C PRO B 186 -11.12 -5.62 12.48
N ARG B 187 -11.42 -5.08 13.66
CA ARG B 187 -12.59 -5.50 14.44
C ARG B 187 -13.59 -4.38 14.68
N ASP B 188 -14.75 -4.75 15.19
CA ASP B 188 -15.79 -3.81 15.59
C ASP B 188 -15.39 -3.20 16.94
N ILE B 189 -16.13 -2.16 17.32
CA ILE B 189 -15.78 -1.30 18.46
C ILE B 189 -16.87 -1.37 19.55
N ASP B 190 -16.44 -1.30 20.80
CA ASP B 190 -17.38 -1.26 21.93
C ASP B 190 -17.65 0.19 22.32
N TYR B 191 -18.55 0.85 21.59
CA TYR B 191 -18.85 2.26 21.84
C TYR B 191 -19.45 2.44 23.22
N GLN B 192 -20.27 1.49 23.67
CA GLN B 192 -20.85 1.53 25.00
C GLN B 192 -19.80 1.56 26.07
N GLN B 193 -18.83 0.66 26.01
CA GLN B 193 -17.77 0.68 27.01
C GLN B 193 -17.00 1.99 26.98
N PHE B 194 -16.85 2.60 25.80
CA PHE B 194 -16.17 3.91 25.68
C PHE B 194 -16.93 5.06 26.36
N ARG B 195 -18.25 5.05 26.21
CA ARG B 195 -19.20 5.97 26.90
C ARG B 195 -19.06 5.93 28.44
N GLN B 196 -18.92 4.73 29.00
CA GLN B 196 -18.72 4.53 30.45
C GLN B 196 -17.48 5.25 30.93
N ILE B 197 -16.39 5.10 30.18
CA ILE B 197 -15.14 5.78 30.54
C ILE B 197 -15.25 7.31 30.39
N CYS B 198 -15.95 7.74 29.33
CA CYS B 198 -16.07 9.17 29.04
C CYS B 198 -17.00 9.89 30.02
N ASP B 199 -18.17 9.29 30.33
CA ASP B 199 -19.07 9.70 31.43
C ASP B 199 -18.41 9.79 32.82
N GLU B 200 -17.41 8.95 33.04
CA GLU B 200 -16.72 8.88 34.34
C GLU B 200 -15.91 10.15 34.61
N VAL B 201 -15.25 10.65 33.57
CA VAL B 201 -14.23 11.71 33.68
C VAL B 201 -14.65 13.00 32.96
N ASN B 202 -15.92 13.11 32.57
CA ASN B 202 -16.47 14.31 31.91
C ASN B 202 -15.73 14.64 30.62
N ALA B 203 -15.60 13.61 29.77
CA ALA B 203 -15.00 13.72 28.44
C ALA B 203 -16.06 13.48 27.37
N TYR B 204 -15.88 14.12 26.21
CA TYR B 204 -16.68 13.88 25.00
C TYR B 204 -16.30 12.56 24.32
N LEU B 205 -17.28 11.88 23.70
CA LEU B 205 -17.02 10.65 22.91
C LEU B 205 -17.05 10.94 21.41
N PHE B 206 -15.91 10.69 20.76
CA PHE B 206 -15.67 11.01 19.36
C PHE B 206 -15.44 9.69 18.61
N ALA B 207 -16.33 9.39 17.66
CA ALA B 207 -16.23 8.23 16.79
C ALA B 207 -15.85 8.59 15.34
N ASP B 208 -14.66 8.18 14.88
CA ASP B 208 -14.26 8.40 13.46
C ASP B 208 -14.48 7.09 12.74
N ILE B 209 -15.60 7.00 12.03
CA ILE B 209 -16.06 5.79 11.37
C ILE B 209 -15.80 5.74 9.84
N SER B 210 -14.83 6.56 9.38
CA SER B 210 -14.42 6.70 7.95
C SER B 210 -14.16 5.38 7.22
N HIS B 211 -13.52 4.44 7.91
CA HIS B 211 -13.28 3.11 7.32
C HIS B 211 -14.50 2.21 7.28
N ILE B 212 -15.44 2.42 8.20
CA ILE B 212 -16.55 1.50 8.36
C ILE B 212 -17.90 2.16 8.10
N SER B 213 -17.88 3.38 7.58
CA SER B 213 -19.10 4.22 7.50
C SER B 213 -20.32 3.42 7.02
N SER B 214 -20.18 2.78 5.88
CA SER B 214 -21.24 2.00 5.27
C SER B 214 -21.80 0.94 6.19
N PHE B 215 -20.93 0.31 6.96
CA PHE B 215 -21.36 -0.68 7.93
C PHE B 215 -22.27 -0.04 8.97
N VAL B 216 -21.96 1.20 9.35
CA VAL B 216 -22.74 1.91 10.35
C VAL B 216 -24.09 2.31 9.76
N ALA B 217 -24.10 2.83 8.54
CA ALA B 217 -25.35 3.20 7.88
C ALA B 217 -26.25 2.01 7.60
N CYS B 218 -25.65 0.86 7.31
CA CYS B 218 -26.42 -0.32 6.90
C CYS B 218 -26.78 -1.26 8.06
N ASN B 219 -26.40 -0.88 9.29
CA ASN B 219 -26.71 -1.64 10.53
C ASN B 219 -26.16 -3.08 10.62
N ILE B 220 -25.05 -3.30 9.91
CA ILE B 220 -24.30 -4.55 9.92
C ILE B 220 -23.38 -4.55 11.12
N LEU B 221 -22.74 -3.42 11.38
CA LEU B 221 -21.84 -3.25 12.53
C LEU B 221 -22.45 -2.38 13.64
N ASN B 222 -21.75 -2.27 14.77
CA ASN B 222 -22.19 -1.43 15.89
C ASN B 222 -22.37 0.05 15.52
N ASN B 223 -23.40 0.68 16.09
CA ASN B 223 -23.80 2.06 15.79
C ASN B 223 -23.24 2.98 16.86
N PRO B 224 -22.28 3.85 16.50
CA PRO B 224 -21.77 4.78 17.51
C PRO B 224 -22.78 5.91 17.81
N PHE B 225 -23.78 6.09 16.94
CA PHE B 225 -24.80 7.15 17.10
C PHE B 225 -25.64 7.04 18.40
N LEU B 226 -25.69 5.86 19.02
CA LEU B 226 -26.44 5.66 20.26
C LEU B 226 -25.61 6.12 21.47
N HIS B 227 -24.31 6.36 21.27
CA HIS B 227 -23.38 6.73 22.34
C HIS B 227 -22.52 7.99 22.14
N ALA B 228 -22.10 8.29 20.90
CA ALA B 228 -21.10 9.37 20.67
C ALA B 228 -21.70 10.78 20.64
N ASP B 229 -20.93 11.75 21.15
CA ASP B 229 -21.29 13.16 21.02
C ASP B 229 -20.97 13.68 19.63
N VAL B 230 -19.86 13.20 19.06
CA VAL B 230 -19.43 13.61 17.72
C VAL B 230 -19.14 12.39 16.87
N VAL B 231 -19.70 12.30 15.66
CA VAL B 231 -19.23 11.32 14.68
C VAL B 231 -18.70 11.98 13.39
N THR B 232 -17.44 11.68 13.05
CA THR B 232 -16.85 12.12 11.77
C THR B 232 -16.69 10.94 10.84
N THR B 233 -16.86 11.19 9.55
CA THR B 233 -16.55 10.22 8.51
C THR B 233 -16.08 10.92 7.23
N THR B 234 -15.14 10.30 6.51
CA THR B 234 -14.89 10.64 5.13
C THR B 234 -15.98 10.07 4.27
N THR B 235 -16.11 10.59 3.06
CA THR B 235 -17.09 10.14 2.07
C THR B 235 -16.52 9.31 0.90
N HIS B 236 -15.19 9.06 0.89
CA HIS B 236 -14.45 8.48 -0.32
C HIS B 236 -13.97 7.05 -0.16
N LYS B 237 -14.07 6.51 1.05
CA LYS B 237 -13.61 5.17 1.28
C LYS B 237 -14.76 4.22 1.00
N ILE B 238 -15.15 3.40 1.98
CA ILE B 238 -16.21 2.37 1.81
C ILE B 238 -17.58 2.95 1.33
N LEU B 239 -17.89 4.18 1.73
CA LEU B 239 -19.09 4.87 1.24
C LEU B 239 -19.10 5.13 -0.28
N ARG B 240 -17.93 5.15 -0.90
CA ARG B 240 -17.82 5.21 -2.36
C ARG B 240 -18.25 6.55 -2.96
N GLY B 241 -18.04 7.63 -2.21
CA GLY B 241 -18.35 8.98 -2.72
C GLY B 241 -17.09 9.78 -3.04
N PRO B 242 -17.21 11.10 -3.11
CA PRO B 242 -16.06 11.93 -3.50
C PRO B 242 -15.15 12.17 -2.29
N ARG B 243 -14.03 12.87 -2.49
CA ARG B 243 -13.14 13.13 -1.41
C ARG B 243 -13.71 14.31 -0.60
N SER B 244 -14.27 14.00 0.57
CA SER B 244 -14.90 15.00 1.42
C SER B 244 -15.14 14.39 2.78
N ALA B 245 -15.73 15.16 3.68
CA ALA B 245 -16.04 14.64 4.99
C ALA B 245 -17.32 15.24 5.60
N LEU B 246 -17.83 14.53 6.60
CA LEU B 246 -19.05 14.91 7.33
C LEU B 246 -18.70 14.98 8.81
N ILE B 247 -19.24 15.98 9.50
CA ILE B 247 -19.18 16.06 10.96
C ILE B 247 -20.61 15.97 11.50
N PHE B 248 -20.82 14.97 12.35
CA PHE B 248 -22.07 14.73 13.04
C PHE B 248 -21.91 15.11 14.53
N PHE B 249 -22.91 15.80 15.08
CA PHE B 249 -22.90 16.17 16.51
C PHE B 249 -24.27 15.92 17.12
N ASN B 250 -24.29 15.46 18.37
CA ASN B 250 -25.54 15.16 19.08
C ASN B 250 -26.09 16.37 19.84
N LYS B 251 -27.17 16.97 19.33
CA LYS B 251 -27.74 18.18 19.97
C LYS B 251 -28.29 17.89 21.37
N LYS B 252 -29.05 16.80 21.52
CA LYS B 252 -29.70 16.43 22.80
C LYS B 252 -28.76 16.26 23.99
N ARG B 253 -27.65 15.58 23.75
CA ARG B 253 -26.63 15.36 24.80
C ARG B 253 -25.85 16.63 25.11
N ASN B 254 -25.70 17.50 24.12
CA ASN B 254 -24.88 18.72 24.23
C ASN B 254 -25.57 19.91 23.58
N PRO B 255 -26.25 20.75 24.40
CA PRO B 255 -26.84 21.96 23.82
C PRO B 255 -25.74 22.92 23.39
N GLY B 256 -25.93 23.56 22.24
CA GLY B 256 -24.97 24.55 21.73
C GLY B 256 -23.68 24.01 21.09
N ILE B 257 -23.69 22.71 20.77
CA ILE B 257 -22.66 22.09 19.95
C ILE B 257 -22.85 22.45 18.47
N GLU B 258 -24.10 22.66 18.03
CA GLU B 258 -24.36 23.05 16.63
C GLU B 258 -23.55 24.28 16.22
N GLN B 259 -23.62 25.32 17.05
CA GLN B 259 -22.91 26.57 16.80
C GLN B 259 -21.40 26.32 16.83
N LYS B 260 -20.93 25.64 17.86
CA LYS B 260 -19.49 25.37 18.04
C LYS B 260 -18.82 24.71 16.82
N ILE B 261 -19.52 23.76 16.22
CA ILE B 261 -19.00 22.95 15.16
C ILE B 261 -19.09 23.66 13.81
N ASN B 262 -20.25 24.27 13.53
CA ASN B 262 -20.41 25.06 12.30
C ASN B 262 -19.47 26.25 12.20
N SER B 263 -19.12 26.86 13.33
CA SER B 263 -18.25 28.03 13.32
C SER B 263 -16.77 27.60 13.26
N ALA B 264 -16.48 26.41 13.77
CA ALA B 264 -15.17 25.78 13.66
C ALA B 264 -14.79 25.46 12.20
N VAL B 265 -15.73 24.92 11.42
CA VAL B 265 -15.52 24.71 9.99
C VAL B 265 -15.35 26.04 9.24
N PHE B 266 -16.28 26.96 9.44
CA PHE B 266 -16.20 28.32 8.88
C PHE B 266 -16.77 29.29 9.89
N PRO B 267 -16.09 30.38 10.22
CA PRO B 267 -14.86 30.84 9.55
C PRO B 267 -13.56 30.48 10.27
N SER B 268 -13.61 29.62 11.27
CA SER B 268 -12.40 29.31 12.02
C SER B 268 -11.29 28.71 11.13
N PHE B 269 -11.63 27.76 10.27
CA PHE B 269 -10.68 26.99 9.50
C PHE B 269 -10.79 27.14 8.00
N GLN B 270 -12.00 27.06 7.46
CA GLN B 270 -12.16 27.07 6.02
C GLN B 270 -12.76 28.40 5.56
N GLY B 271 -12.66 28.65 4.26
CA GLY B 271 -13.39 29.72 3.61
C GLY B 271 -14.55 29.17 2.83
N GLY B 272 -14.56 29.41 1.52
CA GLY B 272 -15.67 29.02 0.68
C GLY B 272 -15.77 27.52 0.66
N PRO B 273 -17.01 26.96 0.69
CA PRO B 273 -17.07 25.49 0.53
C PRO B 273 -16.96 25.14 -0.94
N HIS B 274 -16.65 23.86 -1.21
CA HIS B 274 -16.51 23.39 -2.58
C HIS B 274 -17.77 22.69 -2.95
N ASN B 275 -18.60 23.38 -3.74
CA ASN B 275 -19.98 22.99 -3.93
C ASN B 275 -20.13 21.79 -4.78
N ASN B 276 -19.19 21.58 -5.71
CA ASN B 276 -19.10 20.34 -6.51
C ASN B 276 -18.90 19.12 -5.63
N LYS B 277 -18.15 19.27 -4.55
CA LYS B 277 -18.02 18.19 -3.57
C LYS B 277 -19.35 17.92 -2.91
N ILE B 278 -19.98 18.97 -2.39
CA ILE B 278 -21.27 18.87 -1.72
C ILE B 278 -22.32 18.20 -2.62
N ALA B 279 -22.41 18.67 -3.87
CA ALA B 279 -23.26 18.03 -4.87
C ALA B 279 -22.96 16.53 -5.01
N ALA B 280 -21.66 16.19 -5.08
CA ALA B 280 -21.27 14.79 -5.30
C ALA B 280 -21.60 13.88 -4.14
N VAL B 281 -21.42 14.40 -2.95
CA VAL B 281 -21.80 13.66 -1.76
C VAL B 281 -23.30 13.42 -1.78
N ALA B 282 -24.10 14.43 -2.11
CA ALA B 282 -25.57 14.26 -2.19
C ALA B 282 -25.93 13.10 -3.11
N CYS B 283 -25.26 13.07 -4.25
CA CYS B 283 -25.45 12.01 -5.25
C CYS B 283 -25.15 10.60 -4.74
N GLN B 284 -24.11 10.47 -3.93
CA GLN B 284 -23.78 9.16 -3.36
C GLN B 284 -24.62 8.81 -2.14
N LEU B 285 -25.00 9.82 -1.36
CA LEU B 285 -25.88 9.61 -0.23
C LEU B 285 -27.27 9.07 -0.62
N LYS B 286 -27.77 9.43 -1.80
CA LYS B 286 -28.94 8.79 -2.34
C LYS B 286 -28.67 7.29 -2.46
N GLU B 287 -27.64 6.92 -3.22
CA GLU B 287 -27.27 5.51 -3.40
C GLU B 287 -26.99 4.80 -2.07
N VAL B 288 -26.31 5.45 -1.14
CA VAL B 288 -26.08 4.84 0.18
C VAL B 288 -27.37 4.38 0.84
N HIS B 289 -28.48 5.07 0.60
CA HIS B 289 -29.79 4.69 1.18
C HIS B 289 -30.57 3.57 0.46
N SER B 290 -30.22 3.27 -0.79
CA SER B 290 -30.91 2.28 -1.62
C SER B 290 -30.64 0.84 -1.17
N PRO B 291 -31.50 -0.13 -1.55
CA PRO B 291 -31.25 -1.51 -1.14
C PRO B 291 -30.10 -2.16 -1.91
N ALA B 292 -29.84 -1.67 -3.12
CA ALA B 292 -28.68 -2.10 -3.90
C ALA B 292 -27.36 -1.93 -3.17
N PHE B 293 -27.25 -0.86 -2.36
CA PHE B 293 -26.01 -0.52 -1.70
C PHE B 293 -25.83 -1.35 -0.45
N LYS B 294 -26.94 -1.68 0.23
CA LYS B 294 -26.87 -2.61 1.39
C LYS B 294 -26.28 -3.94 0.94
N GLU B 295 -26.76 -4.45 -0.19
CA GLU B 295 -26.21 -5.69 -0.78
C GLU B 295 -24.68 -5.62 -1.00
N TYR B 296 -24.21 -4.48 -1.54
CA TYR B 296 -22.79 -4.27 -1.81
C TYR B 296 -21.96 -4.30 -0.52
N THR B 297 -22.44 -3.58 0.50
CA THR B 297 -21.76 -3.53 1.81
C THR B 297 -21.74 -4.90 2.47
N GLN B 298 -22.84 -5.63 2.38
CA GLN B 298 -22.90 -7.03 2.86
C GLN B 298 -21.82 -7.77 2.11
N GLN B 299 -21.78 -7.59 0.79
CA GLN B 299 -20.79 -8.26 -0.06
C GLN B 299 -19.33 -7.91 0.29
N VAL B 300 -19.08 -6.66 0.72
CA VAL B 300 -17.75 -6.26 1.18
C VAL B 300 -17.34 -7.07 2.42
N LEU B 301 -18.29 -7.31 3.32
CA LEU B 301 -17.98 -8.12 4.51
C LEU B 301 -17.81 -9.59 4.17
N LEU B 302 -18.63 -10.09 3.24
CA LEU B 302 -18.58 -11.51 2.85
C LEU B 302 -17.24 -11.81 2.15
N ASN B 303 -16.73 -10.87 1.35
CA ASN B 303 -15.40 -10.99 0.73
C ASN B 303 -14.26 -10.90 1.72
N SER B 304 -14.40 -10.04 2.72
CA SER B 304 -13.37 -9.90 3.73
C SER B 304 -13.29 -11.14 4.64
N LYS B 305 -14.42 -11.77 4.90
CA LYS B 305 -14.46 -13.01 5.70
C LYS B 305 -13.79 -14.14 4.93
N ALA B 306 -14.23 -14.28 3.68
CA ALA B 306 -13.69 -15.27 2.79
C ALA B 306 -12.19 -15.11 2.60
N LEU B 307 -11.74 -13.86 2.46
CA LEU B 307 -10.32 -13.57 2.29
C LEU B 307 -9.49 -13.90 3.53
N ALA B 308 -10.00 -13.60 4.72
CA ALA B 308 -9.24 -13.90 5.94
C ALA B 308 -9.18 -15.42 6.14
N LYS B 309 -10.31 -16.05 5.87
CA LYS B 309 -10.46 -17.50 5.98
C LYS B 309 -9.47 -18.19 5.02
N ALA B 310 -9.33 -17.69 3.79
CA ALA B 310 -8.42 -18.32 2.79
C ALA B 310 -6.94 -18.06 3.12
N LEU B 311 -6.65 -16.90 3.68
CA LEU B 311 -5.31 -16.59 4.11
C LEU B 311 -4.88 -17.45 5.31
N ILE B 312 -5.82 -17.74 6.20
CA ILE B 312 -5.55 -18.66 7.31
C ILE B 312 -5.34 -20.06 6.75
N SER B 313 -6.14 -20.49 5.77
CA SER B 313 -6.01 -21.80 5.11
C SER B 313 -4.64 -22.06 4.45
N LYS B 314 -3.93 -21.00 4.06
CA LYS B 314 -2.51 -21.08 3.59
C LYS B 314 -1.53 -20.71 4.69
N GLN B 315 -1.96 -20.83 5.95
CA GLN B 315 -1.06 -20.63 7.11
C GLN B 315 -0.44 -19.23 7.20
N ILE B 316 -1.20 -18.22 6.75
CA ILE B 316 -0.83 -16.81 6.93
C ILE B 316 -1.55 -16.26 8.18
N ASP B 317 -0.75 -15.67 9.07
CA ASP B 317 -1.22 -15.11 10.33
C ASP B 317 -1.85 -13.72 10.15
N LEU B 318 -3.03 -13.53 10.76
CA LEU B 318 -3.78 -12.29 10.68
C LEU B 318 -3.91 -11.67 12.07
N VAL B 319 -3.71 -10.36 12.16
CA VAL B 319 -3.70 -9.67 13.46
C VAL B 319 -5.12 -9.71 13.98
N THR B 320 -5.26 -10.09 15.26
CA THR B 320 -6.52 -10.53 15.88
C THR B 320 -7.08 -11.82 15.28
N ASN B 321 -6.28 -12.58 14.52
CA ASN B 321 -6.74 -13.83 13.89
C ASN B 321 -8.03 -13.80 13.03
N GLY B 322 -8.31 -12.64 12.44
CA GLY B 322 -9.54 -12.44 11.64
C GLY B 322 -9.99 -11.00 11.64
N THR B 323 -11.21 -10.79 11.15
CA THR B 323 -11.78 -9.49 10.88
C THR B 323 -13.31 -9.44 11.14
N ASP B 324 -13.83 -8.30 11.62
CA ASP B 324 -15.28 -8.08 11.66
C ASP B 324 -15.75 -7.11 10.60
N ASN B 325 -14.87 -6.75 9.66
CA ASN B 325 -15.20 -5.69 8.73
C ASN B 325 -14.54 -5.94 7.36
N HIS B 326 -14.37 -4.87 6.63
CA HIS B 326 -13.72 -4.83 5.34
C HIS B 326 -12.17 -4.97 5.31
N LEU B 327 -11.52 -5.12 6.47
CA LEU B 327 -10.07 -5.07 6.48
C LEU B 327 -9.33 -6.09 7.32
N ILE B 328 -8.16 -6.44 6.82
CA ILE B 328 -7.31 -7.44 7.39
C ILE B 328 -5.94 -6.82 7.51
N VAL B 329 -5.20 -7.18 8.56
CA VAL B 329 -3.78 -6.85 8.64
C VAL B 329 -3.07 -8.20 8.78
N VAL B 330 -2.05 -8.41 7.96
CA VAL B 330 -1.31 -9.67 7.92
C VAL B 330 -0.05 -9.54 8.76
N ASP B 331 0.13 -10.43 9.73
CA ASP B 331 1.37 -10.53 10.52
C ASP B 331 2.36 -11.36 9.74
N LEU B 332 3.34 -10.69 9.14
CA LEU B 332 4.33 -11.36 8.28
C LEU B 332 5.57 -11.93 9.01
N ARG B 333 5.66 -11.81 10.34
CA ARG B 333 6.85 -12.26 11.12
C ARG B 333 7.37 -13.69 10.90
N LYS B 334 6.49 -14.64 10.58
CA LYS B 334 6.89 -16.04 10.37
C LYS B 334 7.70 -16.27 9.09
N PHE B 335 7.60 -15.32 8.15
CA PHE B 335 8.33 -15.37 6.91
C PHE B 335 9.56 -14.46 6.91
N SER B 336 9.82 -13.78 8.03
CA SER B 336 10.97 -12.90 8.19
C SER B 336 11.19 -11.95 7.00
N ILE B 337 10.10 -11.33 6.54
CA ILE B 337 10.14 -10.25 5.56
C ILE B 337 9.41 -9.04 6.13
N THR B 338 9.84 -7.84 5.77
CA THR B 338 9.16 -6.61 6.22
C THR B 338 7.89 -6.40 5.38
N GLY B 339 6.97 -5.61 5.94
CA GLY B 339 5.80 -5.12 5.21
C GLY B 339 6.18 -4.29 3.99
N SER B 340 7.19 -3.43 4.13
CA SER B 340 7.71 -2.64 2.98
C SER B 340 8.17 -3.52 1.80
N LYS B 341 8.89 -4.59 2.08
CA LYS B 341 9.29 -5.54 1.02
C LYS B 341 8.12 -6.11 0.20
N LEU B 342 7.07 -6.56 0.89
CA LEU B 342 5.90 -7.16 0.25
C LEU B 342 5.12 -6.14 -0.57
N GLN B 343 5.00 -4.92 -0.03
CA GLN B 343 4.47 -3.80 -0.80
C GLN B 343 5.22 -3.68 -2.11
N GLU B 344 6.54 -3.49 -2.03
CA GLU B 344 7.40 -3.36 -3.24
C GLU B 344 7.11 -4.51 -4.21
N THR B 345 7.17 -5.72 -3.70
CA THR B 345 6.84 -6.90 -4.51
C THR B 345 5.42 -6.86 -5.09
N CYS B 346 4.45 -6.44 -4.30
CA CYS B 346 3.05 -6.43 -4.73
C CYS B 346 2.83 -5.36 -5.78
N ASN B 347 3.48 -4.20 -5.64
CA ASN B 347 3.42 -3.17 -6.67
C ASN B 347 4.02 -3.67 -8.00
N ALA B 348 5.10 -4.46 -7.95
CA ALA B 348 5.65 -5.06 -9.18
C ALA B 348 4.65 -5.99 -9.96
N ILE B 349 3.64 -6.52 -9.26
CA ILE B 349 2.65 -7.38 -9.89
C ILE B 349 1.26 -6.72 -10.07
N ASN B 350 1.19 -5.40 -9.95
CA ASN B 350 -0.08 -4.64 -9.94
C ASN B 350 -1.04 -5.00 -8.80
N VAL B 351 -0.46 -5.26 -7.62
CA VAL B 351 -1.20 -5.46 -6.41
C VAL B 351 -0.92 -4.26 -5.54
N SER B 352 -1.92 -3.39 -5.40
CA SER B 352 -1.86 -2.28 -4.44
C SER B 352 -2.34 -2.77 -3.10
N LEU B 353 -1.42 -2.68 -2.14
CA LEU B 353 -1.73 -2.82 -0.71
C LEU B 353 -0.71 -1.94 0.01
N ASN B 354 -0.80 -1.80 1.33
CA ASN B 354 0.19 -1.00 2.07
C ASN B 354 0.78 -1.65 3.29
N LYS B 355 1.98 -1.19 3.65
CA LYS B 355 2.67 -1.61 4.85
C LYS B 355 1.96 -1.07 6.09
N ASN B 356 2.00 -1.85 7.18
CA ASN B 356 1.24 -1.56 8.35
C ASN B 356 1.89 -2.19 9.59
N THR B 357 1.87 -1.46 10.70
CA THR B 357 2.48 -1.92 11.95
C THR B 357 1.65 -2.99 12.68
N ILE B 358 2.30 -3.80 13.53
CA ILE B 358 1.63 -4.82 14.33
C ILE B 358 2.00 -4.62 15.81
N PRO B 359 1.26 -5.26 16.75
CA PRO B 359 1.49 -4.98 18.18
C PRO B 359 2.93 -5.17 18.68
N SER B 360 3.66 -6.14 18.13
CA SER B 360 5.06 -6.38 18.52
C SER B 360 6.05 -5.30 18.00
N ASP B 361 5.67 -4.52 16.98
CA ASP B 361 6.52 -3.44 16.46
C ASP B 361 6.58 -2.28 17.43
N VAL B 362 7.79 -1.82 17.72
CA VAL B 362 8.01 -0.70 18.63
C VAL B 362 8.05 0.63 17.87
N ASP B 363 8.66 0.64 16.68
CA ASP B 363 8.81 1.84 15.85
C ASP B 363 7.97 1.73 14.58
N CYS B 364 7.69 2.88 13.97
CA CYS B 364 6.94 2.96 12.71
C CYS B 364 7.79 2.69 11.44
N VAL B 365 9.11 2.78 11.56
CA VAL B 365 10.02 2.33 10.50
C VAL B 365 10.20 0.84 10.66
N SER B 366 10.20 0.14 9.52
CA SER B 366 10.25 -1.32 9.47
C SER B 366 8.96 -1.99 10.05
N PRO B 367 7.77 -1.62 9.55
CA PRO B 367 6.52 -2.28 10.00
C PRO B 367 6.39 -3.71 9.50
N SER B 368 5.88 -4.58 10.37
CA SER B 368 5.91 -6.01 10.14
C SER B 368 4.65 -6.60 9.47
N GLY B 369 3.76 -5.77 8.89
CA GLY B 369 2.57 -6.31 8.24
C GLY B 369 2.10 -5.62 6.98
N VAL B 370 0.97 -6.07 6.46
CA VAL B 370 0.31 -5.35 5.39
C VAL B 370 -1.17 -5.28 5.71
N ARG B 371 -1.79 -4.17 5.32
CA ARG B 371 -3.22 -4.02 5.40
C ARG B 371 -3.84 -4.27 4.00
N ILE B 372 -4.91 -5.07 3.98
CA ILE B 372 -5.70 -5.28 2.79
C ILE B 372 -7.19 -5.01 3.09
N GLY B 373 -7.93 -4.65 2.06
CA GLY B 373 -9.34 -4.39 2.17
C GLY B 373 -10.07 -4.82 0.91
N THR B 374 -11.37 -5.02 1.06
CA THR B 374 -12.21 -5.48 -0.03
C THR B 374 -13.14 -4.51 -0.72
N PRO B 375 -13.24 -3.22 -0.28
CA PRO B 375 -14.27 -2.41 -0.92
C PRO B 375 -14.06 -2.10 -2.39
N ALA B 376 -12.82 -1.84 -2.79
CA ALA B 376 -12.50 -1.56 -4.17
C ALA B 376 -12.79 -2.77 -5.07
N MET B 377 -12.23 -3.92 -4.73
CA MET B 377 -12.44 -5.12 -5.53
C MET B 377 -13.88 -5.60 -5.49
N THR B 378 -14.53 -5.41 -4.34
CA THR B 378 -15.98 -5.66 -4.23
C THR B 378 -16.75 -4.76 -5.18
N THR B 379 -16.32 -3.50 -5.28
CA THR B 379 -16.95 -2.56 -6.21
C THR B 379 -16.77 -3.04 -7.66
N ARG B 380 -15.60 -3.62 -7.98
CA ARG B 380 -15.36 -4.18 -9.32
C ARG B 380 -15.96 -5.59 -9.59
N GLY B 381 -16.90 -6.05 -8.75
CA GLY B 381 -17.67 -7.25 -9.03
C GLY B 381 -17.16 -8.58 -8.49
N ALA B 382 -16.02 -8.58 -7.82
CA ALA B 382 -15.48 -9.80 -7.23
C ALA B 382 -16.45 -10.37 -6.16
N LYS B 383 -16.51 -11.69 -6.07
CA LYS B 383 -17.42 -12.41 -5.17
C LYS B 383 -16.60 -13.24 -4.17
N GLU B 384 -17.30 -13.98 -3.30
CA GLU B 384 -16.61 -14.82 -2.29
C GLU B 384 -15.54 -15.75 -2.92
N LYS B 385 -15.89 -16.37 -4.05
CA LYS B 385 -15.00 -17.31 -4.84
C LYS B 385 -13.69 -16.74 -5.40
N ASP B 386 -13.67 -15.42 -5.65
CA ASP B 386 -12.50 -14.74 -6.21
C ASP B 386 -11.45 -14.41 -5.14
N MET B 387 -11.83 -14.55 -3.86
CA MET B 387 -10.94 -14.28 -2.75
C MET B 387 -9.87 -15.34 -2.59
N GLU B 388 -10.16 -16.57 -3.03
CA GLU B 388 -9.14 -17.63 -3.03
C GLU B 388 -7.96 -17.23 -3.93
N PHE B 389 -8.28 -16.69 -5.10
CA PHE B 389 -7.29 -16.25 -6.07
C PHE B 389 -6.44 -15.13 -5.51
N ILE B 390 -7.09 -14.18 -4.81
CA ILE B 390 -6.39 -13.01 -4.27
C ILE B 390 -5.45 -13.51 -3.18
N ALA B 391 -5.95 -14.46 -2.40
CA ALA B 391 -5.16 -15.17 -1.43
C ALA B 391 -3.99 -15.94 -2.05
N ASP B 392 -4.25 -16.67 -3.15
CA ASP B 392 -3.19 -17.37 -3.91
C ASP B 392 -2.13 -16.39 -4.41
N VAL B 393 -2.58 -15.29 -4.98
CA VAL B 393 -1.69 -14.23 -5.49
C VAL B 393 -0.79 -13.65 -4.37
N LEU B 394 -1.38 -13.35 -3.21
CA LEU B 394 -0.61 -12.80 -2.06
C LEU B 394 0.34 -13.82 -1.45
N ALA B 395 -0.08 -15.08 -1.36
CA ALA B 395 0.83 -16.17 -0.95
C ALA B 395 2.04 -16.27 -1.89
N ARG B 396 1.73 -16.31 -3.20
CA ARG B 396 2.76 -16.36 -4.23
C ARG B 396 3.75 -15.22 -4.08
N ALA B 397 3.25 -14.02 -3.80
CA ALA B 397 4.07 -12.83 -3.54
C ALA B 397 4.90 -12.92 -2.29
N ILE B 398 4.32 -13.43 -1.21
CA ILE B 398 5.08 -13.61 0.04
C ILE B 398 6.27 -14.51 -0.22
N LYS B 399 6.02 -15.59 -0.96
CA LYS B 399 7.07 -16.55 -1.35
C LYS B 399 8.14 -15.92 -2.27
N ILE B 400 7.67 -15.28 -3.37
CA ILE B 400 8.58 -14.58 -4.29
C ILE B 400 9.46 -13.61 -3.54
N THR B 401 8.88 -12.95 -2.54
CA THR B 401 9.59 -12.01 -1.68
C THR B 401 10.62 -12.71 -0.81
N VAL B 402 10.34 -13.95 -0.38
CA VAL B 402 11.30 -14.67 0.47
C VAL B 402 12.51 -15.11 -0.35
N ASP B 403 12.26 -15.64 -1.55
CA ASP B 403 13.29 -16.03 -2.56
C ASP B 403 14.29 -14.93 -2.90
N LEU B 404 13.75 -13.71 -3.07
CA LEU B 404 14.46 -12.53 -3.54
C LEU B 404 15.23 -11.86 -2.42
N GLN B 405 14.72 -11.99 -1.20
CA GLN B 405 15.42 -11.53 -0.02
C GLN B 405 16.63 -12.41 0.30
N GLU B 406 16.52 -13.72 0.06
CA GLU B 406 17.66 -14.64 0.26
C GLU B 406 18.76 -14.47 -0.82
N GLN B 407 18.35 -14.21 -2.06
CA GLN B 407 19.28 -13.94 -3.15
C GLN B 407 19.97 -12.58 -2.99
N TYR B 408 19.18 -11.52 -2.94
CA TYR B 408 19.76 -10.16 -2.99
C TYR B 408 20.07 -9.57 -1.61
N GLY B 409 19.54 -10.17 -0.53
CA GLY B 409 19.80 -9.71 0.85
C GLY B 409 18.67 -8.88 1.45
N LYS B 410 18.80 -8.64 2.75
CA LYS B 410 17.75 -8.01 3.57
C LYS B 410 17.78 -6.45 3.67
N LYS B 411 18.34 -5.75 2.66
CA LYS B 411 18.35 -4.29 2.69
C LYS B 411 17.59 -3.76 1.48
N LEU B 412 16.69 -2.83 1.76
CA LEU B 412 15.65 -2.38 0.81
C LEU B 412 16.25 -1.91 -0.50
N VAL B 413 17.40 -1.24 -0.39
CA VAL B 413 18.19 -0.81 -1.56
C VAL B 413 18.53 -2.01 -2.49
N ASP B 414 19.01 -3.10 -1.89
CA ASP B 414 19.44 -4.28 -2.62
C ASP B 414 18.24 -5.10 -3.14
N PHE B 415 17.23 -5.30 -2.28
CA PHE B 415 16.00 -6.03 -2.62
C PHE B 415 15.37 -5.60 -3.94
N LYS B 416 15.19 -4.29 -4.10
CA LYS B 416 14.53 -3.75 -5.28
C LYS B 416 15.26 -4.16 -6.56
N LYS B 417 16.59 -4.17 -6.54
CA LYS B 417 17.36 -4.59 -7.71
C LYS B 417 16.83 -5.91 -8.24
N GLY B 418 16.43 -6.80 -7.33
CA GLY B 418 15.83 -8.08 -7.67
C GLY B 418 14.53 -8.06 -8.46
N LEU B 419 13.72 -7.02 -8.25
CA LEU B 419 12.34 -6.98 -8.78
C LEU B 419 12.27 -6.87 -10.29
N PRO B 420 12.98 -5.90 -10.87
CA PRO B 420 13.01 -5.90 -12.32
C PRO B 420 13.84 -7.07 -12.84
N GLY B 421 13.36 -7.70 -13.91
CA GLY B 421 14.04 -8.82 -14.52
C GLY B 421 13.92 -10.14 -13.75
N ASN B 422 12.87 -10.25 -12.91
CA ASN B 422 12.49 -11.50 -12.29
C ASN B 422 11.32 -12.07 -13.10
N ALA B 423 11.52 -13.26 -13.66
CA ALA B 423 10.54 -13.92 -14.53
C ALA B 423 9.21 -14.29 -13.85
N GLN B 424 9.24 -14.52 -12.53
CA GLN B 424 8.05 -14.97 -11.80
C GLN B 424 7.06 -13.82 -11.62
N LEU B 425 7.58 -12.64 -11.31
CA LEU B 425 6.80 -11.42 -11.16
C LEU B 425 6.13 -11.04 -12.48
N GLN B 426 6.85 -11.14 -13.59
CA GLN B 426 6.27 -10.80 -14.90
C GLN B 426 5.12 -11.76 -15.17
N GLN B 427 5.39 -13.04 -14.90
CA GLN B 427 4.38 -14.11 -14.94
C GLN B 427 3.17 -13.76 -14.06
N LEU B 428 3.42 -13.31 -12.84
CA LEU B 428 2.35 -13.04 -11.90
C LEU B 428 1.57 -11.76 -12.29
N LYS B 429 2.30 -10.68 -12.57
CA LYS B 429 1.71 -9.43 -13.12
C LYS B 429 0.72 -9.70 -14.25
N GLN B 430 1.14 -10.55 -15.18
CA GLN B 430 0.29 -10.87 -16.33
C GLN B 430 -1.03 -11.49 -15.88
N GLU B 431 -0.98 -12.48 -14.99
CA GLU B 431 -2.20 -13.12 -14.46
C GLU B 431 -3.13 -12.12 -13.80
N VAL B 432 -2.54 -11.26 -12.98
CA VAL B 432 -3.24 -10.17 -12.31
C VAL B 432 -3.96 -9.27 -13.34
N VAL B 433 -3.17 -8.84 -14.33
CA VAL B 433 -3.62 -7.92 -15.40
C VAL B 433 -4.80 -8.49 -16.20
N THR B 434 -4.83 -9.81 -16.46
CA THR B 434 -5.90 -10.42 -17.27
C THR B 434 -7.18 -10.51 -16.47
N TRP B 435 -7.10 -10.98 -15.22
CA TRP B 435 -8.28 -11.09 -14.39
C TRP B 435 -8.85 -9.70 -14.03
N ALA B 436 -8.00 -8.81 -13.51
CA ALA B 436 -8.42 -7.42 -13.13
C ALA B 436 -8.93 -6.60 -14.32
N GLY B 437 -8.15 -6.59 -15.39
CA GLY B 437 -8.47 -5.84 -16.59
C GLY B 437 -9.86 -6.02 -17.17
N ALA B 438 -10.47 -7.19 -16.96
CA ALA B 438 -11.79 -7.51 -17.53
C ALA B 438 -12.93 -7.39 -16.53
N LEU B 439 -12.63 -6.97 -15.30
CA LEU B 439 -13.67 -6.82 -14.28
C LEU B 439 -14.45 -5.55 -14.59
N PRO B 440 -15.77 -5.52 -14.26
CA PRO B 440 -16.54 -4.28 -14.44
C PRO B 440 -15.80 -3.13 -13.79
N PHE B 441 -15.87 -1.97 -14.43
CA PHE B 441 -15.06 -0.82 -14.08
C PHE B 441 -15.93 0.42 -14.23
N PRO B 442 -16.30 1.07 -13.11
CA PRO B 442 -17.07 2.31 -13.23
C PRO B 442 -16.17 3.43 -13.73
N MET C 1 45.31 -74.74 1.43
CA MET C 1 44.93 -75.02 0.01
C MET C 1 44.09 -73.90 -0.62
N PHE C 2 44.74 -72.73 -0.77
CA PHE C 2 44.14 -71.54 -1.36
C PHE C 2 45.23 -70.70 -2.08
N ASN C 3 44.81 -69.65 -2.80
CA ASN C 3 45.76 -68.73 -3.47
C ASN C 3 45.86 -67.38 -2.74
N ASN C 4 47.02 -67.09 -2.14
CA ASN C 4 47.20 -65.84 -1.39
C ASN C 4 47.93 -64.72 -2.14
N GLU C 5 48.12 -64.86 -3.44
CA GLU C 5 48.70 -63.76 -4.26
C GLU C 5 47.77 -62.53 -4.27
N PRO C 6 48.33 -61.31 -4.06
CA PRO C 6 47.47 -60.11 -4.07
C PRO C 6 46.78 -59.86 -5.40
N LEU C 7 45.74 -59.01 -5.35
CA LEU C 7 44.84 -58.73 -6.49
C LEU C 7 45.53 -58.43 -7.84
N GLU C 8 46.60 -57.63 -7.79
CA GLU C 8 47.39 -57.27 -9.00
C GLU C 8 48.02 -58.49 -9.68
N GLN C 9 48.61 -59.38 -8.90
CA GLN C 9 49.17 -60.64 -9.39
C GLN C 9 48.07 -61.62 -9.78
N ILE C 10 47.16 -61.93 -8.84
CA ILE C 10 46.09 -62.94 -9.04
C ILE C 10 45.13 -62.63 -10.20
N ASP C 11 44.75 -61.37 -10.36
CA ASP C 11 43.86 -60.96 -11.45
C ASP C 11 44.21 -59.57 -11.94
N LYS C 12 45.11 -59.54 -12.93
CA LYS C 12 45.59 -58.30 -13.53
C LYS C 12 44.51 -57.62 -14.37
N GLU C 13 43.68 -58.40 -15.06
CA GLU C 13 42.63 -57.82 -15.90
C GLU C 13 41.74 -56.87 -15.08
N LEU C 14 41.22 -57.38 -13.95
CA LEU C 14 40.30 -56.62 -13.08
C LEU C 14 41.00 -55.45 -12.41
N HIS C 15 42.22 -55.68 -11.93
CA HIS C 15 42.98 -54.70 -11.15
C HIS C 15 43.24 -53.44 -11.93
N ASP C 16 43.34 -53.57 -13.25
CA ASP C 16 43.51 -52.43 -14.10
C ASP C 16 42.22 -51.60 -14.16
N ILE C 17 41.08 -52.28 -14.36
CA ILE C 17 39.79 -51.59 -14.50
C ILE C 17 39.51 -50.80 -13.23
N LEU C 18 39.74 -51.44 -12.08
CA LEU C 18 39.61 -50.75 -10.81
C LEU C 18 40.52 -49.53 -10.68
N ALA C 19 41.74 -49.61 -11.21
CA ALA C 19 42.69 -48.48 -11.09
C ALA C 19 42.23 -47.32 -11.96
N ASP C 20 41.68 -47.67 -13.13
CA ASP C 20 41.04 -46.70 -14.01
C ASP C 20 39.83 -46.07 -13.35
N GLU C 21 39.00 -46.90 -12.71
CA GLU C 21 37.85 -46.44 -11.94
C GLU C 21 38.29 -45.57 -10.78
N GLU C 22 39.43 -45.87 -10.15
CA GLU C 22 40.02 -45.04 -9.10
C GLU C 22 40.35 -43.65 -9.66
N LYS C 23 41.00 -43.61 -10.82
CA LYS C 23 41.43 -42.36 -11.47
C LYS C 23 40.24 -41.46 -11.91
N ARG C 24 39.25 -42.03 -12.59
CA ARG C 24 38.03 -41.31 -12.98
C ARG C 24 37.35 -40.67 -11.75
N GLN C 25 37.24 -41.39 -10.63
CA GLN C 25 36.69 -40.82 -9.36
C GLN C 25 37.52 -39.62 -8.87
N ARG C 26 38.83 -39.74 -9.06
CA ARG C 26 39.78 -38.71 -8.62
C ARG C 26 39.70 -37.48 -9.53
N GLU C 27 39.27 -37.68 -10.78
CA GLU C 27 39.31 -36.65 -11.80
C GLU C 27 37.92 -36.16 -12.19
N THR C 28 36.98 -36.20 -11.24
CA THR C 28 35.58 -35.94 -11.53
C THR C 28 35.05 -34.94 -10.52
N ILE C 29 34.33 -33.94 -11.02
CA ILE C 29 33.49 -33.09 -10.17
C ILE C 29 32.19 -33.88 -10.00
N ASN C 30 32.05 -34.52 -8.84
CA ASN C 30 30.96 -35.44 -8.58
C ASN C 30 29.83 -34.71 -7.87
N LEU C 31 28.81 -34.37 -8.65
CA LEU C 31 27.60 -33.77 -8.13
C LEU C 31 26.45 -34.78 -8.01
N ILE C 32 26.74 -36.07 -7.87
CA ILE C 32 25.64 -37.05 -7.65
C ILE C 32 25.22 -36.89 -6.20
N ALA C 33 23.96 -36.51 -5.99
CA ALA C 33 23.51 -36.09 -4.66
C ALA C 33 23.62 -37.20 -3.63
N SER C 34 23.49 -38.43 -4.10
CA SER C 34 23.53 -39.65 -3.28
C SER C 34 24.91 -40.36 -3.14
N GLU C 35 25.97 -39.79 -3.69
CA GLU C 35 27.30 -40.40 -3.61
C GLU C 35 28.17 -39.72 -2.57
N ASN C 36 29.20 -40.44 -2.12
CA ASN C 36 30.24 -39.88 -1.23
C ASN C 36 31.51 -40.66 -1.41
N LEU C 37 32.52 -40.30 -0.64
CA LEU C 37 33.76 -41.03 -0.62
C LEU C 37 33.96 -41.58 0.78
N THR C 38 34.03 -42.90 0.90
CA THR C 38 34.29 -43.55 2.16
C THR C 38 35.77 -43.46 2.49
N ASN C 39 36.10 -43.38 3.77
CA ASN C 39 37.53 -43.32 4.22
C ASN C 39 38.17 -44.68 4.25
N GLY C 40 39.49 -44.72 4.41
CA GLY C 40 40.28 -45.95 4.38
C GLY C 40 39.80 -46.94 5.44
N ALA C 41 39.40 -46.43 6.61
CA ALA C 41 38.91 -47.25 7.70
C ALA C 41 37.64 -48.01 7.36
N VAL C 42 36.58 -47.31 7.00
CA VAL C 42 35.34 -47.95 6.54
C VAL C 42 35.62 -49.05 5.47
N ARG C 43 36.60 -48.81 4.59
CA ARG C 43 37.00 -49.79 3.56
C ARG C 43 37.78 -51.02 4.07
N GLU C 44 38.61 -50.84 5.08
CA GLU C 44 39.28 -51.97 5.77
C GLU C 44 38.32 -52.87 6.56
N CYS C 45 37.19 -52.30 7.00
CA CYS C 45 36.08 -53.08 7.58
C CYS C 45 35.40 -53.91 6.51
N LEU C 46 35.07 -53.26 5.38
CA LEU C 46 34.44 -53.97 4.27
C LEU C 46 35.29 -55.16 3.78
N GLY C 47 36.60 -55.07 3.92
CA GLY C 47 37.49 -56.18 3.60
C GLY C 47 37.93 -57.05 4.78
N ASN C 48 37.25 -56.97 5.91
CA ASN C 48 37.59 -57.73 7.11
C ASN C 48 37.04 -59.15 7.03
N ARG C 49 37.75 -60.10 7.63
CA ARG C 49 37.31 -61.52 7.65
C ARG C 49 36.08 -61.79 8.49
N VAL C 50 35.45 -60.76 9.03
CA VAL C 50 34.20 -60.93 9.74
C VAL C 50 33.05 -61.40 8.80
N SER C 51 33.16 -61.12 7.50
CA SER C 51 32.17 -61.57 6.50
C SER C 51 32.18 -63.10 6.26
N ASN C 52 33.23 -63.79 6.71
CA ASN C 52 33.24 -65.25 6.76
C ASN C 52 32.21 -65.89 7.69
N LYS C 53 31.64 -65.14 8.61
CA LYS C 53 30.80 -65.73 9.64
C LYS C 53 29.33 -65.66 9.29
N TYR C 54 28.68 -66.82 9.36
CA TYR C 54 27.22 -66.91 9.36
C TYR C 54 26.68 -66.63 10.77
N SER C 55 25.85 -65.61 10.93
CA SER C 55 25.22 -65.31 12.22
C SER C 55 23.77 -64.91 12.10
N GLU C 56 22.96 -65.83 11.56
CA GLU C 56 21.51 -65.66 11.44
C GLU C 56 20.83 -65.45 12.78
N GLY C 57 19.84 -64.58 12.79
CA GLY C 57 19.14 -64.18 14.00
C GLY C 57 19.58 -62.79 14.46
N TYR C 58 19.60 -62.60 15.79
CA TYR C 58 19.96 -61.33 16.41
C TYR C 58 20.85 -61.64 17.61
N PRO C 59 21.54 -60.64 18.18
CA PRO C 59 22.45 -60.96 19.28
C PRO C 59 21.83 -61.67 20.48
N LYS C 60 22.57 -62.60 21.08
CA LYS C 60 22.09 -63.45 22.20
C LYS C 60 20.91 -64.41 21.86
N LYS C 61 20.37 -64.35 20.64
CA LYS C 61 19.36 -65.28 20.13
C LYS C 61 19.78 -65.67 18.72
N ARG C 62 20.96 -66.28 18.67
CA ARG C 62 21.59 -66.68 17.43
C ARG C 62 21.37 -68.16 17.27
N TYR C 63 21.14 -68.60 16.03
CA TYR C 63 20.97 -70.01 15.73
C TYR C 63 22.25 -70.82 15.90
N TYR C 64 23.38 -70.27 15.44
CA TYR C 64 24.68 -70.96 15.59
C TYR C 64 25.48 -70.31 16.70
N GLY C 65 26.39 -71.06 17.29
CA GLY C 65 27.34 -70.48 18.25
C GLY C 65 28.53 -69.87 17.53
N GLY C 66 29.61 -69.65 18.29
CA GLY C 66 30.77 -68.93 17.80
C GLY C 66 30.47 -67.47 17.45
N ASN C 67 29.41 -66.90 18.04
CA ASN C 67 28.91 -65.56 17.69
C ASN C 67 29.09 -64.45 18.74
N ASP C 68 30.09 -64.63 19.61
CA ASP C 68 30.33 -63.70 20.72
C ASP C 68 30.93 -62.37 20.23
N PHE C 69 31.95 -62.44 19.38
CA PHE C 69 32.54 -61.21 18.85
C PHE C 69 31.69 -60.52 17.77
N ILE C 70 30.91 -61.30 17.00
CA ILE C 70 29.87 -60.74 16.12
C ILE C 70 28.77 -60.06 16.93
N ASP C 71 28.29 -60.72 17.99
CA ASP C 71 27.32 -60.09 18.91
C ASP C 71 27.81 -58.77 19.44
N LYS C 72 29.07 -58.70 19.83
CA LYS C 72 29.61 -57.41 20.28
C LYS C 72 29.49 -56.33 19.18
N ILE C 73 29.87 -56.66 17.95
CA ILE C 73 29.82 -55.71 16.84
C ILE C 73 28.39 -55.27 16.51
N GLU C 74 27.46 -56.20 16.38
CA GLU C 74 26.09 -55.81 16.08
C GLU C 74 25.46 -54.95 17.18
N GLU C 75 25.81 -55.21 18.44
CA GLU C 75 25.32 -54.40 19.62
C GLU C 75 25.98 -53.00 19.67
N LEU C 76 27.31 -52.96 19.56
CA LEU C 76 28.04 -51.67 19.35
C LEU C 76 27.57 -50.85 18.12
N CYS C 77 27.15 -51.51 17.04
CA CYS C 77 26.61 -50.79 15.91
C CYS C 77 25.22 -50.20 16.21
N GLN C 78 24.32 -51.02 16.72
CA GLN C 78 22.93 -50.61 17.06
C GLN C 78 22.85 -49.45 18.03
N LYS C 79 23.73 -49.53 19.03
CA LYS C 79 23.92 -48.54 20.07
C LYS C 79 24.36 -47.24 19.42
N ARG C 80 25.49 -47.29 18.72
CA ARG C 80 26.07 -46.10 18.10
C ARG C 80 25.07 -45.40 17.18
N ALA C 81 24.17 -46.14 16.54
CA ALA C 81 23.16 -45.51 15.67
C ALA C 81 22.07 -44.80 16.45
N LEU C 82 21.72 -45.33 17.62
CA LEU C 82 20.72 -44.66 18.48
C LEU C 82 21.32 -43.38 19.13
N GLU C 83 22.53 -43.48 19.67
CA GLU C 83 23.31 -42.30 20.07
C GLU C 83 23.40 -41.22 18.96
N ALA C 84 23.68 -41.65 17.72
CA ALA C 84 23.88 -40.72 16.62
C ALA C 84 22.61 -39.98 16.26
N PHE C 85 21.47 -40.66 16.25
CA PHE C 85 20.19 -40.01 16.00
C PHE C 85 19.46 -39.53 17.26
N ASN C 86 20.19 -39.40 18.37
CA ASN C 86 19.70 -38.70 19.57
C ASN C 86 18.36 -39.26 20.06
N VAL C 87 18.35 -40.58 20.25
CA VAL C 87 17.18 -41.34 20.71
C VAL C 87 17.66 -42.30 21.82
N SER C 88 16.81 -42.48 22.85
CA SER C 88 17.11 -43.39 23.98
C SER C 88 16.65 -44.80 23.61
N ASP C 89 17.47 -45.80 23.96
CA ASP C 89 17.16 -47.20 23.62
C ASP C 89 15.95 -47.82 24.33
N GLU C 90 15.34 -47.05 25.24
CA GLU C 90 14.10 -47.44 25.88
C GLU C 90 12.89 -47.07 25.01
N GLU C 91 12.99 -45.99 24.22
CA GLU C 91 11.89 -45.54 23.33
C GLU C 91 12.06 -46.00 21.85
N TRP C 92 13.32 -46.15 21.43
CA TRP C 92 13.62 -46.50 20.05
C TRP C 92 14.52 -47.71 19.99
N GLY C 93 14.15 -48.65 19.13
CA GLY C 93 15.07 -49.67 18.67
C GLY C 93 15.51 -49.47 17.22
N VAL C 94 16.61 -50.13 16.88
CA VAL C 94 17.15 -50.09 15.52
C VAL C 94 17.59 -51.48 15.04
N ASN C 95 17.17 -51.83 13.81
CA ASN C 95 17.72 -52.99 13.06
C ASN C 95 18.90 -52.59 12.12
N VAL C 96 20.05 -53.23 12.29
CA VAL C 96 21.27 -52.89 11.53
C VAL C 96 21.59 -53.90 10.41
N GLN C 97 20.64 -54.78 10.12
CA GLN C 97 20.90 -55.84 9.15
C GLN C 97 20.64 -55.52 7.68
N PRO C 98 19.62 -54.67 7.36
CA PRO C 98 19.27 -54.53 5.94
C PRO C 98 20.44 -54.23 5.00
N LEU C 99 20.41 -54.90 3.85
CA LEU C 99 21.57 -54.92 2.99
C LEU C 99 21.72 -53.65 2.21
N SER C 100 20.61 -53.02 1.85
CA SER C 100 20.61 -51.69 1.26
C SER C 100 19.27 -51.01 1.48
N GLY C 101 19.15 -49.76 1.06
CA GLY C 101 17.95 -49.00 1.31
C GLY C 101 16.64 -49.59 0.86
N SER C 102 16.61 -50.13 -0.37
CA SER C 102 15.34 -50.62 -0.95
C SER C 102 14.85 -51.85 -0.22
N ALA C 103 15.78 -52.69 0.19
CA ALA C 103 15.48 -53.81 1.10
C ALA C 103 14.92 -53.27 2.45
N ALA C 104 15.56 -52.26 3.02
CA ALA C 104 15.13 -51.76 4.35
C ALA C 104 13.71 -51.23 4.28
N ASN C 105 13.37 -50.47 3.24
CA ASN C 105 11.99 -49.98 3.08
C ASN C 105 10.96 -51.09 2.85
N VAL C 106 11.21 -52.01 1.92
CA VAL C 106 10.28 -53.15 1.69
C VAL C 106 10.04 -53.96 2.98
N GLN C 107 11.11 -54.28 3.68
CA GLN C 107 11.05 -55.02 4.93
C GLN C 107 10.19 -54.28 5.97
N ALA C 108 10.55 -53.01 6.23
CA ALA C 108 9.79 -52.15 7.15
C ALA C 108 8.29 -52.05 6.82
N LEU C 109 7.98 -51.85 5.54
CA LEU C 109 6.60 -51.73 5.09
C LEU C 109 5.85 -53.05 5.19
N TYR C 110 6.53 -54.17 5.04
CA TYR C 110 5.88 -55.46 5.24
C TYR C 110 5.53 -55.62 6.73
N ALA C 111 6.51 -55.32 7.59
CA ALA C 111 6.28 -55.41 9.05
C ALA C 111 5.04 -54.65 9.54
N LEU C 112 4.81 -53.43 9.05
CA LEU C 112 3.67 -52.60 9.51
C LEU C 112 2.33 -53.04 8.97
N VAL C 113 2.32 -53.45 7.71
CA VAL C 113 1.08 -53.67 6.99
C VAL C 113 0.83 -55.04 6.39
N GLY C 114 1.90 -55.78 6.08
CA GLY C 114 1.77 -57.07 5.44
C GLY C 114 1.35 -56.95 3.99
N VAL C 115 1.19 -58.12 3.36
CA VAL C 115 0.76 -58.24 1.97
C VAL C 115 -0.67 -57.71 1.84
N LYS C 116 -0.98 -57.20 0.65
CA LYS C 116 -2.19 -56.40 0.39
C LYS C 116 -2.27 -55.14 1.30
N GLY C 117 -1.15 -54.72 1.89
CA GLY C 117 -1.10 -53.56 2.79
C GLY C 117 -1.28 -52.27 2.01
N LYS C 118 -1.89 -51.25 2.66
CA LYS C 118 -2.20 -49.97 2.02
C LYS C 118 -1.13 -48.92 2.35
N ILE C 119 -0.49 -48.38 1.31
CA ILE C 119 0.52 -47.32 1.48
C ILE C 119 0.36 -46.08 0.57
N MET C 120 0.85 -44.95 1.08
CA MET C 120 0.89 -43.69 0.33
C MET C 120 2.32 -43.22 0.26
N GLY C 121 2.67 -42.57 -0.84
CA GLY C 121 4.03 -42.06 -1.00
C GLY C 121 4.11 -40.99 -2.06
N MET C 122 5.22 -40.27 -2.05
CA MET C 122 5.48 -39.29 -3.09
C MET C 122 5.82 -39.99 -4.41
N HIS C 123 5.06 -39.64 -5.45
CA HIS C 123 5.30 -40.08 -6.82
C HIS C 123 6.76 -39.82 -7.18
N LEU C 124 7.29 -40.65 -8.06
CA LEU C 124 8.71 -40.61 -8.43
C LEU C 124 9.11 -39.33 -9.16
N CYS C 125 8.35 -38.98 -10.19
CA CYS C 125 8.41 -37.65 -10.85
C CYS C 125 8.51 -36.44 -9.90
N SER C 126 7.75 -36.48 -8.80
CA SER C 126 7.77 -35.41 -7.79
C SER C 126 8.86 -35.53 -6.73
N GLY C 127 9.68 -36.59 -6.78
CA GLY C 127 10.87 -36.73 -5.93
C GLY C 127 10.93 -37.91 -4.97
N GLY C 128 9.90 -38.76 -4.96
CA GLY C 128 9.90 -39.94 -4.11
C GLY C 128 10.77 -41.06 -4.68
N HIS C 129 11.03 -42.09 -3.86
CA HIS C 129 11.76 -43.27 -4.29
C HIS C 129 10.82 -44.35 -4.83
N LEU C 130 11.41 -45.27 -5.59
CA LEU C 130 10.71 -46.44 -6.15
C LEU C 130 10.03 -47.29 -5.08
N THR C 131 10.75 -47.46 -3.96
CA THR C 131 10.28 -48.19 -2.77
C THR C 131 9.23 -47.49 -1.90
N HIS C 132 8.64 -46.40 -2.40
CA HIS C 132 7.55 -45.69 -1.73
C HIS C 132 6.23 -45.90 -2.49
N GLY C 133 6.13 -47.06 -3.15
CA GLY C 133 4.95 -47.44 -3.92
C GLY C 133 4.94 -47.12 -5.40
N PHE C 134 6.08 -46.85 -6.02
CA PHE C 134 6.06 -46.42 -7.44
C PHE C 134 5.47 -47.44 -8.40
N PHE C 135 4.53 -46.98 -9.23
CA PHE C 135 4.07 -47.73 -10.39
C PHE C 135 3.73 -46.83 -11.55
N ASP C 136 3.60 -47.45 -12.72
CA ASP C 136 3.20 -46.81 -13.95
C ASP C 136 1.85 -47.42 -14.37
N GLU C 137 1.15 -46.74 -15.28
CA GLU C 137 -0.10 -47.25 -15.84
C GLU C 137 0.10 -48.66 -16.44
N LYS C 138 1.25 -48.84 -17.09
CA LYS C 138 1.59 -50.09 -17.79
C LYS C 138 1.72 -51.29 -16.82
N LYS C 139 2.58 -51.13 -15.80
CA LYS C 139 2.70 -52.15 -14.75
C LYS C 139 3.25 -51.60 -13.42
N LYS C 140 3.20 -52.47 -12.41
CA LYS C 140 3.70 -52.20 -11.07
C LYS C 140 5.23 -52.30 -11.02
N VAL C 141 5.91 -51.17 -11.22
CA VAL C 141 7.37 -51.19 -11.45
C VAL C 141 8.13 -51.62 -10.19
N SER C 142 7.66 -51.18 -9.02
CA SER C 142 8.29 -51.53 -7.75
C SER C 142 7.50 -52.65 -7.09
N ILE C 143 8.20 -53.53 -6.40
CA ILE C 143 7.54 -54.51 -5.52
C ILE C 143 6.65 -53.84 -4.49
N THR C 144 6.94 -52.61 -4.11
CA THR C 144 6.11 -51.90 -3.18
C THR C 144 4.77 -51.48 -3.76
N SER C 145 4.60 -51.46 -5.07
CA SER C 145 3.26 -51.23 -5.67
C SER C 145 2.45 -52.51 -5.84
N ASP C 146 3.13 -53.66 -5.91
CA ASP C 146 2.53 -54.98 -6.21
C ASP C 146 2.26 -55.84 -4.97
N MET C 147 3.18 -55.82 -4.00
CA MET C 147 2.96 -56.60 -2.77
C MET C 147 2.08 -55.81 -1.81
N PHE C 148 2.01 -54.51 -2.03
CA PHE C 148 1.18 -53.61 -1.30
C PHE C 148 0.21 -52.92 -2.30
N GLU C 149 -0.87 -52.33 -1.80
CA GLU C 149 -1.73 -51.44 -2.60
C GLU C 149 -1.29 -49.98 -2.36
N SER C 150 -0.82 -49.31 -3.41
CA SER C 150 -0.21 -48.00 -3.22
C SER C 150 -0.93 -46.88 -3.99
N LYS C 151 -0.96 -45.71 -3.38
CA LYS C 151 -1.43 -44.50 -4.05
C LYS C 151 -0.41 -43.37 -3.86
N LEU C 152 -0.36 -42.48 -4.85
CA LEU C 152 0.77 -41.53 -4.98
C LEU C 152 0.29 -40.11 -5.02
N TYR C 153 0.95 -39.28 -4.21
CA TYR C 153 0.63 -37.86 -4.07
C TYR C 153 1.74 -37.04 -4.73
N LYS C 154 1.34 -35.96 -5.41
CA LYS C 154 2.25 -35.11 -6.18
C LYS C 154 2.67 -33.93 -5.35
N CYS C 155 3.68 -33.23 -5.85
CA CYS C 155 4.00 -31.88 -5.38
C CYS C 155 3.27 -30.91 -6.28
N ASN C 156 3.03 -29.71 -5.75
CA ASN C 156 2.45 -28.59 -6.54
C ASN C 156 3.39 -28.09 -7.61
N SER C 157 2.91 -27.18 -8.46
CA SER C 157 3.68 -26.66 -9.62
C SER C 157 4.97 -25.93 -9.29
N GLN C 158 5.17 -25.51 -8.03
CA GLN C 158 6.43 -24.93 -7.57
C GLN C 158 7.38 -25.96 -6.95
N GLY C 159 7.00 -27.25 -6.99
CA GLY C 159 7.85 -28.34 -6.49
C GLY C 159 7.80 -28.63 -5.00
N TYR C 160 6.69 -28.29 -4.35
CA TYR C 160 6.60 -28.35 -2.90
C TYR C 160 5.63 -29.44 -2.50
N VAL C 161 5.96 -30.16 -1.43
CA VAL C 161 5.00 -31.06 -0.78
C VAL C 161 3.74 -30.28 -0.45
N ASP C 162 2.62 -30.74 -1.00
CA ASP C 162 1.31 -30.08 -0.90
C ASP C 162 0.46 -30.84 0.11
N LEU C 163 0.58 -30.48 1.39
CA LEU C 163 -0.09 -31.22 2.48
C LEU C 163 -1.61 -31.37 2.28
N ASP C 164 -2.27 -30.34 1.78
CA ASP C 164 -3.72 -30.43 1.51
C ASP C 164 -4.06 -31.58 0.57
N ALA C 165 -3.19 -31.85 -0.40
CA ALA C 165 -3.40 -32.98 -1.29
C ALA C 165 -3.23 -34.33 -0.58
N VAL C 166 -2.24 -34.41 0.31
CA VAL C 166 -2.00 -35.62 1.13
C VAL C 166 -3.22 -35.95 2.02
N ARG C 167 -3.84 -34.92 2.60
CA ARG C 167 -5.05 -35.08 3.43
C ARG C 167 -6.23 -35.64 2.63
N GLU C 168 -6.51 -35.06 1.46
CA GLU C 168 -7.61 -35.51 0.58
C GLU C 168 -7.47 -36.98 0.22
N MET C 169 -6.23 -37.38 -0.07
CA MET C 169 -5.90 -38.75 -0.49
C MET C 169 -5.93 -39.69 0.72
N ALA C 170 -5.29 -39.30 1.83
CA ALA C 170 -5.31 -40.14 3.04
C ALA C 170 -6.74 -40.47 3.59
N LEU C 171 -7.65 -39.49 3.59
CA LEU C 171 -9.01 -39.68 4.12
C LEU C 171 -9.93 -40.53 3.23
N SER C 172 -9.77 -40.41 1.91
CA SER C 172 -10.52 -41.28 0.97
C SER C 172 -9.91 -42.69 0.87
N PHE C 173 -8.58 -42.75 0.69
CA PHE C 173 -7.85 -44.03 0.54
C PHE C 173 -7.74 -44.85 1.85
N LYS C 174 -7.55 -44.15 2.97
CA LYS C 174 -7.47 -44.75 4.32
C LYS C 174 -6.33 -45.77 4.47
N PRO C 175 -5.09 -45.37 4.17
CA PRO C 175 -3.99 -46.31 4.24
C PRO C 175 -3.46 -46.55 5.65
N LYS C 176 -2.60 -47.57 5.79
CA LYS C 176 -1.89 -47.90 7.04
C LYS C 176 -0.49 -47.27 7.12
N VAL C 177 0.12 -46.96 5.98
CA VAL C 177 1.37 -46.17 6.00
C VAL C 177 1.36 -44.97 5.04
N ILE C 178 1.87 -43.84 5.52
CA ILE C 178 2.15 -42.70 4.67
C ILE C 178 3.63 -42.50 4.80
N ILE C 179 4.29 -42.46 3.64
CA ILE C 179 5.74 -42.30 3.57
C ILE C 179 6.09 -40.88 3.16
N CYS C 180 7.03 -40.28 3.88
CA CYS C 180 7.70 -39.03 3.51
C CYS C 180 9.19 -39.17 3.76
N GLY C 181 9.97 -38.18 3.30
CA GLY C 181 11.42 -38.34 3.12
C GLY C 181 11.63 -38.91 1.70
N TYR C 182 12.66 -38.39 0.99
CA TYR C 182 12.63 -38.37 -0.49
C TYR C 182 13.98 -38.54 -1.18
N THR C 183 13.94 -38.70 -2.51
CA THR C 183 15.19 -38.96 -3.24
C THR C 183 15.73 -37.69 -3.89
N SER C 184 14.86 -36.87 -4.46
CA SER C 184 15.25 -35.55 -4.97
C SER C 184 14.26 -34.47 -4.57
N TYR C 185 14.16 -34.22 -3.27
CA TYR C 185 13.32 -33.15 -2.75
C TYR C 185 14.27 -32.17 -2.10
N PRO C 186 14.37 -30.96 -2.65
CA PRO C 186 15.39 -29.99 -2.23
C PRO C 186 15.05 -29.13 -1.01
N ARG C 187 13.89 -29.39 -0.37
CA ARG C 187 13.51 -28.70 0.88
C ARG C 187 13.21 -29.66 2.04
N ASP C 188 13.14 -29.07 3.24
CA ASP C 188 12.84 -29.78 4.46
C ASP C 188 11.36 -30.21 4.52
N ILE C 189 11.06 -31.05 5.50
CA ILE C 189 9.77 -31.71 5.60
C ILE C 189 9.05 -31.28 6.88
N ASP C 190 7.75 -31.07 6.74
CA ASP C 190 6.90 -30.77 7.87
C ASP C 190 6.38 -32.10 8.44
N TYR C 191 7.17 -32.73 9.30
CA TYR C 191 6.82 -34.05 9.82
C TYR C 191 5.58 -33.98 10.70
N GLN C 192 5.50 -32.93 11.53
CA GLN C 192 4.36 -32.74 12.43
C GLN C 192 3.05 -32.71 11.67
N GLN C 193 3.04 -32.06 10.52
CA GLN C 193 1.87 -32.06 9.67
C GLN C 193 1.55 -33.43 9.13
N PHE C 194 2.57 -34.23 8.79
CA PHE C 194 2.32 -35.63 8.38
C PHE C 194 1.73 -36.44 9.54
N ARG C 195 2.31 -36.30 10.72
CA ARG C 195 1.82 -36.93 11.97
C ARG C 195 0.35 -36.63 12.26
N GLN C 196 -0.05 -35.38 12.07
CA GLN C 196 -1.43 -34.95 12.26
C GLN C 196 -2.35 -35.63 11.25
N ILE C 197 -1.93 -35.67 9.99
CA ILE C 197 -2.68 -36.40 8.94
C ILE C 197 -2.75 -37.90 9.23
N CYS C 198 -1.65 -38.46 9.71
CA CYS C 198 -1.59 -39.88 10.04
C CYS C 198 -2.54 -40.20 11.20
N ASP C 199 -2.40 -39.45 12.30
CA ASP C 199 -3.28 -39.55 13.47
C ASP C 199 -4.78 -39.50 13.16
N GLU C 200 -5.20 -38.70 12.17
CA GLU C 200 -6.63 -38.68 11.77
C GLU C 200 -7.10 -40.06 11.39
N VAL C 201 -6.26 -40.76 10.63
CA VAL C 201 -6.62 -41.99 9.93
C VAL C 201 -6.05 -43.26 10.59
N ASN C 202 -5.35 -43.13 11.72
CA ASN C 202 -4.76 -44.29 12.44
C ASN C 202 -3.75 -45.06 11.57
N ALA C 203 -2.97 -44.30 10.78
CA ALA C 203 -1.95 -44.84 9.86
C ALA C 203 -0.61 -44.59 10.51
N TYR C 204 0.38 -45.40 10.18
CA TYR C 204 1.75 -45.17 10.65
C TYR C 204 2.44 -44.06 9.84
N LEU C 205 3.36 -43.35 10.49
CA LEU C 205 4.19 -42.33 9.82
C LEU C 205 5.57 -42.90 9.55
N PHE C 206 5.95 -42.90 8.28
CA PHE C 206 7.20 -43.50 7.81
C PHE C 206 8.06 -42.36 7.23
N ALA C 207 9.25 -42.17 7.78
CA ALA C 207 10.18 -41.17 7.31
C ALA C 207 11.49 -41.75 6.70
N ASP C 208 11.62 -41.67 5.37
CA ASP C 208 12.87 -42.11 4.69
C ASP C 208 13.84 -40.96 4.60
N ILE C 209 14.82 -40.92 5.49
CA ILE C 209 15.75 -39.82 5.59
C ILE C 209 17.16 -40.12 5.03
N SER C 210 17.24 -41.06 4.05
CA SER C 210 18.50 -41.49 3.39
C SER C 210 19.32 -40.33 2.83
N HIS C 211 18.65 -39.38 2.20
CA HIS C 211 19.33 -38.23 1.64
C HIS C 211 19.78 -37.16 2.65
N ILE C 212 19.11 -37.12 3.80
CA ILE C 212 19.32 -36.02 4.76
C ILE C 212 19.79 -36.47 6.15
N SER C 213 20.10 -37.76 6.26
CA SER C 213 20.36 -38.39 7.56
C SER C 213 21.28 -37.56 8.47
N SER C 214 22.39 -37.08 7.91
CA SER C 214 23.35 -36.23 8.63
C SER C 214 22.73 -34.96 9.16
N PHE C 215 21.86 -34.34 8.39
CA PHE C 215 21.19 -33.15 8.84
C PHE C 215 20.31 -33.45 10.05
N VAL C 216 19.72 -34.64 10.07
CA VAL C 216 18.82 -35.00 11.14
C VAL C 216 19.65 -35.29 12.39
N ALA C 217 20.68 -36.10 12.25
CA ALA C 217 21.53 -36.43 13.40
C ALA C 217 22.26 -35.24 14.02
N CYS C 218 22.73 -34.33 13.17
CA CYS C 218 23.44 -33.13 13.63
C CYS C 218 22.47 -31.99 14.02
N ASN C 219 21.16 -32.19 13.86
CA ASN C 219 20.11 -31.18 14.21
C ASN C 219 20.07 -29.85 13.39
N ILE C 220 20.60 -29.90 12.17
CA ILE C 220 20.48 -28.81 11.20
C ILE C 220 19.07 -28.77 10.61
N LEU C 221 18.53 -29.92 10.23
CA LEU C 221 17.17 -30.01 9.69
C LEU C 221 16.18 -30.58 10.68
N ASN C 222 14.90 -30.52 10.33
CA ASN C 222 13.84 -31.07 11.17
C ASN C 222 14.11 -32.51 11.57
N ASN C 223 13.51 -32.90 12.71
CA ASN C 223 13.70 -34.22 13.30
C ASN C 223 12.43 -35.03 13.12
N PRO C 224 12.50 -36.14 12.36
CA PRO C 224 11.30 -36.98 12.26
C PRO C 224 11.16 -37.96 13.44
N PHE C 225 12.20 -38.11 14.27
CA PHE C 225 12.10 -38.95 15.48
C PHE C 225 11.05 -38.42 16.50
N LEU C 226 10.65 -37.15 16.40
CA LEU C 226 9.63 -36.56 17.26
C LEU C 226 8.20 -36.99 16.89
N HIS C 227 8.00 -37.39 15.63
CA HIS C 227 6.66 -37.70 15.11
C HIS C 227 6.50 -39.08 14.46
N ALA C 228 7.56 -39.67 13.94
CA ALA C 228 7.42 -40.90 13.15
C ALA C 228 7.47 -42.19 13.98
N ASP C 229 6.67 -43.15 13.57
CA ASP C 229 6.73 -44.52 14.09
C ASP C 229 7.96 -45.26 13.57
N VAL C 230 8.23 -45.09 12.27
CA VAL C 230 9.34 -45.75 11.58
C VAL C 230 10.26 -44.74 10.85
N VAL C 231 11.56 -44.79 11.12
CA VAL C 231 12.53 -44.08 10.29
C VAL C 231 13.52 -45.06 9.61
N THR C 232 13.64 -44.97 8.28
CA THR C 232 14.70 -45.70 7.54
C THR C 232 15.75 -44.74 7.00
N THR C 233 16.99 -45.20 6.97
CA THR C 233 18.02 -44.48 6.24
C THR C 233 19.06 -45.43 5.67
N THR C 234 19.57 -45.07 4.51
CA THR C 234 20.80 -45.66 4.03
C THR C 234 21.94 -45.04 4.81
N THR C 235 23.05 -45.75 4.82
CA THR C 235 24.28 -45.34 5.47
C THR C 235 25.37 -44.82 4.52
N HIS C 236 25.12 -44.78 3.19
CA HIS C 236 26.19 -44.57 2.14
C HIS C 236 26.17 -43.22 1.42
N LYS C 237 25.11 -42.43 1.64
CA LYS C 237 24.99 -41.14 1.02
C LYS C 237 25.63 -40.11 1.95
N ILE C 238 24.88 -39.08 2.38
CA ILE C 238 25.46 -37.97 3.18
C ILE C 238 26.12 -38.42 4.48
N LEU C 239 25.63 -39.53 5.05
CA LEU C 239 26.30 -40.18 6.21
C LEU C 239 27.74 -40.65 5.97
N ARG C 240 28.09 -40.92 4.72
CA ARG C 240 29.45 -41.30 4.31
C ARG C 240 29.89 -42.64 4.89
N GLY C 241 28.96 -43.56 5.06
CA GLY C 241 29.28 -44.93 5.45
C GLY C 241 29.28 -45.88 4.26
N PRO C 242 29.17 -47.18 4.53
CA PRO C 242 29.15 -48.16 3.48
C PRO C 242 27.74 -48.36 2.94
N ARG C 243 27.62 -49.24 1.95
CA ARG C 243 26.35 -49.47 1.32
C ARG C 243 25.57 -50.42 2.21
N SER C 244 24.64 -49.86 2.97
CA SER C 244 23.88 -50.60 3.98
C SER C 244 22.67 -49.80 4.41
N ALA C 245 21.85 -50.37 5.28
CA ALA C 245 20.76 -49.57 5.86
C ALA C 245 20.44 -49.85 7.33
N LEU C 246 19.66 -48.92 7.91
CA LEU C 246 19.20 -48.93 9.31
C LEU C 246 17.70 -48.75 9.31
N ILE C 247 16.99 -49.58 10.08
CA ILE C 247 15.54 -49.37 10.33
C ILE C 247 15.34 -48.97 11.80
N PHE C 248 14.69 -47.82 12.00
CA PHE C 248 14.36 -47.31 13.34
C PHE C 248 12.86 -47.52 13.60
N PHE C 249 12.54 -47.94 14.84
CA PHE C 249 11.14 -48.16 15.22
C PHE C 249 10.88 -47.60 16.62
N ASN C 250 9.69 -47.06 16.79
CA ASN C 250 9.31 -46.35 18.02
C ASN C 250 8.56 -47.29 18.97
N LYS C 251 9.22 -47.73 20.05
CA LYS C 251 8.61 -48.68 20.98
C LYS C 251 7.41 -48.08 21.75
N LYS C 252 7.60 -46.88 22.33
CA LYS C 252 6.58 -46.19 23.15
C LYS C 252 5.24 -46.03 22.49
N ARG C 253 5.26 -45.67 21.22
CA ARG C 253 4.04 -45.35 20.47
C ARG C 253 3.36 -46.62 19.96
N ASN C 254 4.15 -47.67 19.72
CA ASN C 254 3.65 -48.91 19.10
C ASN C 254 4.26 -50.16 19.76
N PRO C 255 3.62 -50.66 20.84
CA PRO C 255 4.13 -51.88 21.50
C PRO C 255 4.16 -53.10 20.57
N GLY C 256 5.19 -53.94 20.70
CA GLY C 256 5.32 -55.13 19.84
C GLY C 256 5.79 -54.91 18.40
N ILE C 257 6.14 -53.67 18.05
CA ILE C 257 6.71 -53.35 16.73
C ILE C 257 8.15 -53.86 16.61
N GLU C 258 8.92 -53.90 17.71
CA GLU C 258 10.28 -54.46 17.67
C GLU C 258 10.34 -55.88 17.11
N GLN C 259 9.37 -56.70 17.47
CA GLN C 259 9.30 -58.06 16.96
C GLN C 259 8.91 -58.07 15.49
N LYS C 260 7.95 -57.23 15.11
CA LYS C 260 7.47 -57.14 13.72
C LYS C 260 8.59 -56.80 12.73
N ILE C 261 9.39 -55.79 13.09
CA ILE C 261 10.48 -55.28 12.29
C ILE C 261 11.63 -56.29 12.27
N ASN C 262 12.05 -56.76 13.44
CA ASN C 262 13.18 -57.68 13.49
C ASN C 262 12.92 -58.99 12.74
N SER C 263 11.69 -59.49 12.79
CA SER C 263 11.33 -60.74 12.14
C SER C 263 11.11 -60.51 10.64
N ALA C 264 10.71 -59.29 10.26
CA ALA C 264 10.62 -58.87 8.87
C ALA C 264 11.99 -58.86 8.16
N VAL C 265 13.00 -58.31 8.81
CA VAL C 265 14.32 -58.43 8.26
C VAL C 265 14.77 -59.91 8.19
N PHE C 266 14.59 -60.66 9.27
CA PHE C 266 14.87 -62.10 9.28
C PHE C 266 13.87 -62.79 10.19
N PRO C 267 13.25 -63.90 9.77
CA PRO C 267 13.56 -64.64 8.54
C PRO C 267 12.63 -64.34 7.37
N SER C 268 11.77 -63.34 7.51
CA SER C 268 10.85 -63.05 6.45
C SER C 268 11.58 -62.81 5.10
N PHE C 269 12.62 -61.95 5.10
CA PHE C 269 13.25 -61.47 3.87
C PHE C 269 14.70 -61.89 3.70
N GLN C 270 15.54 -61.59 4.67
CA GLN C 270 16.97 -61.89 4.60
C GLN C 270 17.30 -63.21 5.30
N GLY C 271 18.54 -63.68 5.05
CA GLY C 271 19.18 -64.76 5.79
C GLY C 271 20.36 -64.16 6.54
N GLY C 272 21.55 -64.74 6.39
CA GLY C 272 22.72 -64.30 7.13
C GLY C 272 22.97 -62.79 7.03
N PRO C 273 23.40 -62.16 8.15
CA PRO C 273 23.79 -60.73 8.03
C PRO C 273 25.17 -60.60 7.39
N HIS C 274 25.42 -59.48 6.72
CA HIS C 274 26.74 -59.19 6.21
C HIS C 274 27.52 -58.39 7.26
N ASN C 275 28.38 -59.10 7.98
CA ASN C 275 29.01 -58.54 9.18
C ASN C 275 30.09 -57.54 8.90
N ASN C 276 30.77 -57.65 7.78
CA ASN C 276 31.65 -56.56 7.30
C ASN C 276 30.93 -55.22 7.10
N LYS C 277 29.67 -55.25 6.67
CA LYS C 277 28.87 -54.02 6.52
C LYS C 277 28.57 -53.45 7.91
N ILE C 278 28.12 -54.35 8.78
CA ILE C 278 27.75 -53.97 10.13
C ILE C 278 28.99 -53.38 10.85
N ALA C 279 30.13 -54.04 10.73
CA ALA C 279 31.39 -53.47 11.17
C ALA C 279 31.59 -52.06 10.62
N ALA C 280 31.49 -51.95 9.29
CA ALA C 280 31.75 -50.70 8.60
C ALA C 280 30.79 -49.58 9.00
N VAL C 281 29.52 -49.92 9.16
CA VAL C 281 28.54 -49.00 9.69
C VAL C 281 28.94 -48.54 11.09
N ALA C 282 29.38 -49.45 11.96
CA ALA C 282 29.83 -49.06 13.32
C ALA C 282 30.95 -48.03 13.28
N CYS C 283 31.94 -48.27 12.43
CA CYS C 283 33.10 -47.37 12.28
C CYS C 283 32.76 -45.93 11.88
N GLN C 284 31.79 -45.79 10.97
CA GLN C 284 31.36 -44.49 10.49
C GLN C 284 30.47 -43.77 11.50
N LEU C 285 29.66 -44.52 12.23
CA LEU C 285 28.81 -43.96 13.29
C LEU C 285 29.61 -43.33 14.46
N LYS C 286 30.80 -43.84 14.76
CA LYS C 286 31.68 -43.16 15.69
C LYS C 286 31.97 -41.81 15.10
N GLU C 287 32.45 -41.78 13.85
CA GLU C 287 32.69 -40.52 13.15
C GLU C 287 31.43 -39.66 13.02
N VAL C 288 30.27 -40.25 12.79
CA VAL C 288 29.04 -39.47 12.76
C VAL C 288 28.86 -38.71 14.06
N HIS C 289 29.24 -39.30 15.18
CA HIS C 289 29.04 -38.65 16.49
C HIS C 289 30.05 -37.55 16.88
N SER C 290 31.20 -37.47 16.21
CA SER C 290 32.25 -36.49 16.52
C SER C 290 31.87 -35.07 16.07
N PRO C 291 32.51 -34.04 16.62
CA PRO C 291 32.13 -32.68 16.24
C PRO C 291 32.75 -32.25 14.89
N ALA C 292 33.83 -32.92 14.48
CA ALA C 292 34.36 -32.81 13.12
C ALA C 292 33.33 -33.16 12.04
N PHE C 293 32.38 -34.05 12.37
CA PHE C 293 31.36 -34.46 11.41
C PHE C 293 30.28 -33.42 11.32
N LYS C 294 29.90 -32.83 12.45
CA LYS C 294 28.94 -31.70 12.43
C LYS C 294 29.50 -30.59 11.56
N GLU C 295 30.80 -30.33 11.68
CA GLU C 295 31.45 -29.26 10.91
C GLU C 295 31.33 -29.59 9.41
N TYR C 296 31.62 -30.85 9.04
CA TYR C 296 31.52 -31.32 7.65
C TYR C 296 30.10 -31.16 7.11
N THR C 297 29.12 -31.62 7.90
CA THR C 297 27.71 -31.60 7.49
C THR C 297 27.23 -30.15 7.29
N GLN C 298 27.66 -29.25 8.18
CA GLN C 298 27.39 -27.80 8.05
C GLN C 298 27.93 -27.31 6.72
N GLN C 299 29.12 -27.79 6.36
CA GLN C 299 29.78 -27.40 5.12
C GLN C 299 29.00 -27.81 3.86
N VAL C 300 28.48 -29.04 3.85
CA VAL C 300 27.62 -29.52 2.77
C VAL C 300 26.48 -28.52 2.52
N LEU C 301 25.92 -28.00 3.61
CA LEU C 301 24.80 -27.08 3.48
C LEU C 301 25.26 -25.75 2.92
N LEU C 302 26.41 -25.27 3.37
CA LEU C 302 26.90 -23.96 2.96
C LEU C 302 27.20 -23.99 1.48
N ASN C 303 27.94 -25.01 1.04
CA ASN C 303 28.21 -25.22 -0.39
C ASN C 303 26.93 -25.32 -1.22
N SER C 304 25.92 -25.99 -0.70
CA SER C 304 24.67 -26.13 -1.41
C SER C 304 23.88 -24.81 -1.51
N LYS C 305 23.98 -23.99 -0.47
CA LYS C 305 23.40 -22.64 -0.47
C LYS C 305 24.12 -21.73 -1.47
N ALA C 306 25.45 -21.67 -1.34
CA ALA C 306 26.28 -20.90 -2.27
C ALA C 306 26.16 -21.39 -3.71
N LEU C 307 26.06 -22.71 -3.91
CA LEU C 307 25.88 -23.26 -5.24
C LEU C 307 24.55 -22.81 -5.81
N ALA C 308 23.51 -22.81 -4.98
CA ALA C 308 22.21 -22.34 -5.44
C ALA C 308 22.28 -20.85 -5.79
N LYS C 309 22.89 -20.11 -4.88
CA LYS C 309 23.10 -18.67 -5.01
C LYS C 309 23.83 -18.32 -6.31
N ALA C 310 24.95 -18.98 -6.60
CA ALA C 310 25.73 -18.68 -7.82
C ALA C 310 25.03 -19.09 -9.14
N LEU C 311 24.24 -20.16 -9.10
CA LEU C 311 23.47 -20.60 -10.27
C LEU C 311 22.36 -19.59 -10.61
N ILE C 312 21.64 -19.11 -9.60
CA ILE C 312 20.60 -18.08 -9.78
C ILE C 312 21.21 -16.81 -10.38
N SER C 313 22.36 -16.39 -9.85
CA SER C 313 23.11 -15.26 -10.36
C SER C 313 23.47 -15.33 -11.85
N LYS C 314 23.54 -16.54 -12.43
CA LYS C 314 23.71 -16.72 -13.88
C LYS C 314 22.39 -16.98 -14.55
N GLN C 315 21.29 -16.55 -13.94
CA GLN C 315 19.93 -16.71 -14.48
C GLN C 315 19.59 -18.15 -14.82
N ILE C 316 20.05 -19.07 -13.98
CA ILE C 316 19.65 -20.46 -14.08
C ILE C 316 18.58 -20.71 -13.01
N ASP C 317 17.44 -21.23 -13.45
CA ASP C 317 16.30 -21.50 -12.59
C ASP C 317 16.44 -22.81 -11.78
N LEU C 318 15.93 -22.79 -10.54
CA LEU C 318 15.96 -23.90 -9.61
C LEU C 318 14.54 -24.23 -9.13
N VAL C 319 14.20 -25.51 -9.05
CA VAL C 319 12.88 -25.95 -8.57
C VAL C 319 12.77 -25.58 -7.08
N THR C 320 11.66 -24.94 -6.70
CA THR C 320 11.48 -24.26 -5.41
C THR C 320 12.37 -23.03 -5.27
N ASN C 321 13.05 -22.59 -6.34
CA ASN C 321 13.95 -21.40 -6.31
C ASN C 321 15.01 -21.37 -5.21
N GLY C 322 15.48 -22.53 -4.78
CA GLY C 322 16.48 -22.65 -3.71
C GLY C 322 16.47 -24.03 -3.07
N THR C 323 17.24 -24.14 -1.99
CA THR C 323 17.46 -25.37 -1.27
C THR C 323 17.60 -25.18 0.26
N ASP C 324 17.08 -26.14 1.05
CA ASP C 324 17.32 -26.17 2.50
C ASP C 324 18.31 -27.22 2.90
N ASN C 325 18.69 -28.07 1.95
CA ASN C 325 19.52 -29.21 2.30
C ASN C 325 20.75 -29.24 1.36
N HIS C 326 21.21 -30.44 1.04
CA HIS C 326 22.36 -30.70 0.23
C HIS C 326 22.12 -30.76 -1.30
N LEU C 327 20.90 -30.50 -1.78
CA LEU C 327 20.60 -30.77 -3.17
C LEU C 327 19.75 -29.71 -3.88
N ILE C 328 19.97 -29.61 -5.18
CA ILE C 328 19.32 -28.63 -6.04
C ILE C 328 18.72 -29.37 -7.23
N VAL C 329 17.67 -28.84 -7.81
CA VAL C 329 17.19 -29.37 -9.08
C VAL C 329 17.08 -28.17 -10.01
N VAL C 330 17.79 -28.24 -11.14
CA VAL C 330 17.81 -27.19 -12.14
C VAL C 330 16.71 -27.43 -13.16
N ASP C 331 15.81 -26.46 -13.30
CA ASP C 331 14.79 -26.45 -14.37
C ASP C 331 15.48 -25.86 -15.58
N LEU C 332 15.62 -26.66 -16.64
CA LEU C 332 16.32 -26.26 -17.88
C LEU C 332 15.39 -25.83 -19.03
N ARG C 333 14.09 -25.67 -18.75
CA ARG C 333 13.12 -25.34 -19.80
C ARG C 333 13.45 -24.10 -20.64
N LYS C 334 14.04 -23.07 -20.02
CA LYS C 334 14.33 -21.82 -20.73
C LYS C 334 15.41 -21.94 -21.80
N PHE C 335 16.21 -23.01 -21.74
CA PHE C 335 17.26 -23.28 -22.70
C PHE C 335 16.86 -24.33 -23.76
N SER C 336 15.60 -24.78 -23.72
CA SER C 336 15.10 -25.82 -24.63
C SER C 336 16.04 -27.03 -24.82
N ILE C 337 16.68 -27.43 -23.73
CA ILE C 337 17.45 -28.69 -23.67
C ILE C 337 16.84 -29.58 -22.61
N THR C 338 16.85 -30.89 -22.85
CA THR C 338 16.39 -31.85 -21.83
C THR C 338 17.52 -32.12 -20.81
N GLY C 339 17.15 -32.67 -19.66
CA GLY C 339 18.12 -33.12 -18.65
C GLY C 339 19.05 -34.20 -19.16
N SER C 340 18.52 -35.11 -19.99
CA SER C 340 19.35 -36.16 -20.60
C SER C 340 20.48 -35.58 -21.43
N LYS C 341 20.16 -34.60 -22.26
CA LYS C 341 21.18 -33.93 -23.06
C LYS C 341 22.31 -33.34 -22.20
N LEU C 342 21.95 -32.61 -21.14
CA LEU C 342 22.97 -32.02 -20.23
C LEU C 342 23.81 -33.08 -19.50
N GLN C 343 23.19 -34.18 -19.07
CA GLN C 343 23.94 -35.29 -18.47
C GLN C 343 25.03 -35.80 -19.40
N GLU C 344 24.65 -36.16 -20.65
CA GLU C 344 25.63 -36.58 -21.67
C GLU C 344 26.78 -35.57 -21.72
N THR C 345 26.42 -34.30 -21.93
CA THR C 345 27.40 -33.20 -22.00
C THR C 345 28.27 -33.09 -20.75
N CYS C 346 27.66 -33.30 -19.59
CA CYS C 346 28.38 -33.25 -18.32
C CYS C 346 29.31 -34.47 -18.18
N ASN C 347 28.90 -35.64 -18.61
CA ASN C 347 29.85 -36.77 -18.63
C ASN C 347 31.05 -36.49 -19.56
N ALA C 348 30.84 -35.86 -20.72
CA ALA C 348 31.96 -35.59 -21.64
C ALA C 348 33.05 -34.67 -21.01
N ILE C 349 32.67 -33.91 -19.96
CA ILE C 349 33.61 -33.03 -19.26
C ILE C 349 33.93 -33.45 -17.81
N ASN C 350 33.66 -34.73 -17.48
CA ASN C 350 33.83 -35.31 -16.14
C ASN C 350 32.99 -34.65 -15.00
N VAL C 351 31.73 -34.37 -15.32
CA VAL C 351 30.81 -33.83 -14.34
C VAL C 351 29.73 -34.87 -14.20
N SER C 352 29.61 -35.40 -12.99
CA SER C 352 28.61 -36.41 -12.70
C SER C 352 27.45 -35.67 -12.09
N LEU C 353 26.34 -35.71 -12.80
CA LEU C 353 25.06 -35.29 -12.30
C LEU C 353 24.03 -36.14 -13.05
N ASN C 354 22.78 -36.13 -12.57
CA ASN C 354 21.78 -36.97 -13.22
C ASN C 354 20.58 -36.16 -13.63
N LYS C 355 19.87 -36.67 -14.63
CA LYS C 355 18.65 -36.07 -15.10
C LYS C 355 17.54 -36.29 -14.04
N ASN C 356 16.66 -35.31 -13.93
CA ASN C 356 15.63 -35.30 -12.93
C ASN C 356 14.40 -34.52 -13.40
N THR C 357 13.24 -35.15 -13.23
CA THR C 357 11.94 -34.55 -13.49
C THR C 357 11.63 -33.25 -12.73
N ILE C 358 10.69 -32.48 -13.27
CA ILE C 358 10.23 -31.24 -12.66
C ILE C 358 8.71 -31.24 -12.70
N PRO C 359 8.05 -30.46 -11.81
CA PRO C 359 6.59 -30.55 -11.67
C PRO C 359 5.79 -30.41 -12.97
N SER C 360 6.33 -29.64 -13.93
CA SER C 360 5.67 -29.44 -15.23
C SER C 360 5.68 -30.71 -16.09
N ASP C 361 6.70 -31.56 -15.93
CA ASP C 361 6.84 -32.78 -16.74
C ASP C 361 5.73 -33.79 -16.45
N VAL C 362 5.10 -34.27 -17.51
CA VAL C 362 3.98 -35.21 -17.43
C VAL C 362 4.51 -36.66 -17.36
N ASP C 363 5.49 -36.98 -18.21
CA ASP C 363 6.10 -38.33 -18.29
C ASP C 363 7.54 -38.36 -17.76
N CYS C 364 7.96 -39.54 -17.30
CA CYS C 364 9.33 -39.78 -16.86
C CYS C 364 10.36 -39.86 -17.99
N VAL C 365 9.92 -39.99 -19.24
CA VAL C 365 10.80 -39.88 -20.40
C VAL C 365 10.94 -38.40 -20.76
N SER C 366 12.16 -38.00 -21.12
CA SER C 366 12.53 -36.59 -21.34
C SER C 366 12.30 -35.69 -20.09
N PRO C 367 13.01 -35.98 -18.97
CA PRO C 367 12.92 -35.08 -17.81
C PRO C 367 13.62 -33.74 -18.05
N SER C 368 13.00 -32.67 -17.58
CA SER C 368 13.39 -31.31 -17.94
C SER C 368 14.38 -30.63 -16.97
N GLY C 369 14.94 -31.40 -16.03
CA GLY C 369 15.97 -30.87 -15.14
C GLY C 369 17.17 -31.75 -14.90
N VAL C 370 18.03 -31.31 -14.00
CA VAL C 370 19.08 -32.14 -13.45
C VAL C 370 19.17 -31.98 -11.93
N ARG C 371 19.77 -32.96 -11.27
CA ARG C 371 19.95 -32.94 -9.85
C ARG C 371 21.43 -32.91 -9.52
N ILE C 372 21.82 -32.03 -8.62
CA ILE C 372 23.20 -31.90 -8.21
C ILE C 372 23.19 -31.91 -6.69
N GLY C 373 24.26 -32.40 -6.10
CA GLY C 373 24.43 -32.32 -4.66
C GLY C 373 25.88 -32.12 -4.32
N THR C 374 26.11 -31.64 -3.10
CA THR C 374 27.43 -31.24 -2.60
C THR C 374 28.22 -32.20 -1.70
N PRO C 375 27.60 -33.30 -1.20
CA PRO C 375 28.31 -34.08 -0.20
C PRO C 375 29.63 -34.65 -0.66
N ALA C 376 29.67 -35.25 -1.85
CA ALA C 376 30.92 -35.75 -2.42
C ALA C 376 32.02 -34.69 -2.42
N MET C 377 31.77 -33.57 -3.09
CA MET C 377 32.80 -32.54 -3.27
C MET C 377 33.15 -31.84 -1.97
N THR C 378 32.16 -31.74 -1.09
CA THR C 378 32.44 -31.25 0.25
C THR C 378 33.37 -32.22 0.98
N THR C 379 33.17 -33.51 0.74
CA THR C 379 34.06 -34.49 1.31
C THR C 379 35.48 -34.30 0.75
N ARG C 380 35.58 -34.01 -0.54
CA ARG C 380 36.87 -33.74 -1.18
C ARG C 380 37.50 -32.37 -0.86
N GLY C 381 36.90 -31.59 0.04
CA GLY C 381 37.54 -30.38 0.60
C GLY C 381 37.19 -29.04 -0.07
N ALA C 382 36.20 -29.05 -0.96
CA ALA C 382 35.72 -27.83 -1.58
C ALA C 382 34.92 -27.01 -0.56
N LYS C 383 35.06 -25.70 -0.68
CA LYS C 383 34.46 -24.74 0.23
C LYS C 383 33.50 -23.86 -0.58
N GLU C 384 32.95 -22.83 0.07
CA GLU C 384 31.94 -21.98 -0.58
C GLU C 384 32.43 -21.25 -1.84
N LYS C 385 33.66 -20.73 -1.78
CA LYS C 385 34.32 -20.09 -2.96
C LYS C 385 34.37 -20.96 -4.22
N ASP C 386 34.56 -22.26 -4.06
CA ASP C 386 34.67 -23.18 -5.20
C ASP C 386 33.37 -23.46 -5.95
N MET C 387 32.22 -23.02 -5.41
CA MET C 387 30.93 -23.30 -6.00
C MET C 387 30.66 -22.43 -7.22
N GLU C 388 31.19 -21.20 -7.23
CA GLU C 388 31.08 -20.33 -8.42
C GLU C 388 31.72 -21.01 -9.63
N PHE C 389 32.87 -21.66 -9.40
CA PHE C 389 33.52 -22.46 -10.43
C PHE C 389 32.64 -23.61 -10.94
N ILE C 390 31.97 -24.32 -10.04
CA ILE C 390 31.06 -25.43 -10.42
C ILE C 390 29.82 -24.89 -11.12
N ALA C 391 29.28 -23.81 -10.56
CA ALA C 391 28.32 -22.99 -11.26
C ALA C 391 28.78 -22.58 -12.69
N ASP C 392 29.97 -22.02 -12.77
CA ASP C 392 30.50 -21.55 -14.04
C ASP C 392 30.64 -22.72 -15.03
N VAL C 393 31.21 -23.84 -14.56
CA VAL C 393 31.30 -25.08 -15.35
C VAL C 393 29.93 -25.59 -15.84
N LEU C 394 28.94 -25.65 -14.95
CA LEU C 394 27.57 -26.09 -15.36
C LEU C 394 26.93 -25.17 -16.40
N ALA C 395 27.13 -23.86 -16.23
CA ALA C 395 26.66 -22.85 -17.20
C ALA C 395 27.26 -23.06 -18.61
N ARG C 396 28.58 -23.23 -18.64
CA ARG C 396 29.30 -23.44 -19.89
C ARG C 396 28.73 -24.69 -20.59
N ALA C 397 28.56 -25.76 -19.81
CA ALA C 397 27.94 -26.99 -20.29
C ALA C 397 26.54 -26.78 -20.86
N ILE C 398 25.78 -25.87 -20.27
CA ILE C 398 24.42 -25.60 -20.73
C ILE C 398 24.52 -24.86 -22.06
N LYS C 399 25.38 -23.84 -22.08
CA LYS C 399 25.66 -23.13 -23.35
C LYS C 399 26.13 -24.10 -24.47
N ILE C 400 27.15 -24.91 -24.17
CA ILE C 400 27.68 -25.90 -25.13
C ILE C 400 26.58 -26.86 -25.57
N THR C 401 25.70 -27.26 -24.65
CA THR C 401 24.57 -28.13 -24.99
C THR C 401 23.68 -27.46 -26.03
N VAL C 402 23.43 -26.15 -25.87
CA VAL C 402 22.48 -25.43 -26.74
C VAL C 402 23.07 -25.35 -28.16
N ASP C 403 24.38 -25.00 -28.21
CA ASP C 403 25.22 -24.96 -29.44
C ASP C 403 25.11 -26.21 -30.31
N LEU C 404 25.27 -27.38 -29.69
CA LEU C 404 25.31 -28.68 -30.35
C LEU C 404 23.91 -29.12 -30.77
N GLN C 405 22.93 -28.82 -29.93
CA GLN C 405 21.53 -29.03 -30.29
C GLN C 405 21.07 -28.21 -31.52
N GLU C 406 21.55 -26.97 -31.63
CA GLU C 406 21.30 -26.12 -32.82
C GLU C 406 21.99 -26.66 -34.09
N GLN C 407 23.22 -27.15 -33.91
CA GLN C 407 24.06 -27.68 -35.01
C GLN C 407 23.63 -29.06 -35.49
N TYR C 408 23.52 -30.01 -34.56
CA TYR C 408 23.25 -31.42 -34.89
C TYR C 408 21.79 -31.85 -34.76
N GLY C 409 20.95 -31.06 -34.07
CA GLY C 409 19.52 -31.38 -33.88
C GLY C 409 19.18 -31.95 -32.51
N LYS C 410 17.89 -31.96 -32.19
CA LYS C 410 17.39 -32.31 -30.85
C LYS C 410 17.25 -33.81 -30.52
N LYS C 411 17.34 -34.69 -31.51
CA LYS C 411 17.19 -36.13 -31.27
C LYS C 411 18.50 -36.63 -30.66
N LEU C 412 18.38 -37.47 -29.63
CA LEU C 412 19.55 -37.84 -28.79
C LEU C 412 20.65 -38.49 -29.62
N VAL C 413 20.25 -39.39 -30.52
CA VAL C 413 21.17 -40.12 -31.43
C VAL C 413 22.09 -39.14 -32.17
N ASP C 414 21.45 -38.15 -32.80
CA ASP C 414 22.14 -37.08 -33.53
C ASP C 414 23.01 -36.24 -32.59
N PHE C 415 22.39 -35.78 -31.49
CA PHE C 415 23.01 -34.87 -30.50
C PHE C 415 24.33 -35.41 -29.99
N LYS C 416 24.34 -36.69 -29.61
CA LYS C 416 25.56 -37.35 -29.16
C LYS C 416 26.70 -37.25 -30.18
N LYS C 417 26.39 -37.38 -31.48
CA LYS C 417 27.42 -37.38 -32.52
C LYS C 417 28.29 -36.13 -32.51
N GLY C 418 27.73 -35.02 -32.02
CA GLY C 418 28.50 -33.77 -31.86
C GLY C 418 29.51 -33.78 -30.72
N LEU C 419 29.27 -34.60 -29.69
CA LEU C 419 30.07 -34.59 -28.45
C LEU C 419 31.54 -35.01 -28.63
N PRO C 420 31.79 -36.09 -29.38
CA PRO C 420 33.18 -36.50 -29.59
C PRO C 420 34.03 -35.45 -30.34
N GLY C 421 35.17 -35.09 -29.75
CA GLY C 421 36.15 -34.20 -30.38
C GLY C 421 36.01 -32.71 -30.13
N ASN C 422 34.87 -32.27 -29.56
CA ASN C 422 34.53 -30.85 -29.42
C ASN C 422 35.61 -30.10 -28.65
N ALA C 423 36.23 -29.13 -29.33
CA ALA C 423 37.32 -28.32 -28.77
C ALA C 423 36.96 -27.69 -27.41
N GLN C 424 35.70 -27.30 -27.24
CA GLN C 424 35.26 -26.60 -26.03
C GLN C 424 35.10 -27.58 -24.89
N LEU C 425 34.54 -28.75 -25.20
CA LEU C 425 34.42 -29.81 -24.22
C LEU C 425 35.80 -30.29 -23.82
N GLN C 426 36.70 -30.47 -24.79
CA GLN C 426 38.09 -30.86 -24.45
C GLN C 426 38.72 -29.82 -23.52
N GLN C 427 38.58 -28.55 -23.90
CA GLN C 427 39.04 -27.41 -23.07
C GLN C 427 38.43 -27.54 -21.68
N LEU C 428 37.13 -27.78 -21.63
CA LEU C 428 36.41 -27.76 -20.37
C LEU C 428 36.71 -28.99 -19.51
N LYS C 429 36.74 -30.17 -20.13
CA LYS C 429 37.30 -31.39 -19.51
C LYS C 429 38.71 -31.17 -18.90
N GLN C 430 39.58 -30.44 -19.62
CA GLN C 430 40.94 -30.15 -19.15
C GLN C 430 40.89 -29.51 -17.76
N GLU C 431 40.11 -28.44 -17.65
CA GLU C 431 39.99 -27.63 -16.42
C GLU C 431 39.34 -28.43 -15.29
N VAL C 432 38.27 -29.13 -15.63
CA VAL C 432 37.59 -30.00 -14.68
C VAL C 432 38.62 -30.97 -14.10
N VAL C 433 39.35 -31.65 -14.98
CA VAL C 433 40.33 -32.67 -14.59
C VAL C 433 41.45 -32.08 -13.73
N THR C 434 41.89 -30.85 -14.05
CA THR C 434 43.02 -30.22 -13.35
C THR C 434 42.60 -29.79 -11.97
N TRP C 435 41.40 -29.22 -11.85
CA TRP C 435 40.90 -28.83 -10.52
C TRP C 435 40.62 -30.05 -9.64
N ALA C 436 39.80 -30.98 -10.14
CA ALA C 436 39.36 -32.20 -9.38
C ALA C 436 40.52 -33.08 -8.92
N GLY C 437 41.43 -33.39 -9.86
CA GLY C 437 42.65 -34.17 -9.60
C GLY C 437 43.46 -33.72 -8.39
N ALA C 438 43.46 -32.41 -8.14
CA ALA C 438 44.15 -31.78 -7.01
C ALA C 438 43.56 -32.07 -5.64
N LEU C 439 42.23 -32.14 -5.59
CA LEU C 439 41.49 -32.11 -4.33
C LEU C 439 41.80 -33.30 -3.44
N PRO C 440 41.84 -33.10 -2.10
CA PRO C 440 42.00 -34.25 -1.21
C PRO C 440 40.99 -35.35 -1.56
N PHE C 441 41.46 -36.59 -1.41
CA PHE C 441 40.77 -37.78 -1.90
C PHE C 441 41.11 -38.91 -0.94
N PRO C 442 40.11 -39.41 -0.19
CA PRO C 442 40.35 -40.69 0.48
C PRO C 442 40.35 -41.83 -0.56
#